data_5M8O
#
_entry.id   5M8O
#
_cell.length_a   89.688
_cell.length_b   140.202
_cell.length_c   191.058
_cell.angle_alpha   90.000
_cell.angle_beta   90.000
_cell.angle_gamma   90.000
#
_symmetry.space_group_name_H-M   'P 21 21 21'
#
loop_
_entity.id
_entity.type
_entity.pdbx_description
1 polymer '5,6-dihydroxyindole-2-carboxylic acid oxidase'
2 branched 2-acetamido-2-deoxy-beta-D-glucopyranose-(1-4)-[alpha-L-fucopyranose-(1-6)]2-acetamido-2-deoxy-beta-D-glucopyranose
3 branched alpha-L-fucopyranose-(1-6)-2-acetamido-2-deoxy-beta-D-glucopyranose
4 branched 2-acetamido-2-deoxy-beta-D-glucopyranose-(1-4)-2-acetamido-2-deoxy-beta-D-glucopyranose
5 branched alpha-D-mannopyranose-(1-3)-[alpha-D-mannopyranose-(1-6)]alpha-D-mannopyranose-(1-4)-2-acetamido-2-deoxy-beta-D-glucopyranose-(1-4)-[alpha-L-fucopyranose-(1-6)]2-acetamido-2-deoxy-beta-D-glucopyranose
6 branched alpha-D-mannopyranose-(1-3)-2-acetamido-2-deoxy-beta-D-glucopyranose-(1-3)-2-acetamido-2-deoxy-beta-D-glucopyranose
7 branched alpha-D-mannopyranose-(1-3)-alpha-D-mannopyranose-(1-4)-2-acetamido-2-deoxy-beta-D-glucopyranose-(1-4)-[alpha-L-fucopyranose-(1-6)]2-acetamido-2-deoxy-beta-D-glucopyranose
8 branched alpha-D-mannopyranose-(1-3)-[alpha-D-mannopyranose-(1-6)]alpha-D-mannopyranose-(1-4)-2-acetamido-2-deoxy-beta-D-glucopyranose-(1-4)-2-acetamido-2-deoxy-beta-D-glucopyranose
9 non-polymer 2-HYDROXYCYCLOHEPTA-2,4,6-TRIEN-1-ONE
10 non-polymer 'ZINC ION'
11 water water
#
_entity_poly.entity_id   1
_entity_poly.type   'polypeptide(L)'
_entity_poly.pdbx_seq_one_letter_code
;QFPRQCATVEALRSGMCCPDLSPVSGPGTDRCGSSSGRGRCEAVTADSRPHSPQYPHDGRDDREVWPLRFFNRTCHCNGN
FSGHNCGTCRPGWRGAACDQRVLIVRRNLLDLSKEEKNHFVRALDMAKRTTHPLFVIATRRSEEILGPDGNTPQFENISI
YNYFVWTHYYSVKKTFLGVGQESFGEVDFSHEGPAFLTWHRYHLLRLEKDMQEMLQEPSFSLPYWNFATGKNVCDICTDD
LMGSRSNFDSTLISPNSVFSQWRVVCDSLEDYDTLGTLCNSTEDGPIRRNPAGNVARPMVQRLPEPQDVAQCLEVGLFDT
PPFYSNSTNSFRNTVEGYSDPTGKYDPAVRSLHNLAHLFLNGTGGQTHLSPNDPIFVLLHTFTDAVFDEWLRRYNADIST
FPLENAPIGHNRQYNMVPFWPPVTNTEMFVTAPDNLGYTYEIQWPS
;
_entity_poly.pdbx_strand_id   A,B,C,D
#
loop_
_chem_comp.id
_chem_comp.type
_chem_comp.name
_chem_comp.formula
0TR non-polymer 2-HYDROXYCYCLOHEPTA-2,4,6-TRIEN-1-ONE 'C7 H6 O2'
FUC L-saccharide, alpha linking alpha-L-fucopyranose 'C6 H12 O5'
MAN D-saccharide, alpha linking alpha-D-mannopyranose 'C6 H12 O6'
NAG D-saccharide, beta linking 2-acetamido-2-deoxy-beta-D-glucopyranose 'C8 H15 N O6'
ZN non-polymer 'ZINC ION' 'Zn 2'
#
# COMPACT_ATOMS: atom_id res chain seq x y z
N GLN A 1 -6.42 7.22 29.68
CA GLN A 1 -5.16 7.84 30.04
C GLN A 1 -4.17 6.85 30.58
N PHE A 2 -3.18 7.30 31.32
CA PHE A 2 -1.98 6.48 31.37
C PHE A 2 -1.71 5.92 32.74
N PRO A 3 -1.01 4.79 32.83
CA PRO A 3 -0.55 4.31 34.13
C PRO A 3 0.29 5.37 34.80
N ARG A 4 0.16 5.49 36.12
CA ARG A 4 0.92 6.53 36.83
C ARG A 4 2.42 6.35 36.67
N GLN A 5 2.91 5.11 36.49
CA GLN A 5 4.33 4.90 36.21
C GLN A 5 4.76 5.52 34.90
N CYS A 6 3.84 5.80 34.00
CA CYS A 6 4.22 6.39 32.74
C CYS A 6 3.97 7.89 32.65
N ALA A 7 3.31 8.48 33.64
CA ALA A 7 3.01 9.92 33.62
C ALA A 7 4.15 10.70 34.26
N THR A 8 5.34 10.49 33.73
CA THR A 8 6.55 11.04 34.29
C THR A 8 7.28 11.80 33.20
N VAL A 9 8.27 12.57 33.61
CA VAL A 9 9.14 13.21 32.62
C VAL A 9 9.91 12.14 31.84
N GLU A 10 10.46 11.16 32.54
CA GLU A 10 11.32 10.18 31.90
C GLU A 10 10.55 9.34 30.89
N ALA A 11 9.38 8.84 31.28
CA ALA A 11 8.67 7.93 30.38
C ALA A 11 8.17 8.67 29.15
N LEU A 12 7.67 9.89 29.32
CA LEU A 12 7.18 10.64 28.18
C LEU A 12 8.33 11.11 27.30
N ARG A 13 9.50 11.33 27.88
CA ARG A 13 10.66 11.64 27.03
C ARG A 13 11.09 10.43 26.23
N SER A 14 11.15 9.26 26.84
CA SER A 14 11.61 8.08 26.13
C SER A 14 10.58 7.59 25.14
N GLY A 15 9.32 7.95 25.31
CA GLY A 15 8.27 7.40 24.49
C GLY A 15 7.92 5.98 24.81
N MET A 16 8.35 5.49 25.97
CA MET A 16 8.15 4.11 26.36
C MET A 16 7.24 4.07 27.58
N CYS A 17 6.14 3.32 27.49
CA CYS A 17 5.29 3.04 28.64
C CYS A 17 5.27 1.53 28.78
N CYS A 18 6.22 1.01 29.53
CA CYS A 18 6.47 -0.43 29.67
C CYS A 18 6.89 -0.68 31.09
N PRO A 19 5.97 -0.52 32.04
CA PRO A 19 6.36 -0.55 33.45
C PRO A 19 6.80 -1.92 33.92
N ASP A 20 7.55 -1.91 35.02
CA ASP A 20 7.94 -3.15 35.67
C ASP A 20 6.71 -3.81 36.28
N LEU A 21 6.78 -5.13 36.43
CA LEU A 21 5.78 -5.89 37.17
C LEU A 21 6.28 -6.27 38.56
N SER A 22 7.36 -7.05 38.66
CA SER A 22 8.02 -7.39 39.92
C SER A 22 9.51 -7.08 39.80
N PRO A 23 9.90 -5.84 40.10
CA PRO A 23 11.30 -5.44 39.89
C PRO A 23 12.29 -6.00 40.87
N VAL A 24 12.50 -7.33 40.88
CA VAL A 24 13.33 -7.89 41.93
C VAL A 24 14.84 -7.71 41.67
N SER A 25 15.27 -7.37 40.47
CA SER A 25 16.68 -7.06 40.28
C SER A 25 16.94 -5.56 40.09
N GLY A 26 15.96 -4.71 40.37
CA GLY A 26 16.12 -3.29 40.19
C GLY A 26 15.16 -2.74 39.15
N PRO A 27 15.00 -1.43 39.09
CA PRO A 27 14.10 -0.83 38.10
C PRO A 27 14.48 -1.25 36.68
N GLY A 28 13.46 -1.48 35.87
CA GLY A 28 13.64 -1.84 34.48
C GLY A 28 13.96 -3.29 34.23
N THR A 29 14.04 -4.13 35.26
CA THR A 29 14.44 -5.51 35.11
C THR A 29 13.28 -6.45 34.81
N ASP A 30 12.06 -5.98 34.90
CA ASP A 30 10.90 -6.81 34.64
C ASP A 30 9.84 -6.04 33.86
N ARG A 31 10.26 -5.28 32.86
CA ARG A 31 9.31 -4.53 32.05
C ARG A 31 8.31 -5.48 31.41
N CYS A 32 7.02 -5.16 31.57
CA CYS A 32 5.94 -5.96 31.01
C CYS A 32 5.97 -7.40 31.50
N GLY A 33 6.67 -7.65 32.60
CA GLY A 33 6.75 -9.00 33.11
C GLY A 33 7.56 -9.95 32.26
N SER A 34 8.65 -9.47 31.67
CA SER A 34 9.49 -10.33 30.85
C SER A 34 10.32 -11.30 31.68
N SER A 35 10.49 -11.06 32.98
CA SER A 35 11.23 -12.02 33.80
C SER A 35 10.54 -13.37 33.77
N SER A 36 9.24 -13.38 34.04
CA SER A 36 8.39 -14.52 33.72
C SER A 36 8.00 -14.40 32.26
N GLY A 37 7.09 -15.22 31.79
CA GLY A 37 6.78 -15.13 30.38
C GLY A 37 5.58 -14.27 30.07
N ARG A 38 5.33 -13.24 30.86
CA ARG A 38 4.01 -12.62 30.78
C ARG A 38 3.91 -11.64 29.63
N GLY A 39 5.01 -11.05 29.20
CA GLY A 39 4.95 -10.14 28.08
C GLY A 39 6.28 -9.47 27.83
N ARG A 40 6.25 -8.48 26.95
CA ARG A 40 7.48 -7.87 26.50
C ARG A 40 7.20 -6.46 26.00
N CYS A 41 8.10 -5.53 26.29
CA CYS A 41 7.97 -4.20 25.73
C CYS A 41 8.15 -4.25 24.23
N GLU A 42 7.28 -3.55 23.51
CA GLU A 42 7.15 -3.79 22.09
C GLU A 42 6.67 -2.53 21.41
N ALA A 43 6.91 -2.42 20.11
CA ALA A 43 6.51 -1.24 19.39
C ALA A 43 4.99 -1.21 19.23
N VAL A 44 4.44 -0.01 19.25
CA VAL A 44 3.01 0.18 19.11
C VAL A 44 2.60 0.02 17.67
N THR A 45 1.48 -0.63 17.45
CA THR A 45 0.75 -0.55 16.20
C THR A 45 -0.39 0.43 16.35
N ALA A 46 -0.46 1.41 15.48
CA ALA A 46 -1.58 2.32 15.45
C ALA A 46 -2.11 2.35 14.03
N ASP A 47 -3.39 2.64 13.89
CA ASP A 47 -3.98 2.65 12.56
C ASP A 47 -3.35 3.75 11.74
N SER A 48 -2.88 3.40 10.55
CA SER A 48 -2.31 4.35 9.61
C SER A 48 -3.16 4.54 8.36
N ARG A 49 -4.34 3.95 8.30
CA ARG A 49 -5.14 4.09 7.10
C ARG A 49 -5.93 5.40 7.12
N PRO A 50 -6.31 5.92 5.97
CA PRO A 50 -6.94 7.24 5.90
C PRO A 50 -8.33 7.28 6.53
N HIS A 51 -8.74 8.48 6.87
CA HIS A 51 -10.05 8.72 7.44
C HIS A 51 -10.89 9.58 6.50
N SER A 52 -12.15 9.76 6.89
CA SER A 52 -13.08 10.51 6.07
C SER A 52 -12.61 11.96 5.99
N PRO A 53 -12.97 12.67 4.93
CA PRO A 53 -12.48 14.04 4.76
C PRO A 53 -13.03 15.04 5.75
N GLN A 54 -13.90 14.62 6.67
CA GLN A 54 -14.54 15.58 7.57
C GLN A 54 -13.55 16.19 8.54
N TYR A 55 -12.56 15.45 8.99
CA TYR A 55 -11.56 15.98 9.90
C TYR A 55 -10.39 16.52 9.09
N PRO A 56 -10.19 17.83 9.00
CA PRO A 56 -9.12 18.38 8.15
C PRO A 56 -7.84 18.76 8.87
N HIS A 57 -7.68 18.47 10.15
CA HIS A 57 -6.59 19.00 10.94
C HIS A 57 -5.56 17.95 11.33
N ASP A 58 -5.27 17.00 10.45
CA ASP A 58 -4.20 16.04 10.70
C ASP A 58 -2.95 16.77 11.14
N GLY A 59 -2.36 16.30 12.22
CA GLY A 59 -1.20 16.94 12.79
C GLY A 59 -1.48 17.85 13.95
N ARG A 60 -2.76 18.07 14.31
CA ARG A 60 -3.09 19.06 15.32
C ARG A 60 -3.62 18.48 16.62
N ASP A 61 -4.01 17.20 16.66
CA ASP A 61 -4.80 16.69 17.78
C ASP A 61 -4.14 15.43 18.33
N ASP A 62 -3.91 15.41 19.64
CA ASP A 62 -3.25 14.27 20.28
C ASP A 62 -4.01 12.96 20.17
N ARG A 63 -5.27 12.99 19.75
CA ARG A 63 -6.01 11.74 19.62
C ARG A 63 -5.74 11.03 18.31
N GLU A 64 -5.05 11.68 17.38
CA GLU A 64 -4.71 11.04 16.12
C GLU A 64 -3.73 9.90 16.34
N VAL A 65 -3.89 8.84 15.56
CA VAL A 65 -3.03 7.67 15.55
C VAL A 65 -2.65 7.29 16.97
N TRP A 66 -3.65 7.23 17.85
CA TRP A 66 -3.47 6.89 19.26
C TRP A 66 -2.78 5.55 19.42
N PRO A 67 -1.80 5.45 20.33
CA PRO A 67 -1.32 6.48 21.25
C PRO A 67 -0.04 7.19 20.83
N LEU A 68 0.24 7.25 19.54
CA LEU A 68 1.60 7.59 19.11
C LEU A 68 2.06 8.97 19.56
N ARG A 69 1.17 9.92 19.82
CA ARG A 69 1.67 11.22 20.24
C ARG A 69 2.20 11.25 21.66
N PHE A 70 2.08 10.17 22.40
CA PHE A 70 2.64 10.10 23.73
C PHE A 70 3.64 8.97 23.87
N PHE A 71 3.34 7.80 23.34
CA PHE A 71 4.20 6.64 23.47
C PHE A 71 4.19 5.87 22.17
N ASN A 72 5.35 5.33 21.80
CA ASN A 72 5.45 4.47 20.64
C ASN A 72 5.87 3.06 21.02
N ARG A 73 5.97 2.77 22.30
CA ARG A 73 6.27 1.42 22.75
C ARG A 73 5.42 1.12 23.97
N THR A 74 4.80 -0.06 24.00
CA THR A 74 3.92 -0.46 25.08
C THR A 74 4.13 -1.93 25.40
N CYS A 75 3.48 -2.36 26.46
CA CYS A 75 3.54 -3.77 26.81
C CYS A 75 2.62 -4.55 25.90
N HIS A 76 3.17 -5.60 25.30
CA HIS A 76 2.40 -6.59 24.58
C HIS A 76 2.51 -7.88 25.37
N CYS A 77 1.37 -8.46 25.73
CA CYS A 77 1.38 -9.58 26.65
C CYS A 77 1.24 -10.89 25.89
N ASN A 78 1.79 -11.95 26.46
CA ASN A 78 1.72 -13.26 25.86
C ASN A 78 0.47 -13.97 26.31
N GLY A 79 -0.10 -14.78 25.43
CA GLY A 79 -1.17 -15.67 25.82
C GLY A 79 -2.36 -14.93 26.37
N ASN A 80 -2.87 -15.40 27.51
CA ASN A 80 -4.00 -14.76 28.16
C ASN A 80 -3.57 -13.83 29.30
N PHE A 81 -2.32 -13.41 29.29
CA PHE A 81 -1.91 -12.32 30.16
C PHE A 81 -2.34 -10.99 29.55
N SER A 82 -2.46 -9.98 30.40
CA SER A 82 -2.98 -8.69 29.96
C SER A 82 -2.64 -7.60 30.96
N GLY A 83 -2.97 -6.36 30.60
CA GLY A 83 -2.77 -5.20 31.43
C GLY A 83 -1.58 -4.36 30.99
N HIS A 84 -1.54 -3.12 31.48
CA HIS A 84 -0.41 -2.23 31.21
C HIS A 84 0.92 -2.87 31.58
N ASN A 85 0.87 -3.82 32.50
CA ASN A 85 1.97 -4.55 33.12
C ASN A 85 2.16 -5.94 32.55
N CYS A 86 1.19 -6.41 31.78
CA CYS A 86 0.98 -7.83 31.58
C CYS A 86 0.82 -8.55 32.90
N GLY A 87 0.49 -7.80 33.94
CA GLY A 87 0.35 -8.33 35.27
C GLY A 87 -1.03 -8.84 35.61
N THR A 88 -2.01 -8.71 34.73
CA THR A 88 -3.33 -9.24 35.03
C THR A 88 -3.76 -10.13 33.86
N CYS A 89 -5.03 -10.50 33.77
CA CYS A 89 -5.50 -11.45 32.78
C CYS A 89 -6.50 -10.80 31.83
N ARG A 90 -6.56 -11.35 30.62
CA ARG A 90 -7.54 -10.95 29.63
C ARG A 90 -8.95 -11.26 30.12
N PRO A 91 -9.96 -10.60 29.56
CA PRO A 91 -11.33 -10.77 30.09
C PRO A 91 -11.80 -12.21 29.96
N GLY A 92 -12.37 -12.71 31.05
CA GLY A 92 -12.80 -14.09 31.13
C GLY A 92 -11.80 -15.05 31.73
N TRP A 93 -10.70 -14.55 32.26
CA TRP A 93 -9.64 -15.39 32.77
C TRP A 93 -9.14 -14.80 34.08
N ARG A 94 -8.89 -15.66 35.05
CA ARG A 94 -8.34 -15.24 36.32
C ARG A 94 -7.29 -16.24 36.75
N GLY A 95 -6.71 -16.00 37.92
CA GLY A 95 -5.66 -16.84 38.45
C GLY A 95 -4.27 -16.37 38.02
N ALA A 96 -3.28 -16.75 38.84
CA ALA A 96 -1.91 -16.33 38.58
C ALA A 96 -1.43 -16.73 37.19
N ALA A 97 -1.92 -17.86 36.66
CA ALA A 97 -1.56 -18.32 35.33
C ALA A 97 -2.58 -17.92 34.28
N CYS A 98 -3.58 -17.13 34.63
CA CYS A 98 -4.60 -16.71 33.69
C CYS A 98 -5.20 -17.90 32.96
N ASP A 99 -5.45 -18.98 33.70
CA ASP A 99 -6.01 -20.20 33.13
C ASP A 99 -7.32 -20.63 33.79
N GLN A 100 -7.93 -19.79 34.62
CA GLN A 100 -9.21 -20.14 35.22
C GLN A 100 -10.30 -19.29 34.58
N ARG A 101 -11.31 -19.95 34.02
CA ARG A 101 -12.41 -19.29 33.34
C ARG A 101 -13.39 -18.69 34.32
N VAL A 102 -13.79 -17.45 34.08
CA VAL A 102 -14.90 -16.85 34.79
C VAL A 102 -15.92 -16.39 33.77
N LEU A 103 -17.18 -16.50 34.14
CA LEU A 103 -18.27 -15.94 33.37
C LEU A 103 -19.19 -15.19 34.30
N ILE A 104 -19.29 -13.88 34.14
CA ILE A 104 -20.18 -13.11 35.01
C ILE A 104 -21.42 -12.72 34.22
N VAL A 105 -22.52 -12.53 34.93
CA VAL A 105 -23.84 -12.35 34.35
C VAL A 105 -24.30 -10.94 34.63
N ARG A 106 -24.57 -10.18 33.59
CA ARG A 106 -25.15 -8.86 33.71
C ARG A 106 -26.65 -9.00 33.63
N ARG A 107 -27.36 -8.54 34.67
CA ARG A 107 -28.79 -8.76 34.83
C ARG A 107 -29.57 -7.45 34.82
N ASN A 108 -30.88 -7.56 34.65
CA ASN A 108 -31.74 -6.39 34.70
C ASN A 108 -31.78 -5.84 36.13
N LEU A 109 -31.50 -4.53 36.27
CA LEU A 109 -31.42 -3.93 37.60
C LEU A 109 -32.69 -4.16 38.39
N LEU A 110 -33.84 -4.19 37.74
CA LEU A 110 -35.09 -4.36 38.44
C LEU A 110 -35.28 -5.78 38.95
N ASP A 111 -34.53 -6.75 38.43
CA ASP A 111 -34.60 -8.12 38.89
C ASP A 111 -33.68 -8.41 40.07
N LEU A 112 -32.87 -7.46 40.49
CA LEU A 112 -31.97 -7.72 41.60
C LEU A 112 -32.75 -7.68 42.91
N SER A 113 -32.20 -8.35 43.91
CA SER A 113 -32.84 -8.42 45.20
C SER A 113 -32.68 -7.07 45.92
N LYS A 114 -33.38 -6.92 47.03
CA LYS A 114 -33.24 -5.71 47.82
C LYS A 114 -31.79 -5.49 48.15
N GLU A 115 -31.09 -6.55 48.54
CA GLU A 115 -29.69 -6.43 48.95
C GLU A 115 -28.81 -6.16 47.74
N GLU A 116 -29.07 -6.85 46.63
CA GLU A 116 -28.28 -6.67 45.43
C GLU A 116 -28.42 -5.27 44.86
N LYS A 117 -29.64 -4.73 44.88
CA LYS A 117 -29.85 -3.34 44.52
C LYS A 117 -29.03 -2.41 45.41
N ASN A 118 -29.05 -2.64 46.72
CA ASN A 118 -28.32 -1.77 47.63
C ASN A 118 -26.81 -1.92 47.46
N HIS A 119 -26.35 -3.14 47.21
CA HIS A 119 -24.92 -3.38 46.98
C HIS A 119 -24.43 -2.61 45.76
N PHE A 120 -25.20 -2.64 44.68
CA PHE A 120 -24.82 -1.94 43.45
C PHE A 120 -24.71 -0.44 43.68
N VAL A 121 -25.73 0.16 44.31
CA VAL A 121 -25.74 1.61 44.52
C VAL A 121 -24.56 2.05 45.37
N ARG A 122 -24.27 1.31 46.43
CA ARG A 122 -23.15 1.73 47.25
C ARG A 122 -21.83 1.50 46.55
N ALA A 123 -21.76 0.50 45.66
CA ALA A 123 -20.52 0.26 44.92
C ALA A 123 -20.27 1.36 43.91
N LEU A 124 -21.30 1.81 43.20
CA LEU A 124 -21.13 2.98 42.35
C LEU A 124 -20.63 4.16 43.16
N ASP A 125 -21.20 4.35 44.34
CA ASP A 125 -20.83 5.48 45.17
C ASP A 125 -19.39 5.35 45.64
N MET A 126 -18.95 4.14 45.94
CA MET A 126 -17.57 3.93 46.34
C MET A 126 -16.62 4.25 45.20
N ALA A 127 -16.99 3.88 43.98
CA ALA A 127 -16.14 4.19 42.84
C ALA A 127 -16.03 5.68 42.59
N LYS A 128 -17.08 6.43 42.91
CA LYS A 128 -17.06 7.87 42.77
C LYS A 128 -16.11 8.54 43.75
N ARG A 129 -15.85 7.92 44.90
CA ARG A 129 -14.99 8.51 45.92
C ARG A 129 -13.59 7.91 45.96
N THR A 130 -13.38 6.74 45.38
CA THR A 130 -12.14 5.99 45.56
C THR A 130 -11.18 6.28 44.43
N THR A 131 -9.96 6.69 44.79
CA THR A 131 -8.94 6.98 43.80
C THR A 131 -8.62 5.77 42.94
N HIS A 132 -8.55 5.97 41.64
CA HIS A 132 -8.16 4.90 40.72
C HIS A 132 -6.73 4.48 41.03
N PRO A 133 -6.48 3.21 41.33
CA PRO A 133 -5.13 2.79 41.70
C PRO A 133 -4.10 2.91 40.58
N LEU A 134 -4.52 2.83 39.32
CA LEU A 134 -3.60 2.75 38.20
C LEU A 134 -3.50 4.01 37.38
N PHE A 135 -4.60 4.55 36.87
CA PHE A 135 -4.58 5.61 35.88
C PHE A 135 -4.63 7.00 36.50
N VAL A 136 -3.91 7.93 35.89
CA VAL A 136 -4.05 9.35 36.12
C VAL A 136 -4.50 9.98 34.81
N ILE A 137 -4.96 11.22 34.87
CA ILE A 137 -5.50 11.89 33.71
C ILE A 137 -4.71 13.17 33.46
N ALA A 138 -4.58 13.54 32.19
CA ALA A 138 -3.90 14.76 31.80
C ALA A 138 -4.80 15.97 31.95
N THR A 139 -4.24 17.06 32.44
CA THR A 139 -4.98 18.33 32.43
C THR A 139 -4.53 19.23 31.31
N ARG A 140 -3.49 18.83 30.56
CA ARG A 140 -2.96 19.62 29.47
C ARG A 140 -2.76 18.72 28.26
N ARG A 141 -2.74 19.34 27.10
CA ARG A 141 -2.43 18.63 25.87
C ARG A 141 -0.94 18.39 25.78
N SER A 142 -0.52 17.70 24.72
CA SER A 142 0.85 17.17 24.68
C SER A 142 1.91 18.26 24.73
N GLU A 143 1.65 19.41 24.11
CA GLU A 143 2.66 20.46 24.10
C GLU A 143 2.95 21.00 25.48
N GLU A 144 2.00 20.93 26.41
CA GLU A 144 2.22 21.42 27.75
C GLU A 144 2.23 20.32 28.80
N ILE A 145 2.30 19.05 28.40
CA ILE A 145 2.09 17.98 29.35
C ILE A 145 3.19 17.90 30.41
N LEU A 146 4.37 18.42 30.13
CA LEU A 146 5.42 18.42 31.13
C LEU A 146 5.44 19.70 31.94
N GLY A 147 4.44 20.55 31.78
CA GLY A 147 4.21 21.64 32.68
C GLY A 147 5.03 22.86 32.38
N PRO A 148 4.72 23.96 33.07
CA PRO A 148 5.44 25.21 32.84
C PRO A 148 6.95 25.11 32.93
N ASP A 149 7.49 24.55 34.01
CA ASP A 149 8.94 24.48 34.13
C ASP A 149 9.56 23.34 33.35
N GLY A 150 8.75 22.60 32.59
CA GLY A 150 9.22 21.49 31.79
C GLY A 150 9.55 20.23 32.54
N ASN A 151 9.31 20.21 33.85
CA ASN A 151 9.67 19.08 34.70
C ASN A 151 8.52 18.66 35.61
N THR A 152 7.29 19.06 35.28
CA THR A 152 6.13 18.86 36.14
C THR A 152 5.00 18.26 35.33
N PRO A 153 4.88 16.95 35.32
CA PRO A 153 3.82 16.30 34.54
C PRO A 153 2.43 16.81 34.93
N GLN A 154 1.66 17.21 33.93
CA GLN A 154 0.38 17.82 34.19
C GLN A 154 -0.72 16.77 34.27
N PHE A 155 -0.62 15.92 35.27
CA PHE A 155 -1.57 14.86 35.52
C PHE A 155 -2.19 15.00 36.91
N GLU A 156 -3.41 14.50 37.06
CA GLU A 156 -4.07 14.47 38.35
C GLU A 156 -4.57 13.07 38.66
N ASN A 157 -4.59 12.73 39.94
CA ASN A 157 -5.33 11.54 40.35
C ASN A 157 -6.81 11.75 40.13
N ILE A 158 -7.53 10.65 39.94
CA ILE A 158 -8.96 10.73 39.68
C ILE A 158 -9.61 9.45 40.15
N SER A 159 -10.86 9.55 40.57
CA SER A 159 -11.56 8.40 41.11
C SER A 159 -11.90 7.39 40.01
N ILE A 160 -12.19 6.16 40.42
CA ILE A 160 -12.55 5.11 39.48
C ILE A 160 -13.67 5.57 38.56
N TYR A 161 -14.72 6.16 39.13
CA TYR A 161 -15.85 6.57 38.29
C TYR A 161 -15.57 7.85 37.51
N ASN A 162 -14.83 8.80 38.05
CA ASN A 162 -14.58 10.03 37.30
C ASN A 162 -13.65 9.77 36.11
N TYR A 163 -12.78 8.77 36.21
CA TYR A 163 -12.02 8.31 35.04
C TYR A 163 -12.97 7.86 33.94
N PHE A 164 -14.00 7.11 34.32
CA PHE A 164 -15.06 6.71 33.41
C PHE A 164 -15.73 7.91 32.74
N VAL A 165 -15.88 9.02 33.47
CA VAL A 165 -16.44 10.23 32.85
C VAL A 165 -15.42 10.86 31.92
N TRP A 166 -14.18 10.98 32.41
CA TRP A 166 -13.14 11.71 31.69
C TRP A 166 -12.84 11.08 30.34
N THR A 167 -12.74 9.75 30.27
CA THR A 167 -12.37 9.14 29.00
C THR A 167 -13.46 9.33 27.96
N HIS A 168 -14.73 9.31 28.37
CA HIS A 168 -15.81 9.71 27.47
C HIS A 168 -15.66 11.17 27.06
N TYR A 169 -15.37 12.06 28.02
CA TYR A 169 -15.15 13.46 27.69
C TYR A 169 -14.04 13.59 26.66
N TYR A 170 -12.88 12.99 26.94
CA TYR A 170 -11.71 13.15 26.08
C TYR A 170 -12.02 12.64 24.68
N SER A 171 -12.86 11.63 24.57
CA SER A 171 -13.17 11.09 23.26
C SER A 171 -14.04 12.02 22.44
N VAL A 172 -14.82 12.90 23.09
CA VAL A 172 -15.76 13.76 22.35
C VAL A 172 -15.32 15.22 22.27
N LYS A 173 -14.30 15.63 23.00
CA LYS A 173 -13.97 17.05 23.05
C LYS A 173 -13.52 17.57 21.68
N LYS A 174 -13.65 18.87 21.51
CA LYS A 174 -13.28 19.52 20.27
C LYS A 174 -11.77 19.62 20.11
N THR A 175 -11.33 19.66 18.85
CA THR A 175 -9.92 19.86 18.57
C THR A 175 -9.56 21.31 18.81
N PHE A 176 -8.56 21.53 19.65
CA PHE A 176 -8.10 22.88 19.94
C PHE A 176 -7.15 23.35 18.85
N LEU A 177 -7.46 24.48 18.23
CA LEU A 177 -6.62 25.05 17.18
C LEU A 177 -5.74 26.19 17.67
N GLY A 178 -6.07 26.83 18.78
CA GLY A 178 -5.23 27.87 19.33
C GLY A 178 -6.04 28.95 20.01
N VAL A 179 -5.40 29.69 20.90
CA VAL A 179 -6.08 30.81 21.53
C VAL A 179 -6.47 31.81 20.45
N GLY A 180 -7.72 32.26 20.50
CA GLY A 180 -8.27 33.13 19.49
C GLY A 180 -8.98 32.42 18.37
N GLN A 181 -8.75 31.13 18.20
CA GLN A 181 -9.44 30.37 17.18
C GLN A 181 -10.56 29.53 17.77
N GLU A 182 -11.60 29.34 16.97
CA GLU A 182 -12.71 28.49 17.38
C GLU A 182 -12.34 27.04 17.23
N SER A 183 -12.51 26.28 18.31
CA SER A 183 -12.15 24.88 18.29
C SER A 183 -13.05 24.13 17.31
N PHE A 184 -12.53 23.02 16.80
CA PHE A 184 -13.17 22.27 15.73
C PHE A 184 -13.98 21.15 16.35
N GLY A 185 -15.25 21.06 15.98
CA GLY A 185 -16.15 20.17 16.67
C GLY A 185 -16.79 19.09 15.82
N GLU A 186 -16.45 19.02 14.55
CA GLU A 186 -16.97 17.94 13.72
C GLU A 186 -16.03 16.73 13.79
N VAL A 187 -15.85 16.26 15.02
CA VAL A 187 -14.97 15.14 15.34
C VAL A 187 -15.48 14.50 16.62
N ASP A 188 -15.47 13.17 16.66
CA ASP A 188 -15.96 12.46 17.83
C ASP A 188 -15.44 11.04 17.74
N PHE A 189 -14.51 10.70 18.61
CA PHE A 189 -13.83 9.42 18.57
C PHE A 189 -14.63 8.28 19.18
N SER A 190 -15.82 8.53 19.70
CA SER A 190 -16.63 7.48 20.28
C SER A 190 -18.11 7.54 19.91
N HIS A 191 -18.50 8.48 19.06
CA HIS A 191 -19.88 8.57 18.59
C HIS A 191 -19.88 8.79 17.09
N GLU A 192 -21.05 8.64 16.47
CA GLU A 192 -21.24 8.96 15.08
C GLU A 192 -20.23 8.25 14.18
N GLY A 193 -20.12 6.95 14.39
CA GLY A 193 -19.23 6.15 13.59
C GLY A 193 -19.17 4.72 14.09
N PRO A 194 -18.65 3.80 13.28
CA PRO A 194 -18.68 2.39 13.67
C PRO A 194 -18.02 2.08 15.01
N ALA A 195 -17.09 2.89 15.49
CA ALA A 195 -16.44 2.57 16.75
C ALA A 195 -17.35 2.74 17.96
N PHE A 196 -18.51 3.36 17.78
CA PHE A 196 -19.42 3.69 18.87
C PHE A 196 -19.73 2.50 19.77
N LEU A 197 -20.07 1.36 19.17
CA LEU A 197 -20.48 0.23 20.00
C LEU A 197 -19.28 -0.48 20.64
N THR A 198 -18.17 -0.61 19.92
CA THR A 198 -17.02 -1.26 20.52
C THR A 198 -16.32 -0.35 21.53
N TRP A 199 -16.26 0.94 21.25
CA TRP A 199 -15.77 1.90 22.24
C TRP A 199 -16.52 1.74 23.56
N HIS A 200 -17.81 1.81 23.50
CA HIS A 200 -18.59 1.81 24.68
C HIS A 200 -18.58 0.45 25.36
N ARG A 201 -18.31 -0.60 24.61
CA ARG A 201 -18.18 -1.92 25.20
C ARG A 201 -16.93 -2.01 26.05
N TYR A 202 -15.80 -1.52 25.54
CA TYR A 202 -14.60 -1.49 26.37
C TYR A 202 -14.81 -0.58 27.56
N HIS A 203 -15.44 0.57 27.37
CA HIS A 203 -15.78 1.49 28.45
C HIS A 203 -16.37 0.75 29.64
N LEU A 204 -17.40 -0.06 29.39
CA LEU A 204 -18.05 -0.80 30.45
C LEU A 204 -17.14 -1.88 31.03
N LEU A 205 -16.43 -2.62 30.18
CA LEU A 205 -15.57 -3.69 30.66
C LEU A 205 -14.52 -3.14 31.61
N ARG A 206 -14.00 -1.95 31.33
CA ARG A 206 -12.96 -1.38 32.17
C ARG A 206 -13.51 -0.85 33.49
N LEU A 207 -14.71 -0.27 33.50
CA LEU A 207 -15.34 0.09 34.76
C LEU A 207 -15.68 -1.13 35.60
N GLU A 208 -16.25 -2.16 34.98
CA GLU A 208 -16.60 -3.40 35.69
C GLU A 208 -15.39 -4.03 36.33
N LYS A 209 -14.30 -4.09 35.57
CA LYS A 209 -13.01 -4.59 36.05
C LYS A 209 -12.50 -3.77 37.22
N ASP A 210 -12.54 -2.44 37.10
CA ASP A 210 -12.08 -1.60 38.19
C ASP A 210 -12.89 -1.82 39.46
N MET A 211 -14.20 -1.99 39.32
CA MET A 211 -15.05 -2.15 40.49
C MET A 211 -14.89 -3.52 41.13
N GLN A 212 -14.62 -4.54 40.32
CA GLN A 212 -14.29 -5.85 40.86
C GLN A 212 -13.06 -5.77 41.75
N GLU A 213 -12.03 -5.06 41.32
CA GLU A 213 -10.83 -4.95 42.12
C GLU A 213 -11.06 -4.05 43.33
N MET A 214 -11.82 -2.98 43.14
CA MET A 214 -12.17 -2.12 44.26
C MET A 214 -12.96 -2.88 45.32
N LEU A 215 -13.94 -3.68 44.91
CA LEU A 215 -14.75 -4.44 45.84
C LEU A 215 -14.09 -5.74 46.27
N GLN A 216 -13.03 -6.15 45.58
CA GLN A 216 -12.47 -7.48 45.74
C GLN A 216 -13.56 -8.54 45.62
N GLU A 217 -14.39 -8.39 44.59
CA GLU A 217 -15.45 -9.33 44.26
C GLU A 217 -15.27 -9.68 42.80
N PRO A 218 -14.53 -10.73 42.50
CA PRO A 218 -14.25 -11.05 41.10
C PRO A 218 -15.49 -11.20 40.24
N SER A 219 -16.63 -11.54 40.83
CA SER A 219 -17.81 -11.83 40.04
C SER A 219 -18.79 -10.67 39.96
N PHE A 220 -18.47 -9.53 40.56
CA PHE A 220 -19.34 -8.37 40.47
C PHE A 220 -19.61 -7.99 39.01
N SER A 221 -20.85 -7.60 38.74
CA SER A 221 -21.25 -7.32 37.36
C SER A 221 -22.15 -6.09 37.32
N LEU A 222 -22.03 -5.35 36.22
CA LEU A 222 -22.83 -4.16 36.00
C LEU A 222 -24.21 -4.55 35.47
N PRO A 223 -25.28 -4.20 36.15
CA PRO A 223 -26.63 -4.52 35.66
C PRO A 223 -27.04 -3.65 34.49
N TYR A 224 -28.23 -3.85 33.95
CA TYR A 224 -28.67 -3.05 32.83
C TYR A 224 -30.05 -2.49 33.07
N TRP A 225 -30.39 -1.47 32.29
CA TRP A 225 -31.66 -0.78 32.34
C TRP A 225 -32.37 -1.03 31.03
N ASN A 226 -33.46 -1.76 31.05
CA ASN A 226 -34.25 -1.91 29.84
C ASN A 226 -35.05 -0.63 29.63
N PHE A 227 -34.46 0.31 28.90
CA PHE A 227 -35.17 1.56 28.61
C PHE A 227 -36.14 1.45 27.45
N ALA A 228 -36.29 0.28 26.84
CA ALA A 228 -37.14 0.17 25.65
C ALA A 228 -38.53 -0.33 26.01
N THR A 229 -39.20 0.46 26.85
CA THR A 229 -40.49 0.13 27.40
C THR A 229 -41.60 1.08 26.98
N GLY A 230 -41.30 2.08 26.16
CA GLY A 230 -42.30 3.05 25.79
C GLY A 230 -42.81 3.93 26.89
N LYS A 231 -42.16 3.93 28.06
CA LYS A 231 -42.72 4.63 29.21
C LYS A 231 -42.45 6.12 29.16
N ASN A 232 -43.29 6.84 29.89
CA ASN A 232 -43.26 8.27 30.06
C ASN A 232 -42.31 8.68 31.18
N VAL A 233 -41.85 7.72 31.97
CA VAL A 233 -41.14 7.98 33.21
C VAL A 233 -39.87 7.16 33.21
N CYS A 234 -39.03 7.40 34.19
CA CYS A 234 -37.78 6.68 34.38
C CYS A 234 -38.00 5.61 35.44
N ASP A 235 -38.11 4.34 35.04
CA ASP A 235 -38.47 3.34 36.02
C ASP A 235 -37.33 2.94 36.95
N ILE A 236 -36.09 3.38 36.73
CA ILE A 236 -35.04 3.15 37.72
C ILE A 236 -34.74 4.38 38.56
N CYS A 237 -35.49 5.46 38.34
CA CYS A 237 -35.24 6.69 39.10
C CYS A 237 -36.05 6.68 40.40
N THR A 238 -35.68 5.76 41.27
CA THR A 238 -36.27 5.63 42.59
C THR A 238 -35.15 5.62 43.61
N ASP A 239 -35.48 5.94 44.85
CA ASP A 239 -34.45 6.21 45.84
C ASP A 239 -33.71 4.96 46.30
N ASP A 240 -34.20 3.77 46.03
CA ASP A 240 -33.39 2.60 46.28
C ASP A 240 -32.48 2.25 45.10
N LEU A 241 -32.65 2.89 43.94
CA LEU A 241 -31.82 2.64 42.78
C LEU A 241 -31.05 3.90 42.38
N MET A 242 -31.39 4.54 41.27
CA MET A 242 -30.58 5.64 40.76
C MET A 242 -31.08 7.00 41.24
N GLY A 243 -32.10 7.04 42.08
CA GLY A 243 -32.54 8.31 42.65
C GLY A 243 -33.76 8.92 42.02
N SER A 244 -34.75 9.28 42.83
CA SER A 244 -35.93 9.92 42.31
C SER A 244 -35.79 11.44 42.28
N ARG A 245 -36.80 12.09 41.74
CA ARG A 245 -36.78 13.53 41.56
C ARG A 245 -36.81 14.26 42.89
N SER A 246 -36.15 15.40 42.94
CA SER A 246 -36.21 16.21 44.14
C SER A 246 -37.56 16.91 44.24
N ASN A 247 -38.14 16.90 45.42
CA ASN A 247 -39.35 17.67 45.63
C ASN A 247 -39.08 19.15 45.81
N PHE A 248 -37.81 19.54 45.97
CA PHE A 248 -37.37 20.92 46.13
C PHE A 248 -36.80 21.51 44.86
N ASP A 249 -36.55 20.72 43.83
CA ASP A 249 -36.01 21.22 42.57
C ASP A 249 -36.22 20.13 41.53
N SER A 250 -37.13 20.37 40.59
CA SER A 250 -37.50 19.38 39.60
C SER A 250 -36.33 18.90 38.77
N THR A 251 -35.20 19.58 38.79
CA THR A 251 -34.04 19.19 38.00
C THR A 251 -32.93 18.55 38.82
N LEU A 252 -33.18 18.27 40.10
CA LEU A 252 -32.18 17.66 40.95
C LEU A 252 -32.64 16.26 41.35
N ILE A 253 -31.75 15.53 42.01
CA ILE A 253 -32.07 14.19 42.50
C ILE A 253 -32.46 14.28 43.97
N SER A 254 -33.46 13.50 44.36
CA SER A 254 -33.94 13.39 45.74
C SER A 254 -32.80 13.29 46.73
N PRO A 255 -32.79 14.16 47.74
CA PRO A 255 -31.75 14.07 48.78
C PRO A 255 -31.71 12.76 49.51
N ASN A 256 -32.70 11.90 49.34
CA ASN A 256 -32.69 10.59 49.97
C ASN A 256 -31.97 9.56 49.13
N SER A 257 -31.32 9.99 48.04
CA SER A 257 -30.45 9.16 47.22
C SER A 257 -29.04 9.71 47.31
N VAL A 258 -28.05 8.83 47.51
CA VAL A 258 -26.66 9.26 47.57
C VAL A 258 -26.23 10.02 46.33
N PHE A 259 -26.85 9.74 45.19
CA PHE A 259 -26.45 10.41 43.96
C PHE A 259 -26.75 11.89 43.96
N SER A 260 -27.52 12.38 44.92
CA SER A 260 -27.72 13.82 45.02
C SER A 260 -26.47 14.49 45.56
N GLN A 261 -25.56 13.74 46.13
CA GLN A 261 -24.33 14.26 46.67
C GLN A 261 -23.19 14.29 45.66
N TRP A 262 -23.35 13.59 44.53
CA TRP A 262 -22.31 13.57 43.52
C TRP A 262 -22.08 14.93 42.94
N ARG A 263 -20.82 15.21 42.60
CA ARG A 263 -20.48 16.43 41.90
C ARG A 263 -19.70 16.08 40.63
N VAL A 264 -19.99 16.77 39.55
CA VAL A 264 -19.61 16.32 38.23
C VAL A 264 -18.24 16.85 37.84
N VAL A 265 -17.60 16.15 36.91
CA VAL A 265 -16.35 16.61 36.30
C VAL A 265 -16.63 16.98 34.87
N CYS A 266 -15.78 17.86 34.34
CA CYS A 266 -15.71 18.24 32.94
C CYS A 266 -16.78 19.22 32.52
N ASP A 267 -17.34 20.02 33.43
CA ASP A 267 -18.38 20.95 33.05
C ASP A 267 -17.86 22.34 32.79
N SER A 268 -16.60 22.47 32.35
CA SER A 268 -16.11 23.80 32.03
C SER A 268 -15.62 23.86 30.58
N LEU A 269 -16.50 23.58 29.63
CA LEU A 269 -16.09 23.58 28.23
C LEU A 269 -15.56 24.93 27.79
N GLU A 270 -16.14 26.01 28.30
CA GLU A 270 -15.71 27.33 27.86
C GLU A 270 -14.25 27.57 28.17
N ASP A 271 -13.74 27.01 29.27
CA ASP A 271 -12.30 27.10 29.55
C ASP A 271 -11.49 26.19 28.64
N TYR A 272 -11.89 24.92 28.53
CA TYR A 272 -11.11 23.96 27.76
C TYR A 272 -10.96 24.40 26.31
N ASP A 273 -12.03 24.88 25.70
CA ASP A 273 -12.04 25.16 24.27
C ASP A 273 -11.54 26.55 23.94
N THR A 274 -11.23 27.36 24.94
CA THR A 274 -10.59 28.66 24.71
C THR A 274 -9.17 28.71 25.22
N LEU A 275 -8.87 28.04 26.33
CA LEU A 275 -7.50 28.02 26.82
C LEU A 275 -6.70 26.80 26.38
N GLY A 276 -7.35 25.81 25.77
CA GLY A 276 -6.64 24.63 25.33
C GLY A 276 -6.35 23.62 26.41
N THR A 277 -6.95 23.77 27.60
CA THR A 277 -6.80 22.82 28.69
C THR A 277 -7.72 21.61 28.49
N LEU A 278 -7.67 20.70 29.46
CA LEU A 278 -8.50 19.52 29.49
C LEU A 278 -9.23 19.43 30.82
N CYS A 279 -10.34 18.70 30.82
CA CYS A 279 -11.08 18.40 32.03
C CYS A 279 -10.16 17.85 33.11
N ASN A 280 -10.26 18.41 34.30
CA ASN A 280 -9.45 17.91 35.40
C ASN A 280 -10.34 17.27 36.45
N SER A 281 -9.74 16.89 37.57
CA SER A 281 -10.43 16.10 38.58
C SER A 281 -11.24 16.93 39.57
N THR A 282 -11.25 18.25 39.45
CA THR A 282 -12.01 19.10 40.36
C THR A 282 -13.49 19.00 40.02
N GLU A 283 -14.30 18.60 40.99
CA GLU A 283 -15.74 18.50 40.76
C GLU A 283 -16.39 19.88 40.93
N ASP A 284 -17.60 20.02 40.39
CA ASP A 284 -18.26 21.32 40.38
C ASP A 284 -19.69 21.22 39.91
N GLY A 285 -20.63 21.10 40.85
CA GLY A 285 -22.03 21.15 40.48
C GLY A 285 -22.68 19.79 40.51
N PRO A 286 -23.96 19.76 40.81
CA PRO A 286 -24.66 18.50 41.01
C PRO A 286 -25.15 17.94 39.69
N ILE A 287 -25.52 16.66 39.72
CA ILE A 287 -26.23 16.06 38.60
C ILE A 287 -27.57 16.76 38.42
N ARG A 288 -27.83 17.19 37.20
CA ARG A 288 -29.15 17.64 36.80
C ARG A 288 -29.83 16.51 36.07
N ARG A 289 -31.06 16.20 36.44
CA ARG A 289 -31.82 15.16 35.76
C ARG A 289 -33.28 15.53 35.82
N ASN A 290 -33.96 15.46 34.67
CA ASN A 290 -35.37 15.86 34.56
C ASN A 290 -36.07 14.97 33.54
N PRO A 291 -36.37 13.72 33.91
CA PRO A 291 -36.90 12.77 32.92
C PRO A 291 -38.18 13.26 32.27
N ALA A 292 -38.26 13.07 30.96
CA ALA A 292 -39.34 13.51 30.09
C ALA A 292 -39.49 15.03 30.07
N GLY A 293 -38.56 15.74 30.65
CA GLY A 293 -38.77 17.14 30.90
C GLY A 293 -38.56 18.10 29.75
N ASN A 294 -38.10 17.66 28.58
CA ASN A 294 -37.80 18.58 27.49
C ASN A 294 -39.07 18.96 26.74
N VAL A 295 -39.83 19.89 27.34
CA VAL A 295 -41.09 20.34 26.76
C VAL A 295 -40.88 20.96 25.38
N ALA A 296 -39.72 21.58 25.17
CA ALA A 296 -39.45 22.18 23.87
C ALA A 296 -39.16 21.13 22.80
N ARG A 297 -38.91 19.87 23.19
CA ARG A 297 -38.56 18.82 22.25
C ARG A 297 -39.39 17.57 22.54
N PRO A 298 -40.65 17.53 22.11
CA PRO A 298 -41.53 16.41 22.47
C PRO A 298 -41.03 15.04 22.06
N MET A 299 -40.21 14.94 21.01
CA MET A 299 -39.74 13.63 20.58
C MET A 299 -38.91 12.93 21.65
N VAL A 300 -38.30 13.68 22.55
CA VAL A 300 -37.47 13.07 23.56
C VAL A 300 -38.18 13.09 24.91
N GLN A 301 -39.51 13.11 24.89
CA GLN A 301 -40.26 13.01 26.12
C GLN A 301 -40.87 11.65 26.35
N ARG A 302 -40.63 10.70 25.45
CA ARG A 302 -41.05 9.33 25.68
C ARG A 302 -39.91 8.42 25.28
N LEU A 303 -39.77 7.31 25.98
CA LEU A 303 -38.67 6.38 25.77
C LEU A 303 -38.96 5.48 24.58
N PRO A 304 -37.97 4.71 24.11
CA PRO A 304 -38.21 3.82 22.97
C PRO A 304 -39.25 2.74 23.25
N GLU A 305 -39.99 2.39 22.23
CA GLU A 305 -40.94 1.29 22.30
C GLU A 305 -40.20 -0.04 22.23
N PRO A 306 -40.76 -1.09 22.82
CA PRO A 306 -40.14 -2.43 22.70
C PRO A 306 -39.85 -2.83 21.26
N GLN A 307 -40.80 -2.68 20.35
CA GLN A 307 -40.56 -3.10 18.99
C GLN A 307 -39.39 -2.37 18.36
N ASP A 308 -39.04 -1.19 18.85
CA ASP A 308 -37.87 -0.49 18.32
C ASP A 308 -36.64 -1.36 18.43
N VAL A 309 -36.51 -2.06 19.55
CA VAL A 309 -35.39 -2.98 19.72
C VAL A 309 -35.51 -4.18 18.80
N ALA A 310 -36.72 -4.75 18.67
CA ALA A 310 -36.86 -5.93 17.81
C ALA A 310 -36.58 -5.58 16.36
N GLN A 311 -36.90 -4.36 15.95
CA GLN A 311 -36.68 -3.97 14.56
C GLN A 311 -35.23 -3.70 14.28
N CYS A 312 -34.53 -3.03 15.19
CA CYS A 312 -33.15 -2.68 14.91
C CYS A 312 -32.27 -3.93 14.83
N LEU A 313 -32.62 -4.96 15.56
CA LEU A 313 -31.92 -6.24 15.48
C LEU A 313 -32.14 -7.00 14.17
N GLU A 314 -32.96 -6.49 13.26
CA GLU A 314 -33.11 -7.10 11.95
C GLU A 314 -32.25 -6.44 10.92
N VAL A 315 -31.54 -5.38 11.31
CA VAL A 315 -30.59 -4.74 10.42
C VAL A 315 -29.34 -5.58 10.47
N GLY A 316 -29.03 -6.23 9.35
CA GLY A 316 -28.03 -7.28 9.32
C GLY A 316 -26.63 -6.83 9.03
N LEU A 317 -26.45 -5.68 8.44
CA LEU A 317 -25.11 -5.16 8.22
C LEU A 317 -24.71 -4.29 9.39
N PHE A 318 -23.52 -4.54 9.94
CA PHE A 318 -23.09 -3.77 11.10
C PHE A 318 -23.09 -2.28 10.80
N ASP A 319 -22.50 -1.86 9.68
CA ASP A 319 -22.51 -0.46 9.32
C ASP A 319 -22.55 -0.33 7.81
N THR A 320 -22.88 0.87 7.34
CA THR A 320 -22.96 1.17 5.92
C THR A 320 -22.32 2.52 5.67
N PRO A 321 -21.80 2.77 4.46
CA PRO A 321 -21.28 4.10 4.14
C PRO A 321 -22.33 5.17 4.33
N PRO A 322 -21.93 6.37 4.72
CA PRO A 322 -20.57 6.83 4.98
C PRO A 322 -20.03 6.58 6.40
N PHE A 323 -20.58 5.59 7.09
CA PHE A 323 -20.15 5.21 8.43
C PHE A 323 -20.18 6.39 9.39
N TYR A 324 -21.33 7.06 9.43
CA TYR A 324 -21.47 8.31 10.14
C TYR A 324 -22.90 8.36 10.68
N SER A 325 -23.26 9.49 11.28
CA SER A 325 -24.59 9.60 11.85
C SER A 325 -25.68 9.65 10.80
N ASN A 326 -25.33 9.76 9.51
CA ASN A 326 -26.34 9.76 8.46
C ASN A 326 -26.31 8.49 7.62
N SER A 327 -25.78 7.40 8.15
CA SER A 327 -25.88 6.11 7.48
C SER A 327 -27.31 5.56 7.53
N THR A 328 -27.63 4.73 6.56
CA THR A 328 -28.95 4.12 6.42
C THR A 328 -28.79 2.62 6.43
N ASN A 329 -29.74 1.92 7.04
CA ASN A 329 -29.67 0.47 7.16
C ASN A 329 -28.38 -0.01 7.82
N SER A 330 -27.86 0.79 8.74
CA SER A 330 -26.67 0.43 9.51
C SER A 330 -27.14 0.04 10.91
N PHE A 331 -26.77 -1.17 11.34
CA PHE A 331 -27.12 -1.58 12.70
C PHE A 331 -26.52 -0.62 13.71
N ARG A 332 -25.27 -0.22 13.49
CA ARG A 332 -24.62 0.70 14.42
C ARG A 332 -25.38 2.01 14.51
N ASN A 333 -25.70 2.61 13.36
CA ASN A 333 -26.40 3.89 13.39
C ASN A 333 -27.82 3.74 13.90
N THR A 334 -28.40 2.56 13.74
CA THR A 334 -29.75 2.33 14.22
C THR A 334 -29.78 2.26 15.74
N VAL A 335 -28.95 1.39 16.32
CA VAL A 335 -28.98 1.28 17.77
C VAL A 335 -28.37 2.52 18.41
N GLU A 336 -27.38 3.14 17.76
CA GLU A 336 -26.88 4.40 18.28
C GLU A 336 -27.98 5.43 18.31
N GLY A 337 -28.89 5.40 17.35
CA GLY A 337 -30.09 6.18 17.41
C GLY A 337 -30.17 7.41 16.54
N TYR A 338 -29.52 7.38 15.38
CA TYR A 338 -29.64 8.45 14.40
C TYR A 338 -30.49 8.04 13.21
N SER A 339 -30.94 6.79 13.15
CA SER A 339 -31.91 6.25 12.21
C SER A 339 -33.17 5.86 12.99
N ASP A 340 -34.26 5.65 12.25
CA ASP A 340 -35.38 5.00 12.88
C ASP A 340 -35.06 3.51 13.03
N PRO A 341 -35.79 2.78 13.86
CA PRO A 341 -35.39 1.41 14.16
C PRO A 341 -35.35 0.49 12.94
N THR A 342 -35.99 0.85 11.84
CA THR A 342 -35.91 0.04 10.63
C THR A 342 -34.62 0.28 9.88
N GLY A 343 -33.91 1.36 10.20
CA GLY A 343 -32.69 1.74 9.53
C GLY A 343 -32.79 2.98 8.67
N LYS A 344 -33.97 3.56 8.54
CA LYS A 344 -34.20 4.68 7.64
C LYS A 344 -33.73 5.97 8.29
N TYR A 345 -32.81 6.63 7.61
CA TYR A 345 -32.20 7.87 8.08
C TYR A 345 -33.17 9.04 7.99
N ASP A 346 -32.98 9.99 8.88
CA ASP A 346 -33.79 11.19 8.99
C ASP A 346 -33.07 12.13 9.94
N PRO A 347 -32.67 13.33 9.50
CA PRO A 347 -31.91 14.19 10.41
C PRO A 347 -32.65 14.50 11.69
N ALA A 348 -33.98 14.41 11.70
CA ALA A 348 -34.75 14.72 12.90
C ALA A 348 -34.75 13.59 13.92
N VAL A 349 -34.83 12.34 13.46
CA VAL A 349 -35.18 11.23 14.35
C VAL A 349 -34.11 11.04 15.40
N ARG A 350 -34.55 10.78 16.62
CA ARG A 350 -33.69 10.30 17.70
C ARG A 350 -34.33 9.06 18.30
N SER A 351 -33.61 7.95 18.28
CA SER A 351 -34.20 6.69 18.71
C SER A 351 -33.20 5.95 19.60
N LEU A 352 -33.70 4.87 20.21
CA LEU A 352 -32.96 4.00 21.11
C LEU A 352 -31.92 4.71 21.97
N HIS A 353 -30.62 4.46 21.75
CA HIS A 353 -29.59 4.97 22.65
C HIS A 353 -29.63 6.49 22.79
N ASN A 354 -29.64 7.20 21.67
CA ASN A 354 -29.72 8.65 21.74
C ASN A 354 -30.98 9.12 22.46
N LEU A 355 -32.11 8.44 22.20
CA LEU A 355 -33.36 8.82 22.82
C LEU A 355 -33.28 8.65 24.32
N ALA A 356 -32.74 7.51 24.77
CA ALA A 356 -32.64 7.26 26.20
C ALA A 356 -31.79 8.32 26.89
N HIS A 357 -30.75 8.82 26.22
CA HIS A 357 -29.95 9.91 26.76
C HIS A 357 -30.78 11.17 26.90
N LEU A 358 -31.38 11.62 25.80
CA LEU A 358 -32.08 12.90 25.76
C LEU A 358 -33.34 12.88 26.61
N PHE A 359 -33.91 11.71 26.85
CA PHE A 359 -35.07 11.59 27.72
C PHE A 359 -34.77 12.13 29.11
N LEU A 360 -33.50 12.10 29.53
CA LEU A 360 -33.13 12.56 30.85
C LEU A 360 -33.09 14.08 30.97
N ASN A 361 -33.08 14.81 29.87
CA ASN A 361 -33.19 16.27 29.87
C ASN A 361 -32.36 16.89 31.00
N GLY A 362 -31.06 16.62 30.94
CA GLY A 362 -30.14 17.04 31.97
C GLY A 362 -28.73 16.59 31.70
N THR A 363 -27.96 16.40 32.76
CA THR A 363 -26.58 15.94 32.63
C THR A 363 -26.48 14.69 31.77
N GLY A 364 -27.39 13.74 31.95
CA GLY A 364 -27.31 12.53 31.17
C GLY A 364 -27.54 12.72 29.68
N GLY A 365 -27.95 13.90 29.27
CA GLY A 365 -28.22 14.12 27.87
C GLY A 365 -27.32 15.15 27.25
N GLN A 366 -26.17 15.40 27.84
CA GLN A 366 -25.16 16.28 27.28
C GLN A 366 -23.93 15.46 26.94
N THR A 367 -23.40 15.66 25.74
CA THR A 367 -22.37 14.78 25.22
C THR A 367 -21.08 14.85 26.03
N HIS A 368 -20.62 16.03 26.35
CA HIS A 368 -19.38 16.12 27.12
C HIS A 368 -19.54 15.68 28.57
N LEU A 369 -20.75 15.42 29.03
CA LEU A 369 -21.02 15.30 30.45
C LEU A 369 -21.72 14.01 30.87
N SER A 370 -22.30 13.25 29.94
CA SER A 370 -23.36 12.32 30.30
C SER A 370 -22.99 11.15 31.21
N PRO A 371 -21.75 10.67 31.27
CA PRO A 371 -21.46 9.65 32.29
C PRO A 371 -21.50 10.16 33.72
N ASN A 372 -21.50 11.48 33.94
CA ASN A 372 -21.63 11.99 35.30
C ASN A 372 -22.91 11.53 35.97
N ASP A 373 -23.96 11.31 35.20
CA ASP A 373 -25.18 10.71 35.69
C ASP A 373 -25.05 9.20 35.62
N PRO A 374 -25.08 8.49 36.75
CA PRO A 374 -24.77 7.06 36.73
C PRO A 374 -25.81 6.20 36.02
N ILE A 375 -26.96 6.76 35.62
CA ILE A 375 -27.85 6.03 34.73
C ILE A 375 -27.09 5.63 33.47
N PHE A 376 -26.09 6.40 33.09
CA PHE A 376 -25.27 6.12 31.93
C PHE A 376 -24.81 4.66 31.90
N VAL A 377 -24.31 4.16 33.03
CA VAL A 377 -23.80 2.80 33.12
C VAL A 377 -24.86 1.82 32.67
N LEU A 378 -26.09 2.01 33.15
CA LEU A 378 -27.16 1.07 32.87
C LEU A 378 -27.72 1.28 31.48
N LEU A 379 -27.72 2.51 31.02
CA LEU A 379 -28.12 2.79 29.65
C LEU A 379 -27.22 2.04 28.68
N HIS A 380 -25.93 1.99 28.95
CA HIS A 380 -25.00 1.46 27.98
C HIS A 380 -24.78 -0.04 28.12
N THR A 381 -24.97 -0.64 29.31
CA THR A 381 -24.97 -2.09 29.33
C THR A 381 -26.16 -2.64 28.58
N PHE A 382 -27.28 -1.94 28.59
CA PHE A 382 -28.39 -2.40 27.77
C PHE A 382 -28.08 -2.24 26.29
N THR A 383 -27.49 -1.10 25.91
CA THR A 383 -27.05 -0.92 24.54
C THR A 383 -26.03 -1.97 24.15
N ASP A 384 -25.12 -2.29 25.06
CA ASP A 384 -24.17 -3.37 24.82
C ASP A 384 -24.86 -4.73 24.74
N ALA A 385 -25.95 -4.92 25.49
CA ALA A 385 -26.70 -6.18 25.40
C ALA A 385 -27.34 -6.35 24.03
N VAL A 386 -27.89 -5.27 23.47
CA VAL A 386 -28.42 -5.33 22.12
C VAL A 386 -27.31 -5.66 21.12
N PHE A 387 -26.18 -4.98 21.25
CA PHE A 387 -25.02 -5.26 20.39
C PHE A 387 -24.65 -6.73 20.46
N ASP A 388 -24.59 -7.28 21.68
CA ASP A 388 -24.14 -8.66 21.81
C ASP A 388 -25.12 -9.63 21.18
N GLU A 389 -26.42 -9.34 21.28
CA GLU A 389 -27.40 -10.16 20.60
C GLU A 389 -27.22 -10.07 19.09
N TRP A 390 -26.88 -8.89 18.58
CA TRP A 390 -26.56 -8.78 17.17
C TRP A 390 -25.36 -9.64 16.80
N LEU A 391 -24.32 -9.62 17.62
CA LEU A 391 -23.13 -10.39 17.32
C LEU A 391 -23.45 -11.88 17.28
N ARG A 392 -24.27 -12.33 18.21
CA ARG A 392 -24.74 -13.71 18.18
C ARG A 392 -25.50 -13.99 16.90
N ARG A 393 -26.38 -13.08 16.51
CA ARG A 393 -27.37 -13.37 15.50
C ARG A 393 -26.78 -13.40 14.11
N TYR A 394 -25.76 -12.59 13.84
CA TYR A 394 -25.16 -12.48 12.51
C TYR A 394 -23.70 -12.91 12.49
N ASN A 395 -23.29 -13.75 13.45
CA ASN A 395 -22.00 -14.41 13.43
C ASN A 395 -20.85 -13.41 13.42
N ALA A 396 -20.95 -12.42 14.32
CA ALA A 396 -19.91 -11.41 14.54
C ALA A 396 -19.31 -10.91 13.24
N ASP A 397 -20.15 -10.65 12.25
CA ASP A 397 -19.70 -10.27 10.91
C ASP A 397 -19.06 -8.89 10.96
N ILE A 398 -17.73 -8.84 11.00
CA ILE A 398 -17.01 -7.59 11.07
C ILE A 398 -16.72 -6.99 9.70
N SER A 399 -17.19 -7.61 8.63
CA SER A 399 -16.77 -7.21 7.29
C SER A 399 -17.20 -5.78 6.96
N THR A 400 -18.35 -5.34 7.44
CA THR A 400 -18.82 -3.99 7.13
C THR A 400 -18.25 -2.92 8.06
N PHE A 401 -17.55 -3.30 9.10
CA PHE A 401 -16.84 -2.33 9.94
C PHE A 401 -15.63 -1.87 9.14
N PRO A 402 -15.63 -0.65 8.61
CA PRO A 402 -14.64 -0.30 7.59
C PRO A 402 -13.23 -0.24 8.12
N LEU A 403 -12.28 -0.63 7.25
CA LEU A 403 -10.88 -0.47 7.57
C LEU A 403 -10.34 0.90 7.24
N GLU A 404 -10.99 1.64 6.34
CA GLU A 404 -10.52 2.98 6.06
C GLU A 404 -11.69 3.86 5.66
N ASN A 405 -11.41 5.16 5.62
CA ASN A 405 -12.29 6.26 5.25
C ASN A 405 -13.44 6.45 6.23
N ALA A 406 -13.35 5.86 7.41
CA ALA A 406 -14.29 6.14 8.47
C ALA A 406 -13.96 7.48 9.09
N PRO A 407 -14.88 8.07 9.83
CA PRO A 407 -14.53 9.28 10.59
C PRO A 407 -13.35 8.97 11.48
N ILE A 408 -12.51 9.99 11.71
CA ILE A 408 -11.27 9.75 12.42
C ILE A 408 -11.60 9.13 13.77
N GLY A 409 -10.88 8.07 14.11
CA GLY A 409 -11.11 7.36 15.31
C GLY A 409 -11.88 6.09 15.13
N HIS A 410 -12.58 5.95 14.01
CA HIS A 410 -13.47 4.83 13.83
C HIS A 410 -12.98 3.81 12.82
N ASN A 411 -11.79 3.98 12.25
CA ASN A 411 -11.26 2.90 11.43
C ASN A 411 -11.13 1.66 12.30
N ARG A 412 -11.32 0.50 11.68
CA ARG A 412 -11.46 -0.73 12.47
C ARG A 412 -10.26 -0.97 13.36
N GLN A 413 -9.06 -0.68 12.86
CA GLN A 413 -7.84 -0.99 13.59
C GLN A 413 -7.36 0.18 14.43
N TYR A 414 -8.14 1.24 14.52
CA TYR A 414 -7.85 2.32 15.44
C TYR A 414 -7.85 1.81 16.86
N ASN A 415 -6.84 2.20 17.63
CA ASN A 415 -6.86 2.00 19.07
C ASN A 415 -7.88 2.95 19.67
N MET A 416 -8.86 2.42 20.40
CA MET A 416 -9.97 3.23 20.86
C MET A 416 -9.49 4.28 21.86
N VAL A 417 -9.88 5.53 21.66
CA VAL A 417 -9.29 6.67 22.35
C VAL A 417 -10.06 7.08 23.59
N PRO A 418 -9.39 7.20 24.73
CA PRO A 418 -7.96 7.05 25.01
C PRO A 418 -7.63 5.87 25.90
N PHE A 419 -8.14 4.69 25.60
CA PHE A 419 -7.99 3.60 26.55
C PHE A 419 -6.56 3.08 26.59
N TRP A 420 -6.20 2.50 27.72
CA TRP A 420 -4.88 1.94 27.90
C TRP A 420 -4.97 0.60 28.59
N PRO A 421 -4.17 -0.40 28.13
CA PRO A 421 -3.26 -0.40 26.98
C PRO A 421 -4.03 -0.21 25.68
N PRO A 422 -3.36 0.10 24.58
CA PRO A 422 -4.06 0.24 23.31
C PRO A 422 -4.89 -1.01 23.04
N VAL A 423 -6.12 -0.79 22.61
CA VAL A 423 -7.08 -1.85 22.35
C VAL A 423 -7.92 -1.43 21.16
N THR A 424 -7.98 -2.27 20.14
CA THR A 424 -8.62 -1.91 18.89
C THR A 424 -10.09 -2.29 18.93
N ASN A 425 -10.85 -1.71 18.01
CA ASN A 425 -12.25 -2.08 17.89
C ASN A 425 -12.40 -3.58 17.63
N THR A 426 -11.46 -4.15 16.87
CA THR A 426 -11.52 -5.57 16.55
C THR A 426 -11.52 -6.41 17.81
N GLU A 427 -10.71 -6.02 18.78
CA GLU A 427 -10.60 -6.81 20.01
C GLU A 427 -11.92 -6.88 20.78
N MET A 428 -12.82 -5.93 20.57
CA MET A 428 -14.12 -5.94 21.22
C MET A 428 -15.23 -6.50 20.34
N PHE A 429 -14.97 -6.72 19.06
CA PHE A 429 -15.97 -7.21 18.12
C PHE A 429 -16.06 -8.74 18.18
N VAL A 430 -16.44 -9.24 19.35
CA VAL A 430 -16.52 -10.68 19.62
C VAL A 430 -17.76 -10.93 20.49
N THR A 431 -18.35 -12.11 20.37
CA THR A 431 -19.46 -12.43 21.26
C THR A 431 -18.96 -12.48 22.69
N ALA A 432 -19.66 -11.84 23.58
CA ALA A 432 -19.16 -11.65 24.94
C ALA A 432 -19.01 -12.93 25.75
N PRO A 433 -19.98 -13.85 25.74
CA PRO A 433 -19.85 -15.02 26.63
C PRO A 433 -18.63 -15.89 26.37
N ASP A 434 -18.28 -16.14 25.11
CA ASP A 434 -17.12 -16.99 24.83
C ASP A 434 -15.80 -16.24 24.85
N ASN A 435 -15.80 -14.93 24.64
CA ASN A 435 -14.57 -14.21 24.41
C ASN A 435 -14.25 -13.12 25.45
N LEU A 436 -15.25 -12.60 26.17
CA LEU A 436 -15.00 -11.52 27.10
C LEU A 436 -15.40 -11.84 28.54
N GLY A 437 -15.90 -13.03 28.81
CA GLY A 437 -16.19 -13.41 30.18
C GLY A 437 -17.44 -12.84 30.80
N TYR A 438 -18.41 -12.41 30.02
CA TYR A 438 -19.67 -11.93 30.57
C TYR A 438 -20.80 -12.24 29.60
N THR A 439 -22.02 -12.34 30.12
CA THR A 439 -23.19 -12.59 29.30
C THR A 439 -24.35 -11.83 29.91
N TYR A 440 -25.43 -11.70 29.15
CA TYR A 440 -26.60 -10.96 29.60
C TYR A 440 -27.76 -11.92 29.89
N GLU A 441 -28.34 -11.78 31.07
CA GLU A 441 -29.61 -12.43 31.39
C GLU A 441 -30.72 -11.54 30.86
N ILE A 442 -31.20 -11.82 29.65
CA ILE A 442 -32.15 -10.95 28.98
C ILE A 442 -32.98 -11.77 28.00
N GLN A 443 -34.15 -11.24 27.68
CA GLN A 443 -35.08 -11.90 26.77
C GLN A 443 -35.53 -10.88 25.76
N TRP A 444 -35.64 -11.29 24.50
CA TRP A 444 -35.88 -10.30 23.46
C TRP A 444 -37.29 -10.42 22.87
N PRO A 445 -37.92 -9.30 22.54
CA PRO A 445 -39.26 -9.36 21.95
C PRO A 445 -39.21 -9.80 20.50
N SER A 446 -40.28 -10.45 20.06
CA SER A 446 -40.37 -10.96 18.69
C SER A 446 -41.36 -10.17 17.84
N GLN B 1 16.67 -14.67 5.50
CA GLN B 1 15.84 -14.10 4.45
C GLN B 1 14.40 -14.49 4.64
N PHE B 2 13.61 -14.43 3.64
CA PHE B 2 12.22 -14.34 4.05
C PHE B 2 11.47 -15.60 3.68
N PRO B 3 10.44 -15.95 4.45
CA PRO B 3 9.56 -17.04 4.04
C PRO B 3 9.00 -16.78 2.66
N ARG B 4 8.86 -17.85 1.87
CA ARG B 4 8.37 -17.70 0.51
C ARG B 4 6.98 -17.08 0.49
N GLN B 5 6.18 -17.31 1.53
CA GLN B 5 4.85 -16.68 1.58
C GLN B 5 4.94 -15.16 1.60
N CYS B 6 6.04 -14.60 2.08
CA CYS B 6 6.21 -13.16 2.20
C CYS B 6 6.98 -12.55 1.05
N ALA B 7 7.53 -13.37 0.16
CA ALA B 7 8.29 -12.88 -0.99
C ALA B 7 7.35 -12.61 -2.16
N THR B 8 6.36 -11.77 -1.92
CA THR B 8 5.32 -11.42 -2.88
C THR B 8 5.24 -9.91 -3.04
N VAL B 9 4.55 -9.48 -4.09
CA VAL B 9 4.23 -8.07 -4.26
C VAL B 9 3.32 -7.61 -3.13
N GLU B 10 2.31 -8.42 -2.81
CA GLU B 10 1.35 -8.05 -1.77
C GLU B 10 2.03 -7.83 -0.42
N ALA B 11 2.84 -8.79 0.02
CA ALA B 11 3.41 -8.68 1.35
C ALA B 11 4.43 -7.55 1.43
N LEU B 12 5.23 -7.38 0.39
CA LEU B 12 6.18 -6.28 0.39
C LEU B 12 5.45 -4.94 0.29
N ARG B 13 4.30 -4.92 -0.36
CA ARG B 13 3.47 -3.72 -0.36
C ARG B 13 2.95 -3.42 1.03
N SER B 14 2.49 -4.45 1.74
CA SER B 14 1.91 -4.24 3.06
C SER B 14 2.94 -4.00 4.15
N GLY B 15 4.19 -4.42 3.95
CA GLY B 15 5.15 -4.39 5.03
C GLY B 15 4.93 -5.44 6.08
N MET B 16 4.08 -6.41 5.83
CA MET B 16 3.71 -7.41 6.82
C MET B 16 4.16 -8.80 6.35
N CYS B 17 4.92 -9.48 7.19
CA CYS B 17 5.28 -10.88 6.95
C CYS B 17 4.78 -11.72 8.12
N CYS B 18 3.56 -12.22 8.00
CA CYS B 18 2.86 -12.89 9.08
C CYS B 18 2.06 -14.04 8.50
N PRO B 19 2.74 -15.06 7.98
CA PRO B 19 2.06 -16.06 7.16
C PRO B 19 1.07 -16.90 7.94
N ASP B 20 0.14 -17.49 7.20
CA ASP B 20 -0.83 -18.38 7.79
C ASP B 20 -0.16 -19.66 8.27
N LEU B 21 -0.77 -20.27 9.29
CA LEU B 21 -0.36 -21.59 9.76
C LEU B 21 -1.31 -22.67 9.27
N SER B 22 -2.60 -22.57 9.62
CA SER B 22 -3.64 -23.47 9.11
C SER B 22 -4.81 -22.62 8.64
N PRO B 23 -4.76 -22.14 7.47
CA PRO B 23 -5.75 -21.17 6.95
C PRO B 23 -7.04 -21.80 6.40
N VAL B 24 -7.78 -22.55 7.23
CA VAL B 24 -8.92 -23.29 6.69
C VAL B 24 -10.09 -22.35 6.41
N SER B 25 -10.10 -21.13 6.96
CA SER B 25 -11.15 -20.17 6.63
C SER B 25 -10.74 -19.22 5.52
N GLY B 26 -9.63 -19.48 4.84
CA GLY B 26 -9.16 -18.63 3.77
C GLY B 26 -7.81 -18.00 4.04
N PRO B 27 -7.21 -17.41 3.00
CA PRO B 27 -5.97 -16.67 3.21
C PRO B 27 -6.15 -15.59 4.25
N GLY B 28 -5.15 -15.43 5.12
CA GLY B 28 -5.22 -14.40 6.13
C GLY B 28 -6.01 -14.75 7.37
N THR B 29 -6.53 -15.97 7.48
CA THR B 29 -7.36 -16.32 8.62
C THR B 29 -6.61 -16.86 9.81
N ASP B 30 -5.36 -17.23 9.65
CA ASP B 30 -4.62 -17.83 10.73
C ASP B 30 -3.20 -17.30 10.73
N ARG B 31 -3.08 -15.99 10.60
CA ARG B 31 -1.76 -15.39 10.65
C ARG B 31 -1.14 -15.73 11.99
N CYS B 32 0.09 -16.25 11.95
CA CYS B 32 0.86 -16.62 13.13
C CYS B 32 0.18 -17.68 13.96
N GLY B 33 -0.78 -18.40 13.38
CA GLY B 33 -1.50 -19.39 14.16
C GLY B 33 -2.36 -18.77 15.24
N SER B 34 -2.98 -17.64 14.95
CA SER B 34 -3.78 -16.97 15.96
C SER B 34 -5.09 -17.68 16.26
N SER B 35 -5.56 -18.57 15.38
CA SER B 35 -6.78 -19.33 15.67
C SER B 35 -6.59 -20.23 16.88
N SER B 36 -5.48 -20.95 16.95
CA SER B 36 -5.09 -21.52 18.23
C SER B 36 -4.37 -20.42 18.99
N GLY B 37 -3.77 -20.71 20.12
CA GLY B 37 -3.19 -19.60 20.85
C GLY B 37 -1.74 -19.36 20.55
N ARG B 38 -1.31 -19.67 19.32
CA ARG B 38 0.13 -19.83 19.11
C ARG B 38 0.85 -18.51 18.90
N GLY B 39 0.19 -17.49 18.38
CA GLY B 39 0.85 -16.22 18.25
C GLY B 39 -0.04 -15.21 17.57
N ARG B 40 0.52 -14.02 17.38
CA ARG B 40 -0.23 -12.93 16.81
C ARG B 40 0.72 -12.08 15.98
N CYS B 41 0.20 -11.51 14.89
CA CYS B 41 0.99 -10.61 14.08
C CYS B 41 1.15 -9.27 14.78
N GLU B 42 2.38 -8.74 14.76
CA GLU B 42 2.76 -7.66 15.67
C GLU B 42 3.88 -6.83 15.05
N ALA B 43 4.06 -5.61 15.55
CA ALA B 43 5.06 -4.71 15.01
C ALA B 43 6.48 -5.14 15.36
N VAL B 44 7.40 -4.92 14.42
CA VAL B 44 8.81 -5.19 14.59
C VAL B 44 9.47 -4.05 15.35
N THR B 45 10.33 -4.40 16.28
CA THR B 45 11.27 -3.48 16.90
C THR B 45 12.65 -3.66 16.32
N ALA B 46 13.27 -2.58 15.93
CA ALA B 46 14.64 -2.61 15.48
C ALA B 46 15.46 -1.67 16.34
N ASP B 47 16.75 -1.95 16.42
CA ASP B 47 17.63 -1.13 17.23
C ASP B 47 17.72 0.25 16.64
N SER B 48 17.48 1.27 17.46
CA SER B 48 17.56 2.64 17.00
C SER B 48 18.72 3.42 17.61
N ARG B 49 19.56 2.79 18.39
CA ARG B 49 20.64 3.53 19.03
C ARG B 49 21.81 3.68 18.07
N PRO B 50 22.65 4.69 18.28
CA PRO B 50 23.69 4.96 17.29
C PRO B 50 24.74 3.88 17.23
N HIS B 51 25.44 3.83 16.10
CA HIS B 51 26.55 2.92 15.86
C HIS B 51 27.83 3.74 15.69
N SER B 52 28.95 3.04 15.56
CA SER B 52 30.25 3.69 15.44
C SER B 52 30.32 4.51 14.16
N PRO B 53 31.14 5.57 14.15
CA PRO B 53 31.22 6.43 12.96
C PRO B 53 31.84 5.77 11.76
N GLN B 54 32.21 4.49 11.87
CA GLN B 54 32.96 3.85 10.81
C GLN B 54 32.13 3.69 9.54
N TYR B 55 30.84 3.43 9.71
CA TYR B 55 29.94 3.33 8.58
C TYR B 55 29.29 4.68 8.37
N PRO B 56 29.64 5.41 7.33
CA PRO B 56 29.09 6.77 7.12
C PRO B 56 27.91 6.82 6.17
N HIS B 57 27.37 5.68 5.76
CA HIS B 57 26.40 5.63 4.67
C HIS B 57 24.99 5.25 5.13
N ASP B 58 24.57 5.74 6.29
CA ASP B 58 23.17 5.59 6.69
C ASP B 58 22.23 6.05 5.59
N GLY B 59 21.23 5.23 5.32
CA GLY B 59 20.26 5.52 4.29
C GLY B 59 20.49 4.82 2.99
N ARG B 60 21.59 4.08 2.85
CA ARG B 60 21.95 3.53 1.58
C ARG B 60 21.92 2.01 1.51
N ASP B 61 21.75 1.30 2.63
CA ASP B 61 21.90 -0.16 2.68
C ASP B 61 20.70 -0.81 3.36
N ASP B 62 20.12 -1.82 2.70
CA ASP B 62 18.94 -2.51 3.21
C ASP B 62 19.17 -3.25 4.52
N ARG B 63 20.42 -3.41 4.97
CA ARG B 63 20.67 -4.10 6.23
C ARG B 63 20.55 -3.19 7.44
N GLU B 64 20.40 -1.89 7.24
CA GLU B 64 20.20 -0.98 8.34
C GLU B 64 18.84 -1.22 8.95
N VAL B 65 18.76 -1.04 10.27
CA VAL B 65 17.56 -1.19 11.08
C VAL B 65 16.82 -2.45 10.63
N TRP B 66 17.57 -3.52 10.50
CA TRP B 66 17.03 -4.80 10.06
C TRP B 66 15.90 -5.22 10.98
N PRO B 67 14.77 -5.68 10.41
CA PRO B 67 14.41 -5.88 9.01
C PRO B 67 13.55 -4.78 8.40
N LEU B 68 13.59 -3.57 8.96
CA LEU B 68 12.58 -2.58 8.64
C LEU B 68 12.60 -2.09 7.20
N ARG B 69 13.68 -2.33 6.46
CA ARG B 69 13.63 -1.94 5.05
C ARG B 69 12.81 -2.92 4.22
N PHE B 70 12.38 -4.03 4.78
CA PHE B 70 11.48 -4.92 4.07
C PHE B 70 10.16 -5.14 4.80
N PHE B 71 10.19 -5.37 6.10
CA PHE B 71 8.98 -5.64 6.83
C PHE B 71 9.02 -4.98 8.19
N ASN B 72 7.88 -4.47 8.63
CA ASN B 72 7.77 -3.88 9.96
C ASN B 72 6.77 -4.60 10.85
N ARG B 73 6.23 -5.74 10.40
CA ARG B 73 5.37 -6.58 11.21
C ARG B 73 5.74 -8.04 11.05
N THR B 74 5.77 -8.78 12.16
CA THR B 74 6.15 -10.18 12.13
C THR B 74 5.31 -10.96 13.13
N CYS B 75 5.46 -12.28 13.14
CA CYS B 75 4.80 -13.12 14.14
C CYS B 75 5.58 -13.11 15.44
N HIS B 76 4.94 -12.68 16.51
CA HIS B 76 5.40 -12.94 17.87
C HIS B 76 4.58 -14.09 18.43
N CYS B 77 5.25 -15.10 18.94
CA CYS B 77 4.57 -16.32 19.37
C CYS B 77 4.35 -16.36 20.87
N ASN B 78 3.35 -17.13 21.26
CA ASN B 78 3.01 -17.33 22.66
C ASN B 78 3.74 -18.54 23.24
N GLY B 79 4.00 -18.46 24.53
CA GLY B 79 4.54 -19.60 25.22
C GLY B 79 5.85 -20.03 24.60
N ASN B 80 6.01 -21.33 24.44
CA ASN B 80 7.22 -21.86 23.85
C ASN B 80 7.05 -22.20 22.39
N PHE B 81 6.09 -21.60 21.71
CA PHE B 81 5.99 -21.72 20.27
C PHE B 81 6.97 -20.78 19.59
N SER B 82 7.30 -21.08 18.34
CA SER B 82 8.32 -20.33 17.62
C SER B 82 8.19 -20.57 16.13
N GLY B 83 8.99 -19.84 15.38
CA GLY B 83 9.02 -19.93 13.93
C GLY B 83 8.33 -18.74 13.27
N HIS B 84 8.62 -18.58 11.98
CA HIS B 84 7.96 -17.52 11.22
C HIS B 84 6.46 -17.65 11.30
N ASN B 85 5.99 -18.86 11.53
CA ASN B 85 4.59 -19.25 11.53
C ASN B 85 4.02 -19.36 12.92
N CYS B 86 4.86 -19.38 13.94
CA CYS B 86 4.57 -19.95 15.25
C CYS B 86 4.19 -21.42 15.14
N GLY B 87 4.58 -22.07 14.06
CA GLY B 87 4.25 -23.45 13.80
C GLY B 87 5.20 -24.48 14.38
N THR B 88 6.31 -24.06 14.97
CA THR B 88 7.25 -24.99 15.57
C THR B 88 7.48 -24.55 17.01
N CYS B 89 8.54 -25.07 17.64
CA CYS B 89 8.82 -24.80 19.06
C CYS B 89 10.12 -24.03 19.19
N ARG B 90 10.24 -23.28 20.29
CA ARG B 90 11.49 -22.63 20.62
C ARG B 90 12.55 -23.69 20.87
N PRO B 91 13.82 -23.35 20.75
CA PRO B 91 14.85 -24.37 20.90
C PRO B 91 14.84 -24.93 22.32
N GLY B 92 14.90 -26.25 22.41
CA GLY B 92 14.75 -26.94 23.66
C GLY B 92 13.36 -27.46 23.96
N TRP B 93 12.44 -27.38 23.00
CA TRP B 93 11.06 -27.80 23.20
C TRP B 93 10.55 -28.50 21.96
N ARG B 94 9.50 -29.29 22.13
CA ARG B 94 8.93 -30.07 21.04
C ARG B 94 7.61 -30.67 21.50
N GLY B 95 6.83 -31.14 20.53
CA GLY B 95 5.49 -31.61 20.78
C GLY B 95 4.44 -30.61 20.33
N ALA B 96 3.23 -31.12 20.08
CA ALA B 96 2.16 -30.26 19.60
C ALA B 96 1.95 -29.06 20.50
N ALA B 97 2.15 -29.23 21.80
CA ALA B 97 2.04 -28.14 22.76
C ALA B 97 3.37 -27.52 23.14
N CYS B 98 4.47 -27.95 22.53
CA CYS B 98 5.79 -27.42 22.85
C CYS B 98 6.02 -27.46 24.36
N ASP B 99 5.66 -28.59 24.97
CA ASP B 99 5.79 -28.77 26.41
C ASP B 99 6.70 -29.93 26.78
N GLN B 100 7.34 -30.58 25.83
CA GLN B 100 8.30 -31.62 26.11
C GLN B 100 9.67 -31.07 25.77
N ARG B 101 10.67 -31.44 26.57
CA ARG B 101 11.92 -30.70 26.62
C ARG B 101 13.08 -31.57 26.12
N VAL B 102 13.85 -31.03 25.17
CA VAL B 102 14.97 -31.75 24.59
C VAL B 102 16.27 -31.07 24.95
N LEU B 103 17.30 -31.88 25.14
CA LEU B 103 18.67 -31.41 25.17
C LEU B 103 19.42 -32.30 24.20
N ILE B 104 19.94 -31.74 23.15
CA ILE B 104 20.70 -32.50 22.18
C ILE B 104 22.16 -32.17 22.40
N VAL B 105 23.03 -33.11 22.08
CA VAL B 105 24.45 -33.03 22.42
C VAL B 105 25.25 -32.92 21.15
N ARG B 106 26.06 -31.89 21.07
CA ARG B 106 27.00 -31.72 19.99
C ARG B 106 28.32 -32.36 20.38
N ARG B 107 28.78 -33.30 19.56
CA ARG B 107 29.92 -34.14 19.88
C ARG B 107 31.09 -33.86 18.94
N ASN B 108 32.27 -34.30 19.36
CA ASN B 108 33.46 -34.21 18.52
C ASN B 108 33.30 -35.14 17.34
N LEU B 109 33.49 -34.61 16.13
CA LEU B 109 33.26 -35.39 14.92
C LEU B 109 34.10 -36.66 14.92
N LEU B 110 35.31 -36.59 15.45
CA LEU B 110 36.18 -37.75 15.45
C LEU B 110 35.76 -38.84 16.42
N ASP B 111 34.91 -38.54 17.40
CA ASP B 111 34.41 -39.55 18.33
C ASP B 111 33.17 -40.27 17.86
N LEU B 112 32.61 -39.91 16.70
CA LEU B 112 31.41 -40.56 16.22
C LEU B 112 31.75 -41.94 15.69
N SER B 113 30.76 -42.82 15.65
CA SER B 113 30.96 -44.17 15.15
C SER B 113 31.06 -44.17 13.63
N LYS B 114 31.34 -45.35 13.06
CA LYS B 114 31.39 -45.42 11.62
C LYS B 114 30.06 -44.99 11.01
N GLU B 115 28.95 -45.55 11.50
CA GLU B 115 27.64 -45.24 10.96
C GLU B 115 27.31 -43.76 11.13
N GLU B 116 27.62 -43.19 12.29
CA GLU B 116 27.30 -41.81 12.56
C GLU B 116 28.09 -40.86 11.68
N LYS B 117 29.37 -41.15 11.46
CA LYS B 117 30.17 -40.34 10.55
C LYS B 117 29.53 -40.32 9.17
N ASN B 118 29.16 -41.48 8.67
CA ASN B 118 28.56 -41.57 7.36
C ASN B 118 27.21 -40.86 7.34
N HIS B 119 26.45 -40.96 8.44
CA HIS B 119 25.16 -40.29 8.50
C HIS B 119 25.32 -38.77 8.44
N PHE B 120 26.26 -38.22 9.20
CA PHE B 120 26.47 -36.79 9.18
C PHE B 120 26.86 -36.31 7.79
N VAL B 121 27.84 -36.99 7.16
CA VAL B 121 28.32 -36.59 5.85
C VAL B 121 27.19 -36.61 4.84
N ARG B 122 26.40 -37.69 4.85
CA ARG B 122 25.33 -37.78 3.89
C ARG B 122 24.20 -36.81 4.21
N ALA B 123 24.03 -36.44 5.47
CA ALA B 123 23.02 -35.43 5.77
C ALA B 123 23.45 -34.06 5.24
N LEU B 124 24.72 -33.68 5.43
CA LEU B 124 25.22 -32.46 4.83
C LEU B 124 25.04 -32.46 3.33
N ASP B 125 25.31 -33.59 2.68
CA ASP B 125 25.15 -33.62 1.24
C ASP B 125 23.71 -33.44 0.86
N MET B 126 22.80 -34.03 1.64
CA MET B 126 21.38 -33.86 1.39
C MET B 126 20.97 -32.40 1.58
N ALA B 127 21.55 -31.73 2.57
CA ALA B 127 21.23 -30.33 2.80
C ALA B 127 21.70 -29.45 1.65
N LYS B 128 22.78 -29.85 1.00
CA LYS B 128 23.30 -29.14 -0.17
C LYS B 128 22.40 -29.30 -1.39
N ARG B 129 21.67 -30.41 -1.50
CA ARG B 129 20.87 -30.67 -2.68
C ARG B 129 19.40 -30.36 -2.53
N THR B 130 18.90 -30.20 -1.31
CA THR B 130 17.47 -30.10 -1.03
C THR B 130 17.03 -28.64 -0.92
N THR B 131 15.99 -28.28 -1.66
CA THR B 131 15.44 -26.94 -1.59
C THR B 131 14.95 -26.63 -0.17
N HIS B 132 15.28 -25.44 0.30
CA HIS B 132 14.80 -25.00 1.61
C HIS B 132 13.29 -24.86 1.57
N PRO B 133 12.55 -25.54 2.46
CA PRO B 133 11.09 -25.44 2.41
C PRO B 133 10.55 -24.07 2.77
N LEU B 134 11.30 -23.26 3.52
CA LEU B 134 10.81 -22.02 4.08
C LEU B 134 11.35 -20.78 3.37
N PHE B 135 12.66 -20.62 3.31
CA PHE B 135 13.25 -19.35 2.90
C PHE B 135 13.57 -19.31 1.41
N VAL B 136 13.37 -18.14 0.82
CA VAL B 136 13.92 -17.79 -0.48
C VAL B 136 14.84 -16.60 -0.28
N ILE B 137 15.68 -16.33 -1.27
CA ILE B 137 16.70 -15.30 -1.11
C ILE B 137 16.54 -14.24 -2.19
N ALA B 138 16.85 -13.00 -1.83
CA ALA B 138 16.77 -11.91 -2.78
C ALA B 138 17.98 -11.89 -3.68
N THR B 139 17.78 -11.66 -4.97
CA THR B 139 18.89 -11.49 -5.89
C THR B 139 19.12 -10.03 -6.24
N ARG B 140 18.28 -9.14 -5.77
CA ARG B 140 18.41 -7.72 -6.02
C ARG B 140 18.23 -6.96 -4.70
N ARG B 141 18.73 -5.74 -4.66
CA ARG B 141 18.49 -4.91 -3.49
C ARG B 141 17.06 -4.37 -3.53
N SER B 142 16.66 -3.64 -2.48
CA SER B 142 15.24 -3.36 -2.29
C SER B 142 14.68 -2.51 -3.43
N GLU B 143 15.46 -1.57 -3.95
CA GLU B 143 14.95 -0.68 -4.97
C GLU B 143 14.55 -1.44 -6.22
N GLU B 144 15.13 -2.59 -6.47
CA GLU B 144 14.80 -3.39 -7.63
C GLU B 144 14.09 -4.67 -7.29
N ILE B 145 13.62 -4.83 -6.06
CA ILE B 145 13.16 -6.12 -5.58
C ILE B 145 11.92 -6.60 -6.33
N LEU B 146 11.16 -5.70 -6.92
CA LEU B 146 9.98 -6.10 -7.69
C LEU B 146 10.27 -6.28 -9.16
N GLY B 147 11.52 -6.26 -9.58
CA GLY B 147 11.87 -6.66 -10.93
C GLY B 147 11.68 -5.53 -11.93
N PRO B 148 12.12 -5.75 -13.16
CA PRO B 148 11.99 -4.70 -14.19
C PRO B 148 10.60 -4.13 -14.30
N ASP B 149 9.59 -4.98 -14.39
CA ASP B 149 8.21 -4.61 -14.58
C ASP B 149 7.53 -4.11 -13.31
N GLY B 150 8.24 -4.08 -12.19
CA GLY B 150 7.65 -3.69 -10.94
C GLY B 150 6.69 -4.69 -10.35
N ASN B 151 6.50 -5.84 -10.99
CA ASN B 151 5.49 -6.76 -10.49
C ASN B 151 6.00 -8.19 -10.40
N THR B 152 7.33 -8.37 -10.33
CA THR B 152 7.95 -9.70 -10.31
C THR B 152 8.98 -9.76 -9.19
N PRO B 153 8.61 -10.31 -8.03
CA PRO B 153 9.57 -10.40 -6.92
C PRO B 153 10.85 -11.11 -7.33
N GLN B 154 11.98 -10.47 -7.07
CA GLN B 154 13.28 -10.99 -7.48
C GLN B 154 13.86 -11.90 -6.40
N PHE B 155 13.16 -13.00 -6.15
CA PHE B 155 13.55 -13.98 -5.18
C PHE B 155 13.75 -15.33 -5.85
N GLU B 156 14.65 -16.13 -5.29
CA GLU B 156 14.95 -17.45 -5.80
C GLU B 156 14.93 -18.49 -4.69
N ASN B 157 14.58 -19.70 -5.07
CA ASN B 157 14.79 -20.84 -4.20
C ASN B 157 16.27 -21.13 -4.04
N ILE B 158 16.58 -21.76 -2.92
CA ILE B 158 17.95 -22.07 -2.58
C ILE B 158 17.92 -23.30 -1.68
N SER B 159 18.98 -24.08 -1.74
CA SER B 159 19.02 -25.29 -0.95
C SER B 159 19.25 -24.93 0.51
N ILE B 160 18.95 -25.89 1.39
CA ILE B 160 19.12 -25.70 2.82
C ILE B 160 20.53 -25.26 3.14
N TYR B 161 21.52 -25.93 2.54
CA TYR B 161 22.88 -25.56 2.88
C TYR B 161 23.30 -24.27 2.21
N ASN B 162 22.83 -24.00 1.00
CA ASN B 162 23.26 -22.77 0.35
C ASN B 162 22.63 -21.53 1.00
N TYR B 163 21.46 -21.69 1.60
CA TYR B 163 20.91 -20.64 2.46
C TYR B 163 21.86 -20.33 3.61
N PHE B 164 22.41 -21.36 4.23
CA PHE B 164 23.44 -21.18 5.24
C PHE B 164 24.62 -20.40 4.69
N VAL B 165 25.00 -20.64 3.43
CA VAL B 165 26.06 -19.86 2.82
C VAL B 165 25.58 -18.43 2.57
N TRP B 166 24.37 -18.31 2.04
CA TRP B 166 23.89 -17.01 1.59
C TRP B 166 23.79 -16.00 2.72
N THR B 167 23.30 -16.42 3.89
CA THR B 167 23.14 -15.47 4.99
C THR B 167 24.47 -14.95 5.49
N HIS B 168 25.49 -15.80 5.52
CA HIS B 168 26.84 -15.35 5.84
C HIS B 168 27.33 -14.33 4.82
N TYR B 169 27.14 -14.61 3.53
CA TYR B 169 27.51 -13.66 2.49
C TYR B 169 26.83 -12.32 2.68
N TYR B 170 25.50 -12.33 2.85
CA TYR B 170 24.74 -11.09 2.94
C TYR B 170 25.17 -10.26 4.14
N SER B 171 25.56 -10.90 5.24
CA SER B 171 25.96 -10.15 6.42
C SER B 171 27.31 -9.47 6.26
N VAL B 172 28.17 -9.97 5.37
CA VAL B 172 29.52 -9.44 5.19
C VAL B 172 29.70 -8.65 3.92
N LYS B 173 28.74 -8.65 3.00
CA LYS B 173 28.94 -8.02 1.71
C LYS B 173 29.09 -6.51 1.86
N LYS B 174 29.70 -5.90 0.86
CA LYS B 174 29.91 -4.47 0.82
C LYS B 174 28.62 -3.75 0.48
N THR B 175 28.50 -2.53 0.99
CA THR B 175 27.38 -1.64 0.69
C THR B 175 27.51 -1.09 -0.73
N PHE B 176 26.50 -1.28 -1.55
CA PHE B 176 26.53 -0.74 -2.90
C PHE B 176 26.12 0.72 -2.87
N LEU B 177 26.97 1.60 -3.39
CA LEU B 177 26.67 3.02 -3.39
C LEU B 177 26.13 3.50 -4.72
N GLY B 178 26.33 2.74 -5.78
CA GLY B 178 25.76 3.05 -7.07
C GLY B 178 26.72 2.67 -8.18
N VAL B 179 26.17 2.46 -9.37
CA VAL B 179 26.99 2.21 -10.52
C VAL B 179 27.89 3.41 -10.72
N GLY B 180 29.17 3.16 -10.94
CA GLY B 180 30.15 4.21 -11.06
C GLY B 180 30.86 4.59 -9.78
N GLN B 181 30.35 4.19 -8.61
CA GLN B 181 31.04 4.36 -7.35
C GLN B 181 31.60 3.06 -6.82
N GLU B 182 32.72 3.17 -6.11
CA GLU B 182 33.35 2.04 -5.46
C GLU B 182 32.59 1.65 -4.22
N SER B 183 32.23 0.38 -4.13
CA SER B 183 31.43 -0.11 -3.03
C SER B 183 32.19 0.03 -1.71
N PHE B 184 31.45 0.14 -0.63
CA PHE B 184 32.03 0.44 0.67
C PHE B 184 32.17 -0.84 1.48
N GLY B 185 33.37 -1.07 2.00
CA GLY B 185 33.66 -2.35 2.62
C GLY B 185 34.03 -2.33 4.09
N GLU B 186 34.01 -1.16 4.74
CA GLU B 186 34.30 -1.10 6.16
C GLU B 186 33.02 -1.32 6.96
N VAL B 187 32.42 -2.47 6.71
CA VAL B 187 31.17 -2.86 7.34
C VAL B 187 31.08 -4.36 7.30
N ASP B 188 30.58 -4.94 8.36
CA ASP B 188 30.45 -6.39 8.48
C ASP B 188 29.50 -6.67 9.62
N PHE B 189 28.31 -7.19 9.32
CA PHE B 189 27.28 -7.39 10.31
C PHE B 189 27.47 -8.66 11.11
N SER B 190 28.51 -9.43 10.86
CA SER B 190 28.71 -10.65 11.60
C SER B 190 30.15 -10.91 12.02
N HIS B 191 31.08 -9.99 11.74
CA HIS B 191 32.47 -10.14 12.13
C HIS B 191 32.98 -8.82 12.68
N GLU B 192 34.15 -8.87 13.32
CA GLU B 192 34.83 -7.69 13.77
C GLU B 192 33.94 -6.83 14.67
N GLY B 193 33.33 -7.48 15.65
CA GLY B 193 32.46 -6.79 16.57
C GLY B 193 31.80 -7.79 17.49
N PRO B 194 31.19 -7.31 18.56
CA PRO B 194 30.61 -8.23 19.55
C PRO B 194 29.56 -9.18 19.00
N ALA B 195 28.88 -8.86 17.91
CA ALA B 195 27.86 -9.79 17.42
C ALA B 195 28.44 -11.06 16.86
N PHE B 196 29.76 -11.14 16.68
CA PHE B 196 30.38 -12.28 16.01
C PHE B 196 29.92 -13.62 16.60
N LEU B 197 29.93 -13.73 17.93
CA LEU B 197 29.62 -15.00 18.57
C LEU B 197 28.14 -15.30 18.58
N THR B 198 27.30 -14.30 18.80
CA THR B 198 25.87 -14.55 18.84
C THR B 198 25.30 -14.76 17.44
N TRP B 199 25.78 -14.00 16.47
CA TRP B 199 25.41 -14.24 15.08
C TRP B 199 25.70 -15.68 14.67
N HIS B 200 26.93 -16.09 14.84
CA HIS B 200 27.33 -17.37 14.37
C HIS B 200 26.69 -18.48 15.19
N ARG B 201 26.24 -18.16 16.38
CA ARG B 201 25.50 -19.15 17.17
C ARG B 201 24.12 -19.38 16.57
N TYR B 202 23.40 -18.31 16.25
CA TYR B 202 22.10 -18.50 15.61
C TYR B 202 22.26 -19.17 14.25
N HIS B 203 23.27 -18.78 13.50
CA HIS B 203 23.62 -19.41 12.24
C HIS B 203 23.58 -20.92 12.32
N LEU B 204 24.27 -21.48 13.31
CA LEU B 204 24.32 -22.92 13.50
C LEU B 204 22.98 -23.46 13.97
N LEU B 205 22.34 -22.78 14.92
CA LEU B 205 21.07 -23.25 15.44
C LEU B 205 20.05 -23.41 14.32
N ARG B 206 20.10 -22.50 13.34
CA ARG B 206 19.17 -22.55 12.23
C ARG B 206 19.53 -23.65 11.24
N LEU B 207 20.81 -23.88 11.00
CA LEU B 207 21.18 -25.00 10.16
C LEU B 207 20.78 -26.31 10.83
N GLU B 208 21.05 -26.44 12.13
CA GLU B 208 20.72 -27.65 12.88
C GLU B 208 19.24 -27.94 12.84
N LYS B 209 18.42 -26.91 13.04
CA LYS B 209 16.98 -27.08 12.97
C LYS B 209 16.54 -27.50 11.59
N ASP B 210 17.06 -26.84 10.56
CA ASP B 210 16.67 -27.17 9.19
C ASP B 210 16.98 -28.62 8.86
N MET B 211 18.11 -29.14 9.33
CA MET B 211 18.46 -30.51 8.98
C MET B 211 17.63 -31.52 9.78
N GLN B 212 17.34 -31.21 11.05
CA GLN B 212 16.45 -32.06 11.83
C GLN B 212 15.13 -32.25 11.12
N GLU B 213 14.57 -31.17 10.60
CA GLU B 213 13.32 -31.28 9.87
C GLU B 213 13.50 -31.93 8.51
N MET B 214 14.60 -31.63 7.83
CA MET B 214 14.89 -32.28 6.55
C MET B 214 15.00 -33.78 6.71
N LEU B 215 15.72 -34.23 7.75
CA LEU B 215 15.90 -35.65 8.02
C LEU B 215 14.74 -36.28 8.77
N GLN B 216 13.81 -35.47 9.27
CA GLN B 216 12.81 -35.94 10.22
C GLN B 216 13.48 -36.71 11.37
N GLU B 217 14.55 -36.11 11.90
CA GLU B 217 15.27 -36.61 13.07
C GLU B 217 15.39 -35.47 14.06
N PRO B 218 14.44 -35.36 14.99
CA PRO B 218 14.47 -34.24 15.93
C PRO B 218 15.75 -34.12 16.72
N SER B 219 16.48 -35.20 16.93
CA SER B 219 17.67 -35.15 17.79
C SER B 219 18.97 -35.05 17.03
N PHE B 220 18.93 -34.94 15.71
CA PHE B 220 20.14 -34.71 14.95
C PHE B 220 20.85 -33.46 15.47
N SER B 221 22.17 -33.51 15.51
CA SER B 221 22.96 -32.42 16.06
C SER B 221 24.22 -32.23 15.23
N LEU B 222 24.68 -30.99 15.16
CA LEU B 222 25.89 -30.66 14.43
C LEU B 222 27.10 -30.97 15.28
N PRO B 223 28.00 -31.82 14.83
CA PRO B 223 29.21 -32.11 15.59
C PRO B 223 30.23 -30.98 15.46
N TYR B 224 31.36 -31.13 16.13
CA TYR B 224 32.37 -30.08 16.06
C TYR B 224 33.74 -30.64 15.70
N TRP B 225 34.62 -29.72 15.31
CA TRP B 225 36.01 -30.00 15.00
C TRP B 225 36.86 -29.26 16.01
N ASN B 226 37.54 -30.01 16.86
CA ASN B 226 38.53 -29.40 17.74
C ASN B 226 39.76 -29.04 16.92
N PHE B 227 39.82 -27.83 16.38
CA PHE B 227 40.96 -27.38 15.60
C PHE B 227 42.11 -26.87 16.45
N ALA B 228 41.99 -26.90 17.78
CA ALA B 228 43.03 -26.35 18.65
C ALA B 228 43.98 -27.46 19.12
N THR B 229 44.61 -28.10 18.13
CA THR B 229 45.49 -29.23 18.32
C THR B 229 46.94 -28.94 17.97
N GLY B 230 47.25 -27.73 17.52
CA GLY B 230 48.60 -27.37 17.13
C GLY B 230 49.10 -28.13 15.93
N LYS B 231 48.22 -28.81 15.22
CA LYS B 231 48.68 -29.70 14.17
C LYS B 231 49.00 -28.96 12.89
N ASN B 232 49.83 -29.61 12.10
CA ASN B 232 50.27 -29.23 10.77
C ASN B 232 49.26 -29.61 9.70
N VAL B 233 48.31 -30.46 10.02
CA VAL B 233 47.44 -31.07 9.04
C VAL B 233 46.01 -30.91 9.51
N CYS B 234 45.10 -31.24 8.64
CA CYS B 234 43.68 -31.19 8.91
C CYS B 234 43.23 -32.60 9.23
N ASP B 235 42.96 -32.89 10.51
CA ASP B 235 42.65 -34.25 10.94
C ASP B 235 41.23 -34.69 10.64
N ILE B 236 40.35 -33.79 10.20
CA ILE B 236 39.04 -34.20 9.71
C ILE B 236 38.98 -34.23 8.20
N CYS B 237 40.10 -33.94 7.54
CA CYS B 237 40.14 -33.94 6.07
C CYS B 237 40.50 -35.32 5.56
N THR B 238 39.62 -36.26 5.82
CA THR B 238 39.73 -37.62 5.34
C THR B 238 38.43 -37.96 4.65
N ASP B 239 38.46 -38.96 3.77
CA ASP B 239 37.36 -39.19 2.85
C ASP B 239 36.11 -39.77 3.51
N ASP B 240 36.22 -40.31 4.71
CA ASP B 240 35.03 -40.67 5.47
C ASP B 240 34.49 -39.50 6.28
N LEU B 241 35.22 -38.40 6.34
CA LEU B 241 34.73 -37.20 7.00
C LEU B 241 34.64 -36.10 5.96
N MET B 242 35.48 -35.08 6.04
CA MET B 242 35.30 -33.90 5.20
C MET B 242 36.09 -33.94 3.89
N GLY B 243 36.75 -35.04 3.57
CA GLY B 243 37.43 -35.15 2.30
C GLY B 243 38.92 -34.90 2.37
N SER B 244 39.72 -35.80 1.84
CA SER B 244 41.15 -35.62 1.85
C SER B 244 41.56 -34.84 0.61
N ARG B 245 42.85 -34.54 0.51
CA ARG B 245 43.35 -33.79 -0.62
C ARG B 245 43.26 -34.64 -1.90
N SER B 246 42.94 -33.99 -3.01
CA SER B 246 42.87 -34.68 -4.30
C SER B 246 44.27 -35.00 -4.80
N ASN B 247 44.45 -36.23 -5.25
CA ASN B 247 45.77 -36.56 -5.75
C ASN B 247 46.06 -35.99 -7.13
N PHE B 248 45.06 -35.45 -7.80
CA PHE B 248 45.24 -34.82 -9.10
C PHE B 248 45.33 -33.30 -9.04
N ASP B 249 45.03 -32.69 -7.90
CA ASP B 249 45.10 -31.23 -7.77
C ASP B 249 45.11 -30.92 -6.28
N SER B 250 46.25 -30.46 -5.78
CA SER B 250 46.46 -30.21 -4.35
C SER B 250 45.47 -29.23 -3.74
N THR B 251 44.73 -28.47 -4.53
CA THR B 251 43.78 -27.50 -4.00
C THR B 251 42.35 -27.97 -4.11
N LEU B 252 42.11 -29.21 -4.51
CA LEU B 252 40.75 -29.72 -4.61
C LEU B 252 40.55 -30.84 -3.61
N ILE B 253 39.33 -31.25 -3.46
CA ILE B 253 39.01 -32.33 -2.53
C ILE B 253 38.98 -33.62 -3.31
N SER B 254 39.46 -34.69 -2.69
CA SER B 254 39.50 -36.03 -3.23
C SER B 254 38.22 -36.40 -3.96
N PRO B 255 38.30 -36.84 -5.21
CA PRO B 255 37.11 -37.29 -5.92
C PRO B 255 36.34 -38.38 -5.22
N ASN B 256 36.91 -39.01 -4.20
CA ASN B 256 36.20 -40.01 -3.43
C ASN B 256 35.42 -39.43 -2.25
N SER B 257 35.28 -38.12 -2.17
CA SER B 257 34.42 -37.48 -1.18
C SER B 257 33.31 -36.74 -1.91
N VAL B 258 32.08 -36.85 -1.41
CA VAL B 258 30.97 -36.11 -2.01
C VAL B 258 31.28 -34.62 -2.07
N PHE B 259 32.07 -34.11 -1.12
CA PHE B 259 32.33 -32.69 -1.10
C PHE B 259 33.12 -32.22 -2.31
N SER B 260 33.69 -33.15 -3.09
CA SER B 260 34.33 -32.78 -4.35
C SER B 260 33.33 -32.48 -5.43
N GLN B 261 32.08 -32.90 -5.24
CA GLN B 261 31.01 -32.64 -6.20
C GLN B 261 30.27 -31.33 -5.94
N TRP B 262 30.46 -30.69 -4.78
CA TRP B 262 29.81 -29.43 -4.49
C TRP B 262 30.33 -28.32 -5.39
N ARG B 263 29.43 -27.40 -5.72
CA ARG B 263 29.78 -26.18 -6.44
C ARG B 263 29.28 -24.98 -5.62
N VAL B 264 30.06 -23.91 -5.59
CA VAL B 264 29.88 -22.86 -4.60
C VAL B 264 28.94 -21.77 -5.12
N VAL B 265 28.32 -21.07 -4.18
CA VAL B 265 27.49 -19.91 -4.47
C VAL B 265 28.18 -18.67 -3.92
N CYS B 266 27.88 -17.54 -4.54
CA CYS B 266 28.30 -16.19 -4.13
C CYS B 266 29.73 -15.86 -4.49
N ASP B 267 30.34 -16.53 -5.46
CA ASP B 267 31.72 -16.21 -5.83
C ASP B 267 31.81 -15.23 -6.98
N SER B 268 30.87 -14.30 -7.12
CA SER B 268 31.00 -13.29 -8.17
C SER B 268 30.98 -11.88 -7.58
N LEU B 269 31.93 -11.58 -6.69
CA LEU B 269 31.95 -10.27 -6.06
C LEU B 269 32.11 -9.17 -7.10
N GLU B 270 32.81 -9.46 -8.19
CA GLU B 270 33.00 -8.46 -9.24
C GLU B 270 31.66 -7.94 -9.74
N ASP B 271 30.64 -8.78 -9.79
CA ASP B 271 29.36 -8.38 -10.31
C ASP B 271 28.48 -7.73 -9.25
N TYR B 272 28.36 -8.37 -8.08
CA TYR B 272 27.49 -7.82 -7.04
C TYR B 272 27.89 -6.39 -6.72
N ASP B 273 29.18 -6.13 -6.65
CA ASP B 273 29.69 -4.86 -6.16
C ASP B 273 29.85 -3.81 -7.24
N THR B 274 29.60 -4.13 -8.51
CA THR B 274 29.54 -3.11 -9.55
C THR B 274 28.17 -2.98 -10.16
N LEU B 275 27.40 -4.07 -10.24
CA LEU B 275 26.06 -3.99 -10.78
C LEU B 275 25.00 -3.79 -9.72
N GLY B 276 25.34 -3.89 -8.44
CA GLY B 276 24.36 -3.70 -7.39
C GLY B 276 23.49 -4.90 -7.13
N THR B 277 23.84 -6.04 -7.70
CA THR B 277 23.13 -7.29 -7.50
C THR B 277 23.53 -7.94 -6.18
N LEU B 278 22.94 -9.11 -5.94
CA LEU B 278 23.25 -9.94 -4.79
C LEU B 278 23.54 -11.35 -5.27
N CYS B 279 24.24 -12.11 -4.43
CA CYS B 279 24.45 -13.52 -4.68
C CYS B 279 23.15 -14.26 -4.97
N ASN B 280 23.14 -15.06 -6.04
CA ASN B 280 21.98 -15.85 -6.38
C ASN B 280 22.29 -17.34 -6.21
N SER B 281 21.34 -18.18 -6.58
CA SER B 281 21.41 -19.60 -6.26
C SER B 281 22.21 -20.42 -7.25
N THR B 282 22.73 -19.82 -8.30
CA THR B 282 23.48 -20.55 -9.31
C THR B 282 24.88 -20.88 -8.79
N GLU B 283 25.21 -22.17 -8.79
CA GLU B 283 26.53 -22.56 -8.33
C GLU B 283 27.56 -22.37 -9.47
N ASP B 284 28.84 -22.31 -9.10
CA ASP B 284 29.88 -22.07 -10.10
C ASP B 284 31.28 -22.32 -9.56
N GLY B 285 31.81 -23.52 -9.77
CA GLY B 285 33.16 -23.79 -9.38
C GLY B 285 33.23 -24.60 -8.11
N PRO B 286 34.28 -25.40 -7.97
CA PRO B 286 34.36 -26.32 -6.85
C PRO B 286 34.93 -25.66 -5.61
N ILE B 287 34.79 -26.35 -4.48
CA ILE B 287 35.48 -25.97 -3.26
C ILE B 287 36.98 -26.06 -3.45
N ARG B 288 37.70 -25.01 -3.06
CA ARG B 288 39.16 -25.01 -2.97
C ARG B 288 39.59 -25.13 -1.50
N ARG B 289 40.45 -26.10 -1.23
CA ARG B 289 40.96 -26.32 0.12
C ARG B 289 42.37 -26.85 -0.01
N ASN B 290 43.28 -26.27 0.77
CA ASN B 290 44.68 -26.63 0.73
C ASN B 290 45.26 -26.43 2.13
N PRO B 291 44.93 -27.32 3.05
CA PRO B 291 45.33 -27.10 4.46
C PRO B 291 46.83 -26.99 4.58
N ALA B 292 47.28 -26.04 5.40
CA ALA B 292 48.68 -25.70 5.61
C ALA B 292 49.38 -25.21 4.34
N GLY B 293 48.64 -24.90 3.29
CA GLY B 293 49.23 -24.58 2.01
C GLY B 293 49.66 -23.15 1.80
N ASN B 294 49.40 -22.25 2.73
CA ASN B 294 49.72 -20.83 2.49
C ASN B 294 51.20 -20.60 2.75
N VAL B 295 52.02 -21.02 1.78
CA VAL B 295 53.48 -20.94 1.90
C VAL B 295 53.96 -19.51 2.08
N ALA B 296 53.28 -18.53 1.48
CA ALA B 296 53.65 -17.12 1.61
C ALA B 296 53.29 -16.52 2.97
N ARG B 297 52.49 -17.19 3.77
CA ARG B 297 52.02 -16.66 5.05
C ARG B 297 52.21 -17.74 6.10
N PRO B 298 53.45 -17.96 6.56
CA PRO B 298 53.72 -19.10 7.45
C PRO B 298 52.90 -19.11 8.72
N MET B 299 52.50 -17.94 9.22
CA MET B 299 51.77 -17.90 10.47
C MET B 299 50.46 -18.67 10.40
N VAL B 300 49.91 -18.87 9.22
CA VAL B 300 48.63 -19.57 9.13
C VAL B 300 48.83 -20.96 8.55
N GLN B 301 50.01 -21.52 8.73
CA GLN B 301 50.28 -22.89 8.28
C GLN B 301 50.26 -23.89 9.41
N ARG B 302 49.92 -23.48 10.62
CA ARG B 302 49.71 -24.41 11.72
C ARG B 302 48.46 -23.98 12.48
N LEU B 303 47.73 -24.95 13.02
CA LEU B 303 46.48 -24.68 13.70
C LEU B 303 46.76 -24.16 15.11
N PRO B 304 45.73 -23.68 15.81
CA PRO B 304 45.96 -23.19 17.17
C PRO B 304 46.46 -24.29 18.09
N GLU B 305 47.31 -23.93 19.03
CA GLU B 305 47.80 -24.81 20.07
C GLU B 305 46.70 -25.01 21.12
N PRO B 306 46.69 -26.13 21.83
CA PRO B 306 45.72 -26.32 22.92
C PRO B 306 45.71 -25.22 23.97
N GLN B 307 46.88 -24.68 24.33
CA GLN B 307 46.91 -23.62 25.34
C GLN B 307 46.25 -22.34 24.87
N ASP B 308 46.04 -22.19 23.56
CA ASP B 308 45.40 -20.99 23.06
C ASP B 308 43.96 -20.91 23.54
N VAL B 309 43.25 -22.05 23.57
CA VAL B 309 41.89 -22.06 24.08
C VAL B 309 41.88 -21.81 25.58
N ALA B 310 42.81 -22.43 26.31
CA ALA B 310 42.82 -22.26 27.76
C ALA B 310 43.11 -20.82 28.14
N GLN B 311 43.93 -20.13 27.35
CA GLN B 311 44.24 -18.76 27.68
C GLN B 311 43.10 -17.82 27.37
N CYS B 312 42.46 -17.98 26.22
CA CYS B 312 41.40 -17.05 25.86
C CYS B 312 40.23 -17.16 26.82
N LEU B 313 40.00 -18.35 27.38
CA LEU B 313 38.97 -18.49 28.40
C LEU B 313 39.33 -17.83 29.73
N GLU B 314 40.52 -17.23 29.86
CA GLU B 314 40.86 -16.47 31.05
C GLU B 314 40.69 -14.98 30.85
N VAL B 315 40.27 -14.55 29.66
CA VAL B 315 39.95 -13.15 29.42
C VAL B 315 38.50 -12.93 29.85
N GLY B 316 38.30 -12.12 30.88
CA GLY B 316 37.03 -12.05 31.59
C GLY B 316 36.01 -11.04 31.11
N LEU B 317 36.43 -10.06 30.32
CA LEU B 317 35.48 -9.12 29.74
C LEU B 317 35.05 -9.67 28.40
N PHE B 318 33.73 -9.73 28.16
CA PHE B 318 33.26 -10.26 26.88
C PHE B 318 33.83 -9.47 25.71
N ASP B 319 33.67 -8.15 25.72
CA ASP B 319 34.23 -7.31 24.68
C ASP B 319 34.64 -5.99 25.33
N THR B 320 35.46 -5.23 24.63
CA THR B 320 35.91 -3.94 25.12
C THR B 320 35.89 -2.93 23.99
N PRO B 321 35.76 -1.63 24.30
CA PRO B 321 35.83 -0.58 23.27
C PRO B 321 37.11 -0.67 22.47
N PRO B 322 37.06 -0.33 21.18
CA PRO B 322 35.90 0.19 20.45
C PRO B 322 35.00 -0.89 19.89
N PHE B 323 35.01 -2.07 20.51
CA PHE B 323 34.17 -3.19 20.09
C PHE B 323 34.40 -3.55 18.62
N TYR B 324 35.66 -3.77 18.26
CA TYR B 324 36.03 -3.91 16.87
C TYR B 324 37.18 -4.91 16.74
N SER B 325 37.67 -5.09 15.52
CA SER B 325 38.70 -6.08 15.29
C SER B 325 40.04 -5.68 15.89
N ASN B 326 40.17 -4.49 16.45
CA ASN B 326 41.36 -4.10 17.19
C ASN B 326 41.10 -3.91 18.68
N SER B 327 40.07 -4.52 19.24
CA SER B 327 39.89 -4.44 20.68
C SER B 327 40.96 -5.26 21.39
N THR B 328 41.27 -4.84 22.61
CA THR B 328 42.26 -5.50 23.45
C THR B 328 41.63 -5.92 24.77
N ASN B 329 42.11 -7.04 25.31
CA ASN B 329 41.51 -7.66 26.49
C ASN B 329 40.03 -7.95 26.30
N SER B 330 39.62 -8.21 25.07
CA SER B 330 38.25 -8.59 24.74
C SER B 330 38.23 -10.07 24.41
N PHE B 331 37.42 -10.83 25.14
CA PHE B 331 37.29 -12.25 24.86
C PHE B 331 36.79 -12.49 23.46
N ARG B 332 35.75 -11.75 23.07
CA ARG B 332 35.18 -11.89 21.75
C ARG B 332 36.23 -11.67 20.68
N ASN B 333 37.04 -10.62 20.82
CA ASN B 333 38.08 -10.39 19.83
C ASN B 333 39.18 -11.43 19.91
N THR B 334 39.39 -12.01 21.09
CA THR B 334 40.39 -13.06 21.23
C THR B 334 39.98 -14.33 20.51
N VAL B 335 38.78 -14.83 20.81
CA VAL B 335 38.33 -16.09 20.20
C VAL B 335 38.05 -15.88 18.73
N GLU B 336 37.61 -14.69 18.33
CA GLU B 336 37.47 -14.42 16.91
C GLU B 336 38.81 -14.53 16.21
N GLY B 337 39.87 -14.13 16.88
CA GLY B 337 41.22 -14.33 16.41
C GLY B 337 41.95 -13.12 15.89
N TYR B 338 41.64 -11.94 16.42
CA TYR B 338 42.40 -10.75 16.06
C TYR B 338 43.35 -10.30 17.16
N SER B 339 43.28 -10.91 18.34
CA SER B 339 44.25 -10.73 19.40
C SER B 339 44.95 -12.05 19.68
N ASP B 340 46.09 -11.99 20.37
CA ASP B 340 46.71 -13.25 20.73
C ASP B 340 45.91 -13.89 21.88
N PRO B 341 46.11 -15.19 22.12
CA PRO B 341 45.21 -15.90 23.04
C PRO B 341 45.16 -15.35 24.44
N THR B 342 46.12 -14.55 24.87
CA THR B 342 46.01 -13.91 26.18
C THR B 342 45.05 -12.73 26.18
N GLY B 343 44.65 -12.24 25.01
CA GLY B 343 43.78 -11.08 24.91
C GLY B 343 44.47 -9.83 24.40
N LYS B 344 45.76 -9.90 24.13
CA LYS B 344 46.54 -8.75 23.71
C LYS B 344 46.36 -8.54 22.20
N TYR B 345 45.93 -7.36 21.81
CA TYR B 345 45.77 -7.08 20.38
C TYR B 345 47.13 -6.92 19.72
N ASP B 346 47.18 -7.26 18.46
CA ASP B 346 48.39 -7.20 17.68
C ASP B 346 47.99 -7.33 16.22
N PRO B 347 48.20 -6.29 15.41
CA PRO B 347 47.72 -6.31 14.03
C PRO B 347 48.28 -7.46 13.22
N ALA B 348 49.40 -8.02 13.62
CA ALA B 348 49.95 -9.16 12.89
C ALA B 348 49.18 -10.44 13.17
N VAL B 349 48.80 -10.66 14.44
CA VAL B 349 48.36 -11.97 14.88
C VAL B 349 47.02 -12.37 14.23
N ARG B 350 46.94 -13.64 13.83
CA ARG B 350 45.69 -14.30 13.50
C ARG B 350 45.66 -15.60 14.29
N SER B 351 44.65 -15.76 15.13
CA SER B 351 44.61 -16.86 16.09
C SER B 351 43.24 -17.51 16.10
N LEU B 352 43.15 -18.62 16.82
CA LEU B 352 41.94 -19.39 17.05
C LEU B 352 41.01 -19.40 15.83
N HIS B 353 39.84 -18.75 15.92
CA HIS B 353 38.85 -18.87 14.85
C HIS B 353 39.40 -18.40 13.51
N ASN B 354 39.97 -17.20 13.47
CA ASN B 354 40.56 -16.71 12.22
C ASN B 354 41.65 -17.63 11.71
N LEU B 355 42.49 -18.15 12.60
CA LEU B 355 43.58 -19.02 12.19
C LEU B 355 43.04 -20.30 11.56
N ALA B 356 42.05 -20.90 12.20
CA ALA B 356 41.49 -22.12 11.65
C ALA B 356 40.89 -21.88 10.28
N HIS B 357 40.34 -20.69 10.03
CA HIS B 357 39.86 -20.35 8.69
C HIS B 357 41.02 -20.26 7.71
N LEU B 358 42.01 -19.44 8.02
CA LEU B 358 43.10 -19.17 7.10
C LEU B 358 43.96 -20.39 6.84
N PHE B 359 44.01 -21.31 7.81
CA PHE B 359 44.75 -22.54 7.64
C PHE B 359 44.24 -23.33 6.45
N LEU B 360 42.96 -23.18 6.11
CA LEU B 360 42.42 -23.95 5.01
C LEU B 360 42.91 -23.47 3.65
N ASN B 361 43.51 -22.28 3.59
CA ASN B 361 44.13 -21.73 2.36
C ASN B 361 43.26 -22.00 1.14
N GLY B 362 42.03 -21.51 1.19
CA GLY B 362 41.11 -21.79 0.12
C GLY B 362 39.75 -21.19 0.35
N THR B 363 38.73 -21.81 -0.24
CA THR B 363 37.36 -21.32 -0.10
C THR B 363 36.97 -21.06 1.35
N GLY B 364 37.34 -21.95 2.26
CA GLY B 364 37.02 -21.78 3.66
C GLY B 364 37.74 -20.64 4.33
N GLY B 365 38.68 -20.02 3.65
CA GLY B 365 39.46 -18.94 4.23
C GLY B 365 39.25 -17.62 3.53
N GLN B 366 38.13 -17.47 2.83
CA GLN B 366 37.71 -16.22 2.21
C GLN B 366 36.37 -15.78 2.79
N THR B 367 36.28 -14.51 3.18
CA THR B 367 35.14 -14.07 3.99
C THR B 367 33.81 -14.21 3.23
N HIS B 368 33.77 -13.81 1.97
CA HIS B 368 32.50 -13.90 1.27
C HIS B 368 32.10 -15.33 0.95
N LEU B 369 32.97 -16.30 1.16
CA LEU B 369 32.78 -17.63 0.59
C LEU B 369 32.82 -18.75 1.61
N SER B 370 33.27 -18.48 2.84
CA SER B 370 33.78 -19.54 3.70
C SER B 370 32.80 -20.62 4.12
N PRO B 371 31.49 -20.40 4.26
CA PRO B 371 30.60 -21.52 4.55
C PRO B 371 30.47 -22.53 3.41
N ASN B 372 30.91 -22.20 2.20
CA ASN B 372 30.86 -23.14 1.08
C ASN B 372 31.66 -24.41 1.37
N ASP B 373 32.71 -24.30 2.14
CA ASP B 373 33.44 -25.45 2.60
C ASP B 373 32.80 -25.93 3.89
N PRO B 374 32.24 -27.14 3.94
CA PRO B 374 31.45 -27.51 5.10
C PRO B 374 32.26 -27.65 6.36
N ILE B 375 33.59 -27.60 6.30
CA ILE B 375 34.36 -27.51 7.53
C ILE B 375 33.90 -26.34 8.37
N PHE B 376 33.40 -25.28 7.72
CA PHE B 376 32.87 -24.10 8.40
C PHE B 376 31.91 -24.49 9.52
N VAL B 377 31.00 -25.44 9.24
CA VAL B 377 30.05 -25.88 10.24
C VAL B 377 30.78 -26.38 11.48
N LEU B 378 31.79 -27.21 11.29
CA LEU B 378 32.46 -27.85 12.42
C LEU B 378 33.44 -26.91 13.10
N LEU B 379 34.01 -25.98 12.33
CA LEU B 379 34.81 -24.91 12.90
C LEU B 379 33.97 -24.01 13.80
N HIS B 380 32.73 -23.77 13.45
CA HIS B 380 31.94 -22.83 14.24
C HIS B 380 31.18 -23.49 15.37
N THR B 381 30.82 -24.77 15.29
CA THR B 381 30.29 -25.42 16.49
C THR B 381 31.35 -25.50 17.58
N PHE B 382 32.61 -25.69 17.20
CA PHE B 382 33.67 -25.63 18.21
C PHE B 382 33.88 -24.21 18.70
N THR B 383 33.86 -23.22 17.80
CA THR B 383 33.93 -21.85 18.26
C THR B 383 32.76 -21.52 19.19
N ASP B 384 31.56 -21.99 18.87
CA ASP B 384 30.42 -21.79 19.75
C ASP B 384 30.60 -22.51 21.08
N ALA B 385 31.29 -23.65 21.10
CA ALA B 385 31.52 -24.35 22.36
C ALA B 385 32.42 -23.54 23.29
N VAL B 386 33.45 -22.90 22.76
CA VAL B 386 34.27 -22.01 23.58
C VAL B 386 33.41 -20.88 24.13
N PHE B 387 32.61 -20.27 23.26
CA PHE B 387 31.70 -19.21 23.68
C PHE B 387 30.82 -19.68 24.82
N ASP B 388 30.27 -20.89 24.72
CA ASP B 388 29.36 -21.36 25.75
C ASP B 388 30.09 -21.61 27.06
N GLU B 389 31.33 -22.12 27.00
CA GLU B 389 32.09 -22.28 28.23
C GLU B 389 32.36 -20.93 28.88
N TRP B 390 32.62 -19.91 28.05
CA TRP B 390 32.79 -18.57 28.60
C TRP B 390 31.53 -18.12 29.33
N LEU B 391 30.36 -18.38 28.75
CA LEU B 391 29.11 -17.98 29.38
C LEU B 391 28.90 -18.71 30.70
N ARG B 392 29.20 -20.00 30.75
CA ARG B 392 29.15 -20.72 32.01
C ARG B 392 30.12 -20.12 33.00
N ARG B 393 31.33 -19.84 32.54
CA ARG B 393 32.41 -19.49 33.43
C ARG B 393 32.28 -18.11 34.02
N TYR B 394 31.68 -17.18 33.29
CA TYR B 394 31.53 -15.80 33.75
C TYR B 394 30.07 -15.43 33.94
N ASN B 395 29.20 -16.42 34.08
CA ASN B 395 27.82 -16.21 34.50
C ASN B 395 27.06 -15.41 33.48
N ALA B 396 27.44 -15.55 32.22
CA ALA B 396 26.74 -14.93 31.12
C ALA B 396 26.70 -13.41 31.31
N ASP B 397 27.83 -12.84 31.70
CA ASP B 397 27.97 -11.42 32.01
C ASP B 397 27.85 -10.60 30.74
N ILE B 398 26.66 -10.07 30.49
CA ILE B 398 26.36 -9.31 29.28
C ILE B 398 26.71 -7.84 29.43
N SER B 399 27.26 -7.42 30.57
CA SER B 399 27.36 -5.99 30.83
C SER B 399 28.28 -5.28 29.82
N THR B 400 29.33 -5.94 29.33
CA THR B 400 30.22 -5.29 28.37
C THR B 400 29.76 -5.41 26.92
N PHE B 401 28.71 -6.15 26.64
CA PHE B 401 28.18 -6.19 25.30
C PHE B 401 27.48 -4.85 25.04
N PRO B 402 28.05 -3.95 24.25
CA PRO B 402 27.55 -2.57 24.24
C PRO B 402 26.14 -2.46 23.69
N LEU B 403 25.38 -1.53 24.26
CA LEU B 403 24.07 -1.23 23.73
C LEU B 403 24.11 -0.22 22.60
N GLU B 404 25.16 0.58 22.51
CA GLU B 404 25.28 1.54 21.44
C GLU B 404 26.75 1.79 21.16
N ASN B 405 27.01 2.47 20.05
CA ASN B 405 28.33 2.85 19.55
C ASN B 405 29.18 1.66 19.12
N ALA B 406 28.59 0.48 18.95
CA ALA B 406 29.26 -0.64 18.31
C ALA B 406 29.24 -0.43 16.82
N PRO B 407 30.10 -1.13 16.07
CA PRO B 407 29.97 -1.09 14.61
C PRO B 407 28.55 -1.45 14.22
N ILE B 408 28.08 -0.89 13.11
CA ILE B 408 26.71 -1.11 12.72
C ILE B 408 26.49 -2.61 12.60
N GLY B 409 25.41 -3.09 13.19
CA GLY B 409 25.07 -4.48 13.25
C GLY B 409 25.35 -5.14 14.58
N HIS B 410 26.24 -4.57 15.40
CA HIS B 410 26.71 -5.22 16.61
C HIS B 410 26.18 -4.60 17.90
N ASN B 411 25.31 -3.60 17.83
CA ASN B 411 24.64 -3.16 19.05
C ASN B 411 23.86 -4.33 19.64
N ARG B 412 23.73 -4.32 20.97
CA ARG B 412 23.15 -5.47 21.64
C ARG B 412 21.76 -5.81 21.12
N GLN B 413 20.94 -4.81 20.84
CA GLN B 413 19.57 -5.05 20.41
C GLN B 413 19.39 -5.07 18.89
N TYR B 414 20.47 -4.99 18.13
CA TYR B 414 20.36 -5.16 16.69
C TYR B 414 19.83 -6.55 16.38
N ASN B 415 18.87 -6.62 15.47
CA ASN B 415 18.45 -7.90 14.94
C ASN B 415 19.54 -8.43 14.00
N MET B 416 20.03 -9.63 14.28
CA MET B 416 21.17 -10.16 13.54
C MET B 416 20.80 -10.38 12.08
N VAL B 417 21.65 -9.91 11.19
CA VAL B 417 21.29 -9.80 9.80
C VAL B 417 21.74 -11.00 8.98
N PRO B 418 20.84 -11.59 8.21
CA PRO B 418 19.47 -11.18 7.95
C PRO B 418 18.47 -12.18 8.44
N PHE B 419 18.59 -12.66 9.66
CA PHE B 419 17.78 -13.80 10.07
C PHE B 419 16.32 -13.40 10.23
N TRP B 420 15.45 -14.37 10.04
CA TRP B 420 14.01 -14.19 10.17
C TRP B 420 13.38 -15.36 10.93
N PRO B 421 12.47 -15.05 11.87
CA PRO B 421 12.02 -13.74 12.38
C PRO B 421 13.14 -12.97 13.04
N PRO B 422 12.94 -11.67 13.28
CA PRO B 422 14.00 -10.89 13.91
C PRO B 422 14.41 -11.51 15.23
N VAL B 423 15.72 -11.58 15.45
CA VAL B 423 16.28 -12.22 16.62
C VAL B 423 17.52 -11.44 17.02
N THR B 424 17.57 -11.03 18.28
CA THR B 424 18.60 -10.10 18.70
C THR B 424 19.82 -10.85 19.21
N ASN B 425 20.93 -10.13 19.33
CA ASN B 425 22.10 -10.68 19.98
C ASN B 425 21.80 -11.11 21.42
N THR B 426 20.92 -10.37 22.10
CA THR B 426 20.62 -10.69 23.50
C THR B 426 20.03 -12.08 23.65
N GLU B 427 19.17 -12.48 22.72
CA GLU B 427 18.48 -13.77 22.82
C GLU B 427 19.45 -14.95 22.73
N MET B 428 20.63 -14.75 22.16
CA MET B 428 21.66 -15.77 22.05
C MET B 428 22.70 -15.70 23.15
N PHE B 429 22.74 -14.60 23.90
CA PHE B 429 23.71 -14.43 24.99
C PHE B 429 23.18 -15.11 26.26
N VAL B 430 23.02 -16.43 26.15
CA VAL B 430 22.50 -17.29 27.20
C VAL B 430 23.27 -18.60 27.16
N THR B 431 23.41 -19.26 28.30
CA THR B 431 24.04 -20.56 28.32
C THR B 431 23.18 -21.55 27.53
N ALA B 432 23.81 -22.32 26.65
CA ALA B 432 23.04 -23.14 25.71
C ALA B 432 22.26 -24.29 26.34
N PRO B 433 22.83 -25.07 27.26
CA PRO B 433 22.09 -26.24 27.76
C PRO B 433 20.77 -25.89 28.42
N ASP B 434 20.72 -24.82 29.20
CA ASP B 434 19.46 -24.50 29.86
C ASP B 434 18.50 -23.73 28.99
N ASN B 435 18.99 -23.02 27.96
CA ASN B 435 18.15 -22.07 27.25
C ASN B 435 17.99 -22.35 25.77
N LEU B 436 18.92 -23.04 25.13
CA LEU B 436 18.86 -23.23 23.70
C LEU B 436 18.72 -24.68 23.30
N GLY B 437 18.64 -25.59 24.26
CA GLY B 437 18.37 -26.98 23.95
C GLY B 437 19.53 -27.76 23.41
N TYR B 438 20.76 -27.31 23.63
CA TYR B 438 21.89 -28.10 23.19
C TYR B 438 23.05 -27.90 24.15
N THR B 439 23.94 -28.88 24.19
CA THR B 439 25.15 -28.84 24.98
C THR B 439 26.26 -29.57 24.22
N TYR B 440 27.48 -29.40 24.69
CA TYR B 440 28.67 -29.96 24.07
C TYR B 440 29.26 -31.05 24.95
N GLU B 441 29.53 -32.21 24.36
CA GLU B 441 30.36 -33.21 25.04
C GLU B 441 31.81 -32.80 24.82
N ILE B 442 32.40 -32.16 25.82
CA ILE B 442 33.73 -31.58 25.65
C ILE B 442 34.42 -31.46 27.01
N GLN B 443 35.74 -31.42 26.98
CA GLN B 443 36.59 -31.24 28.13
C GLN B 443 37.63 -30.18 27.79
N TRP B 444 37.89 -29.32 28.74
CA TRP B 444 38.73 -28.16 28.48
C TRP B 444 40.08 -28.32 29.16
N PRO B 445 41.17 -27.90 28.51
CA PRO B 445 42.49 -28.04 29.13
C PRO B 445 42.69 -27.02 30.24
N SER B 446 43.49 -27.41 31.23
CA SER B 446 43.76 -26.52 32.36
C SER B 446 45.17 -25.95 32.35
N GLN C 1 -33.76 -10.32 -15.05
CA GLN C 1 -35.18 -10.20 -14.83
C GLN C 1 -35.54 -10.80 -13.51
N PHE C 2 -36.78 -11.19 -13.33
CA PHE C 2 -37.24 -11.30 -11.96
C PHE C 2 -37.59 -12.71 -11.55
N PRO C 3 -37.45 -13.03 -10.27
CA PRO C 3 -37.94 -14.31 -9.77
C PRO C 3 -39.41 -14.51 -10.09
N ARG C 4 -39.77 -15.76 -10.39
CA ARG C 4 -41.14 -16.07 -10.76
C ARG C 4 -42.11 -15.72 -9.66
N GLN C 5 -41.66 -15.76 -8.39
CA GLN C 5 -42.51 -15.34 -7.27
C GLN C 5 -42.88 -13.87 -7.35
N CYS C 6 -42.04 -13.06 -7.99
CA CYS C 6 -42.25 -11.62 -8.05
C CYS C 6 -42.89 -11.18 -9.36
N ALA C 7 -43.06 -12.08 -10.31
CA ALA C 7 -43.71 -11.75 -11.58
C ALA C 7 -45.20 -11.96 -11.48
N THR C 8 -45.80 -11.32 -10.50
CA THR C 8 -47.22 -11.48 -10.18
C THR C 8 -47.87 -10.11 -10.11
N VAL C 9 -49.20 -10.10 -10.14
CA VAL C 9 -49.95 -8.88 -9.93
C VAL C 9 -49.69 -8.31 -8.54
N GLU C 10 -49.75 -9.18 -7.53
CA GLU C 10 -49.59 -8.74 -6.15
C GLU C 10 -48.23 -8.10 -5.94
N ALA C 11 -47.17 -8.75 -6.41
CA ALA C 11 -45.82 -8.28 -6.18
C ALA C 11 -45.53 -6.99 -6.94
N LEU C 12 -46.03 -6.87 -8.16
CA LEU C 12 -45.78 -5.64 -8.92
C LEU C 12 -46.55 -4.46 -8.36
N ARG C 13 -47.74 -4.69 -7.82
CA ARG C 13 -48.45 -3.61 -7.15
C ARG C 13 -47.71 -3.14 -5.91
N SER C 14 -47.17 -4.08 -5.13
CA SER C 14 -46.51 -3.74 -3.89
C SER C 14 -45.17 -3.07 -4.11
N GLY C 15 -44.58 -3.23 -5.29
CA GLY C 15 -43.25 -2.72 -5.52
C GLY C 15 -42.18 -3.47 -4.77
N MET C 16 -42.51 -4.64 -4.22
CA MET C 16 -41.62 -5.41 -3.37
C MET C 16 -41.37 -6.80 -3.97
N CYS C 17 -40.10 -7.16 -4.12
CA CYS C 17 -39.71 -8.51 -4.50
C CYS C 17 -38.85 -9.07 -3.37
N CYS C 18 -39.49 -9.77 -2.45
CA CYS C 18 -38.85 -10.24 -1.22
C CYS C 18 -39.37 -11.61 -0.87
N PRO C 19 -39.01 -12.61 -1.67
CA PRO C 19 -39.61 -13.93 -1.51
C PRO C 19 -39.21 -14.60 -0.21
N ASP C 20 -40.05 -15.54 0.19
CA ASP C 20 -39.76 -16.35 1.35
C ASP C 20 -38.65 -17.34 1.06
N LEU C 21 -37.97 -17.79 2.11
CA LEU C 21 -37.01 -18.87 1.99
C LEU C 21 -37.59 -20.20 2.42
N SER C 22 -38.01 -20.30 3.68
CA SER C 22 -38.70 -21.49 4.18
C SER C 22 -39.95 -21.03 4.90
N PRO C 23 -41.01 -20.87 4.22
CA PRO C 23 -42.24 -20.31 4.79
C PRO C 23 -43.05 -21.33 5.61
N VAL C 24 -42.47 -21.79 6.73
CA VAL C 24 -43.09 -22.92 7.42
C VAL C 24 -44.36 -22.51 8.15
N SER C 25 -44.53 -21.23 8.46
CA SER C 25 -45.80 -20.78 9.02
C SER C 25 -46.63 -19.97 8.02
N GLY C 26 -46.27 -20.02 6.74
CA GLY C 26 -47.04 -19.36 5.72
C GLY C 26 -46.29 -18.28 5.01
N PRO C 27 -46.80 -17.86 3.86
CA PRO C 27 -46.16 -16.79 3.09
C PRO C 27 -45.95 -15.55 3.93
N GLY C 28 -44.81 -14.89 3.69
CA GLY C 28 -44.43 -13.69 4.39
C GLY C 28 -43.76 -13.93 5.73
N THR C 29 -43.61 -15.18 6.16
CA THR C 29 -43.04 -15.46 7.47
C THR C 29 -41.52 -15.67 7.44
N ASP C 30 -40.91 -15.81 6.27
CA ASP C 30 -39.46 -15.97 6.16
C ASP C 30 -38.94 -15.21 4.94
N ARG C 31 -39.40 -13.97 4.76
CA ARG C 31 -38.92 -13.17 3.66
C ARG C 31 -37.40 -12.99 3.73
N CYS C 32 -36.72 -13.27 2.62
CA CYS C 32 -35.29 -13.12 2.50
C CYS C 32 -34.54 -13.97 3.51
N GLY C 33 -35.20 -14.98 4.05
CA GLY C 33 -34.60 -15.83 5.06
C GLY C 33 -34.33 -15.14 6.38
N SER C 34 -35.19 -14.19 6.79
CA SER C 34 -34.95 -13.48 8.04
C SER C 34 -35.25 -14.32 9.27
N SER C 35 -35.99 -15.43 9.15
CA SER C 35 -36.17 -16.30 10.31
C SER C 35 -34.83 -16.85 10.77
N SER C 36 -34.01 -17.29 9.84
CA SER C 36 -32.59 -17.50 10.10
C SER C 36 -31.90 -16.17 9.94
N GLY C 37 -30.59 -16.10 10.03
CA GLY C 37 -30.03 -14.77 9.95
C GLY C 37 -29.61 -14.38 8.55
N ARG C 38 -30.31 -14.90 7.55
CA ARG C 38 -29.71 -14.90 6.23
C ARG C 38 -29.89 -13.56 5.51
N GLY C 39 -30.95 -12.81 5.81
CA GLY C 39 -31.10 -11.50 5.19
C GLY C 39 -32.40 -10.85 5.59
N ARG C 40 -32.70 -9.72 4.95
CA ARG C 40 -33.96 -9.08 5.23
C ARG C 40 -34.43 -8.30 4.00
N CYS C 41 -35.73 -8.11 3.93
CA CYS C 41 -36.29 -7.23 2.92
C CYS C 41 -36.01 -5.79 3.30
N GLU C 42 -35.59 -5.00 2.32
CA GLU C 42 -34.97 -3.71 2.56
C GLU C 42 -35.23 -2.84 1.36
N ALA C 43 -35.14 -1.53 1.57
CA ALA C 43 -35.35 -0.61 0.46
C ALA C 43 -34.21 -0.74 -0.53
N VAL C 44 -34.51 -0.53 -1.81
CA VAL C 44 -33.50 -0.56 -2.85
C VAL C 44 -32.64 0.68 -2.76
N THR C 45 -31.34 0.51 -2.92
CA THR C 45 -30.44 1.62 -3.18
C THR C 45 -30.18 1.66 -4.68
N ALA C 46 -30.45 2.81 -5.29
CA ALA C 46 -30.21 2.97 -6.70
C ALA C 46 -29.39 4.23 -6.94
N ASP C 47 -28.64 4.22 -8.04
CA ASP C 47 -27.82 5.35 -8.38
C ASP C 47 -28.72 6.52 -8.76
N SER C 48 -28.57 7.65 -8.08
CA SER C 48 -29.35 8.83 -8.40
C SER C 48 -28.49 9.91 -9.02
N ARG C 49 -27.23 9.62 -9.30
CA ARG C 49 -26.35 10.64 -9.80
C ARG C 49 -26.59 10.83 -11.29
N PRO C 50 -26.22 11.98 -11.82
CA PRO C 50 -26.51 12.26 -13.23
C PRO C 50 -25.67 11.39 -14.17
N HIS C 51 -26.17 11.26 -15.39
CA HIS C 51 -25.47 10.54 -16.43
C HIS C 51 -25.14 11.53 -17.54
N SER C 52 -24.37 11.06 -18.51
CA SER C 52 -23.95 11.92 -19.60
C SER C 52 -25.18 12.38 -20.38
N PRO C 53 -25.11 13.54 -21.04
CA PRO C 53 -26.30 14.06 -21.74
C PRO C 53 -26.67 13.26 -22.98
N GLN C 54 -25.96 12.19 -23.30
CA GLN C 54 -26.22 11.49 -24.54
C GLN C 54 -27.61 10.86 -24.54
N TYR C 55 -28.02 10.34 -23.39
CA TYR C 55 -29.35 9.75 -23.26
C TYR C 55 -30.30 10.87 -22.85
N PRO C 56 -31.17 11.33 -23.73
CA PRO C 56 -32.02 12.48 -23.43
C PRO C 56 -33.42 12.16 -22.92
N HIS C 57 -33.76 10.88 -22.71
CA HIS C 57 -35.15 10.48 -22.51
C HIS C 57 -35.43 9.99 -21.09
N ASP C 58 -34.81 10.61 -20.09
CA ASP C 58 -35.13 10.29 -18.71
C ASP C 58 -36.64 10.33 -18.49
N GLY C 59 -37.16 9.25 -17.93
CA GLY C 59 -38.58 9.09 -17.72
C GLY C 59 -39.31 8.24 -18.74
N ARG C 60 -38.62 7.75 -19.77
CA ARG C 60 -39.30 7.02 -20.84
C ARG C 60 -38.96 5.54 -20.90
N ASP C 61 -37.95 5.08 -20.17
CA ASP C 61 -37.39 3.75 -20.35
C ASP C 61 -37.29 3.04 -19.00
N ASP C 62 -37.81 1.81 -18.95
CA ASP C 62 -37.84 1.05 -17.70
C ASP C 62 -36.45 0.74 -17.14
N ARG C 63 -35.38 0.90 -17.91
CA ARG C 63 -34.05 0.57 -17.43
C ARG C 63 -33.40 1.68 -16.60
N GLU C 64 -33.97 2.88 -16.57
CA GLU C 64 -33.40 3.96 -15.79
C GLU C 64 -33.48 3.66 -14.31
N VAL C 65 -32.45 4.09 -13.57
CA VAL C 65 -32.39 3.92 -12.12
C VAL C 65 -32.81 2.51 -11.74
N TRP C 66 -32.28 1.52 -12.47
CA TRP C 66 -32.62 0.12 -12.25
C TRP C 66 -32.39 -0.25 -10.80
N PRO C 67 -33.33 -1.00 -10.21
CA PRO C 67 -34.54 -1.54 -10.80
C PRO C 67 -35.83 -0.82 -10.43
N LEU C 68 -35.73 0.46 -10.04
CA LEU C 68 -36.82 1.11 -9.34
C LEU C 68 -38.10 1.21 -10.17
N ARG C 69 -38.02 1.07 -11.50
CA ARG C 69 -39.23 1.12 -12.28
C ARG C 69 -40.14 -0.05 -11.99
N PHE C 70 -39.64 -1.09 -11.35
CA PHE C 70 -40.43 -2.27 -11.03
C PHE C 70 -40.49 -2.57 -9.55
N PHE C 71 -39.38 -2.48 -8.83
CA PHE C 71 -39.39 -2.79 -7.41
C PHE C 71 -38.52 -1.80 -6.67
N ASN C 72 -38.95 -1.40 -5.47
CA ASN C 72 -38.14 -0.52 -4.65
C ASN C 72 -37.77 -1.19 -3.34
N ARG C 73 -38.10 -2.46 -3.16
CA ARG C 73 -37.68 -3.24 -2.02
C ARG C 73 -37.25 -4.62 -2.50
N THR C 74 -36.12 -5.11 -1.99
CA THR C 74 -35.57 -6.41 -2.39
C THR C 74 -34.97 -7.09 -1.17
N CYS C 75 -34.51 -8.30 -1.38
CA CYS C 75 -33.77 -8.99 -0.35
C CYS C 75 -32.35 -8.46 -0.33
N HIS C 76 -31.88 -8.12 0.86
CA HIS C 76 -30.50 -7.75 1.06
C HIS C 76 -29.90 -8.81 1.97
N CYS C 77 -28.94 -9.54 1.47
CA CYS C 77 -28.48 -10.68 2.23
C CYS C 77 -27.30 -10.30 3.11
N ASN C 78 -27.17 -11.03 4.21
CA ASN C 78 -26.14 -10.78 5.20
C ASN C 78 -24.92 -11.64 4.94
N GLY C 79 -23.76 -11.14 5.32
CA GLY C 79 -22.56 -11.97 5.33
C GLY C 79 -22.24 -12.52 3.98
N ASN C 80 -21.98 -13.83 3.93
CA ASN C 80 -21.69 -14.53 2.68
C ASN C 80 -22.91 -15.26 2.13
N PHE C 81 -24.10 -14.92 2.61
CA PHE C 81 -25.33 -15.39 2.00
C PHE C 81 -25.64 -14.55 0.76
N SER C 82 -26.46 -15.12 -0.13
CA SER C 82 -26.74 -14.47 -1.40
C SER C 82 -27.99 -15.08 -2.01
N GLY C 83 -28.41 -14.50 -3.12
CA GLY C 83 -29.57 -14.95 -3.86
C GLY C 83 -30.76 -14.02 -3.70
N HIS C 84 -31.72 -14.18 -4.64
CA HIS C 84 -32.99 -13.45 -4.59
C HIS C 84 -33.70 -13.66 -3.27
N ASN C 85 -33.42 -14.78 -2.64
CA ASN C 85 -33.98 -15.35 -1.42
C ASN C 85 -33.08 -15.18 -0.21
N CYS C 86 -31.83 -14.80 -0.41
CA CYS C 86 -30.74 -15.07 0.52
C CYS C 86 -30.61 -16.54 0.82
N GLY C 87 -31.11 -17.38 -0.06
CA GLY C 87 -31.10 -18.81 0.14
C GLY C 87 -29.90 -19.55 -0.34
N THR C 88 -28.94 -18.89 -0.98
CA THR C 88 -27.71 -19.57 -1.38
C THR C 88 -26.54 -18.74 -0.88
N CYS C 89 -25.36 -18.97 -1.44
CA CYS C 89 -24.15 -18.35 -0.97
C CYS C 89 -23.55 -17.40 -2.01
N ARG C 90 -22.75 -16.47 -1.53
CA ARG C 90 -21.94 -15.64 -2.39
C ARG C 90 -20.97 -16.54 -3.18
N PRO C 91 -20.45 -16.07 -4.31
CA PRO C 91 -19.56 -16.92 -5.11
C PRO C 91 -18.29 -17.23 -4.34
N GLY C 92 -17.88 -18.49 -4.39
CA GLY C 92 -16.74 -18.96 -3.65
C GLY C 92 -17.05 -19.56 -2.29
N TRP C 93 -18.32 -19.71 -1.95
CA TRP C 93 -18.70 -20.23 -0.65
C TRP C 93 -19.82 -21.21 -0.83
N ARG C 94 -19.81 -22.26 -0.05
CA ARG C 94 -20.85 -23.27 -0.07
C ARG C 94 -21.11 -23.71 1.36
N GLY C 95 -22.14 -24.49 1.55
CA GLY C 95 -22.52 -24.94 2.88
C GLY C 95 -23.75 -24.22 3.40
N ALA C 96 -24.42 -24.89 4.35
CA ALA C 96 -25.64 -24.32 4.92
C ALA C 96 -25.39 -22.94 5.52
N ALA C 97 -24.24 -22.76 6.14
CA ALA C 97 -23.82 -21.48 6.69
C ALA C 97 -22.90 -20.70 5.77
N CYS C 98 -22.72 -21.15 4.54
CA CYS C 98 -21.87 -20.47 3.56
C CYS C 98 -20.47 -20.18 4.10
N ASP C 99 -19.91 -21.16 4.80
CA ASP C 99 -18.61 -21.02 5.43
C ASP C 99 -17.58 -22.02 4.92
N GLN C 100 -17.90 -22.77 3.87
CA GLN C 100 -16.98 -23.72 3.27
C GLN C 100 -16.53 -23.19 1.91
N ARG C 101 -15.24 -22.92 1.79
CA ARG C 101 -14.72 -22.24 0.62
C ARG C 101 -14.68 -23.17 -0.59
N VAL C 102 -14.89 -22.59 -1.75
CA VAL C 102 -14.69 -23.26 -3.02
C VAL C 102 -13.82 -22.36 -3.88
N LEU C 103 -12.93 -22.96 -4.66
CA LEU C 103 -12.18 -22.22 -5.66
C LEU C 103 -12.32 -22.95 -6.97
N ILE C 104 -12.91 -22.30 -7.94
CA ILE C 104 -13.09 -22.93 -9.23
C ILE C 104 -12.08 -22.31 -10.19
N VAL C 105 -11.62 -23.12 -11.12
CA VAL C 105 -10.55 -22.73 -12.02
C VAL C 105 -11.10 -22.70 -13.42
N ARG C 106 -11.01 -21.54 -14.05
CA ARG C 106 -11.37 -21.38 -15.44
C ARG C 106 -10.14 -21.61 -16.29
N ARG C 107 -10.20 -22.60 -17.17
CA ARG C 107 -9.06 -23.08 -17.93
C ARG C 107 -9.28 -22.86 -19.42
N ASN C 108 -8.19 -22.99 -20.18
CA ASN C 108 -8.28 -22.91 -21.62
C ASN C 108 -9.01 -24.11 -22.16
N LEU C 109 -10.05 -23.87 -22.96
CA LEU C 109 -10.87 -24.96 -23.48
C LEU C 109 -10.03 -26.00 -24.21
N LEU C 110 -8.97 -25.58 -24.89
CA LEU C 110 -8.15 -26.51 -25.65
C LEU C 110 -7.30 -27.40 -24.77
N ASP C 111 -7.12 -27.04 -23.50
CA ASP C 111 -6.42 -27.86 -22.54
C ASP C 111 -7.30 -28.88 -21.85
N LEU C 112 -8.61 -28.87 -22.12
CA LEU C 112 -9.44 -29.82 -21.40
C LEU C 112 -9.30 -31.22 -22.00
N SER C 113 -9.60 -32.22 -21.20
CA SER C 113 -9.47 -33.57 -21.68
C SER C 113 -10.58 -33.86 -22.68
N LYS C 114 -10.49 -35.01 -23.33
CA LYS C 114 -11.56 -35.44 -24.23
C LYS C 114 -12.90 -35.43 -23.49
N GLU C 115 -12.92 -35.99 -22.28
CA GLU C 115 -14.16 -36.08 -21.52
C GLU C 115 -14.63 -34.72 -21.06
N GLU C 116 -13.70 -33.89 -20.58
CA GLU C 116 -14.07 -32.57 -20.10
C GLU C 116 -14.62 -31.71 -21.23
N LYS C 117 -14.01 -31.79 -22.42
CA LYS C 117 -14.60 -31.10 -23.56
C LYS C 117 -16.02 -31.55 -23.80
N ASN C 118 -16.26 -32.86 -23.84
CA ASN C 118 -17.59 -33.36 -24.13
C ASN C 118 -18.57 -32.97 -23.03
N HIS C 119 -18.10 -32.99 -21.78
CA HIS C 119 -18.94 -32.58 -20.66
C HIS C 119 -19.37 -31.13 -20.81
N PHE C 120 -18.44 -30.26 -21.20
CA PHE C 120 -18.77 -28.86 -21.39
C PHE C 120 -19.78 -28.68 -22.52
N VAL C 121 -19.54 -29.31 -23.68
CA VAL C 121 -20.43 -29.14 -24.82
C VAL C 121 -21.83 -29.62 -24.45
N ARG C 122 -21.93 -30.78 -23.80
CA ARG C 122 -23.24 -31.26 -23.40
C ARG C 122 -23.84 -30.43 -22.27
N ALA C 123 -23.02 -29.80 -21.43
CA ALA C 123 -23.60 -28.95 -20.39
C ALA C 123 -24.22 -27.70 -20.99
N LEU C 124 -23.55 -27.05 -21.93
CA LEU C 124 -24.14 -25.90 -22.60
C LEU C 124 -25.46 -26.26 -23.25
N ASP C 125 -25.51 -27.41 -23.92
CA ASP C 125 -26.71 -27.81 -24.64
C ASP C 125 -27.86 -28.06 -23.67
N MET C 126 -27.56 -28.63 -22.51
CA MET C 126 -28.58 -28.84 -21.48
C MET C 126 -29.09 -27.50 -20.95
N ALA C 127 -28.21 -26.51 -20.83
CA ALA C 127 -28.62 -25.19 -20.42
C ALA C 127 -29.47 -24.51 -21.47
N LYS C 128 -29.25 -24.84 -22.75
CA LYS C 128 -30.07 -24.28 -23.82
C LYS C 128 -31.49 -24.84 -23.79
N ARG C 129 -31.66 -26.05 -23.27
CA ARG C 129 -32.95 -26.72 -23.27
C ARG C 129 -33.67 -26.68 -21.92
N THR C 130 -32.99 -26.34 -20.82
CA THR C 130 -33.56 -26.47 -19.49
C THR C 130 -34.12 -25.14 -19.01
N THR C 131 -35.36 -25.17 -18.56
CA THR C 131 -36.03 -23.98 -18.06
C THR C 131 -35.30 -23.41 -16.86
N HIS C 132 -35.08 -22.11 -16.85
CA HIS C 132 -34.45 -21.48 -15.71
C HIS C 132 -35.34 -21.63 -14.49
N PRO C 133 -34.87 -22.23 -13.41
CA PRO C 133 -35.74 -22.44 -12.25
C PRO C 133 -36.18 -21.17 -11.56
N LEU C 134 -35.42 -20.08 -11.68
CA LEU C 134 -35.70 -18.88 -10.92
C LEU C 134 -36.29 -17.77 -11.77
N PHE C 135 -35.61 -17.35 -12.84
CA PHE C 135 -36.00 -16.13 -13.53
C PHE C 135 -36.99 -16.37 -14.64
N VAL C 136 -37.93 -15.45 -14.79
CA VAL C 136 -38.80 -15.35 -15.95
C VAL C 136 -38.48 -14.01 -16.58
N ILE C 137 -38.92 -13.82 -17.82
CA ILE C 137 -38.55 -12.61 -18.55
C ILE C 137 -39.81 -11.89 -19.03
N ALA C 138 -39.71 -10.56 -19.08
CA ALA C 138 -40.83 -9.76 -19.54
C ALA C 138 -40.90 -9.76 -21.05
N THR C 139 -42.11 -9.87 -21.58
CA THR C 139 -42.32 -9.70 -23.01
C THR C 139 -42.89 -8.33 -23.36
N ARG C 140 -43.17 -7.51 -22.34
CA ARG C 140 -43.73 -6.18 -22.53
C ARG C 140 -43.00 -5.18 -21.62
N ARG C 141 -43.10 -3.91 -21.98
CA ARG C 141 -42.60 -2.84 -21.12
C ARG C 141 -43.60 -2.60 -19.98
N SER C 142 -43.23 -1.71 -19.06
CA SER C 142 -43.91 -1.65 -17.77
C SER C 142 -45.39 -1.28 -17.87
N GLU C 143 -45.75 -0.34 -18.76
CA GLU C 143 -47.15 0.07 -18.81
C GLU C 143 -48.07 -1.05 -19.29
N GLU C 144 -47.54 -2.04 -20.01
CA GLU C 144 -48.35 -3.16 -20.47
C GLU C 144 -48.03 -4.44 -19.74
N ILE C 145 -47.23 -4.36 -18.67
CA ILE C 145 -46.66 -5.54 -18.04
C ILE C 145 -47.72 -6.40 -17.36
N LEU C 146 -48.87 -5.83 -17.00
CA LEU C 146 -49.94 -6.63 -16.43
C LEU C 146 -50.94 -7.10 -17.46
N GLY C 147 -50.66 -6.89 -18.75
CA GLY C 147 -51.43 -7.51 -19.79
C GLY C 147 -52.68 -6.76 -20.18
N PRO C 148 -53.35 -7.22 -21.22
CA PRO C 148 -54.56 -6.52 -21.69
C PRO C 148 -55.58 -6.29 -20.58
N ASP C 149 -55.98 -7.33 -19.88
CA ASP C 149 -57.00 -7.18 -18.85
C ASP C 149 -56.45 -6.67 -17.53
N GLY C 150 -55.17 -6.35 -17.46
CA GLY C 150 -54.59 -5.85 -16.23
C GLY C 150 -54.37 -6.89 -15.16
N ASN C 151 -54.63 -8.17 -15.44
CA ASN C 151 -54.50 -9.23 -14.44
C ASN C 151 -53.65 -10.37 -14.96
N THR C 152 -52.86 -10.15 -16.00
CA THR C 152 -52.12 -11.20 -16.67
C THR C 152 -50.66 -10.78 -16.82
N PRO C 153 -49.78 -11.17 -15.91
CA PRO C 153 -48.38 -10.78 -15.99
C PRO C 153 -47.77 -11.20 -17.31
N GLN C 154 -47.12 -10.25 -17.98
CA GLN C 154 -46.57 -10.49 -19.30
C GLN C 154 -45.13 -11.01 -19.19
N PHE C 155 -45.01 -12.18 -18.59
CA PHE C 155 -43.75 -12.84 -18.39
C PHE C 155 -43.77 -14.23 -19.01
N GLU C 156 -42.59 -14.69 -19.41
CA GLU C 156 -42.46 -16.04 -19.92
C GLU C 156 -41.33 -16.75 -19.21
N ASN C 157 -41.50 -18.05 -19.08
CA ASN C 157 -40.39 -18.92 -18.74
C ASN C 157 -39.39 -18.90 -19.88
N ILE C 158 -38.13 -19.14 -19.54
CA ILE C 158 -37.04 -19.09 -20.51
C ILE C 158 -35.93 -19.99 -20.00
N SER C 159 -35.16 -20.55 -20.93
CA SER C 159 -34.12 -21.50 -20.56
C SER C 159 -32.93 -20.81 -19.89
N ILE C 160 -32.13 -21.62 -19.20
CA ILE C 160 -30.92 -21.14 -18.52
C ILE C 160 -30.03 -20.39 -19.49
N TYR C 161 -29.82 -20.93 -20.68
CA TYR C 161 -28.95 -20.25 -21.61
C TYR C 161 -29.63 -19.08 -22.30
N ASN C 162 -30.94 -19.18 -22.58
CA ASN C 162 -31.60 -18.08 -23.25
C ASN C 162 -31.73 -16.86 -22.35
N TYR C 163 -31.85 -17.07 -21.03
CA TYR C 163 -31.78 -15.98 -20.07
C TYR C 163 -30.46 -15.24 -20.18
N PHE C 164 -29.37 -15.98 -20.33
CA PHE C 164 -28.05 -15.40 -20.60
C PHE C 164 -28.07 -14.55 -21.86
N VAL C 165 -28.81 -14.96 -22.88
CA VAL C 165 -28.94 -14.14 -24.09
C VAL C 165 -29.84 -12.94 -23.85
N TRP C 166 -30.94 -13.16 -23.13
CA TRP C 166 -31.96 -12.13 -22.96
C TRP C 166 -31.42 -10.92 -22.21
N THR C 167 -30.66 -11.15 -21.13
CA THR C 167 -30.17 -10.04 -20.33
C THR C 167 -29.20 -9.18 -21.12
N HIS C 168 -28.38 -9.79 -21.95
CA HIS C 168 -27.55 -9.02 -22.87
C HIS C 168 -28.41 -8.23 -23.86
N TYR C 169 -29.46 -8.86 -24.41
CA TYR C 169 -30.35 -8.15 -25.32
C TYR C 169 -30.97 -6.94 -24.66
N TYR C 170 -31.59 -7.14 -23.50
CA TYR C 170 -32.30 -6.09 -22.80
C TYR C 170 -31.37 -4.93 -22.44
N SER C 171 -30.10 -5.24 -22.14
CA SER C 171 -29.18 -4.18 -21.78
C SER C 171 -28.80 -3.34 -22.99
N VAL C 172 -28.95 -3.87 -24.20
CA VAL C 172 -28.58 -3.14 -25.41
C VAL C 172 -29.77 -2.66 -26.23
N LYS C 173 -31.00 -3.02 -25.88
CA LYS C 173 -32.12 -2.67 -26.74
C LYS C 173 -32.32 -1.17 -26.80
N LYS C 174 -32.97 -0.73 -27.87
CA LYS C 174 -33.26 0.68 -28.06
C LYS C 174 -34.37 1.09 -27.13
N THR C 175 -34.38 2.38 -26.77
CA THR C 175 -35.44 2.96 -25.97
C THR C 175 -36.63 3.20 -26.87
N PHE C 176 -37.78 2.65 -26.49
CA PHE C 176 -39.00 2.81 -27.26
C PHE C 176 -39.67 4.13 -26.95
N LEU C 177 -39.89 4.95 -27.97
CA LEU C 177 -40.50 6.26 -27.80
C LEU C 177 -41.99 6.29 -28.05
N GLY C 178 -42.52 5.33 -28.79
CA GLY C 178 -43.95 5.23 -29.04
C GLY C 178 -44.20 4.71 -30.43
N VAL C 179 -45.39 4.18 -30.65
CA VAL C 179 -45.74 3.67 -31.97
C VAL C 179 -45.72 4.82 -32.96
N GLY C 180 -45.08 4.62 -34.10
CA GLY C 180 -44.92 5.69 -35.05
C GLY C 180 -43.67 6.51 -34.86
N GLN C 181 -42.98 6.36 -33.73
CA GLN C 181 -41.74 7.08 -33.42
C GLN C 181 -40.56 6.17 -33.70
N GLU C 182 -39.47 6.73 -34.20
CA GLU C 182 -38.30 5.91 -34.43
C GLU C 182 -37.54 5.78 -33.12
N SER C 183 -37.26 4.54 -32.71
CA SER C 183 -36.68 4.29 -31.41
C SER C 183 -35.26 4.84 -31.30
N PHE C 184 -34.86 5.10 -30.07
CA PHE C 184 -33.61 5.78 -29.77
C PHE C 184 -32.54 4.76 -29.43
N GLY C 185 -31.41 4.84 -30.12
CA GLY C 185 -30.42 3.79 -30.02
C GLY C 185 -29.07 4.21 -29.48
N GLU C 186 -28.91 5.48 -29.11
CA GLU C 186 -27.65 5.93 -28.54
C GLU C 186 -27.64 5.70 -27.03
N VAL C 187 -27.82 4.43 -26.69
CA VAL C 187 -27.89 3.98 -25.32
C VAL C 187 -27.50 2.51 -25.30
N ASP C 188 -26.73 2.13 -24.28
CA ASP C 188 -26.25 0.76 -24.13
C ASP C 188 -25.79 0.63 -22.69
N PHE C 189 -26.51 -0.17 -21.89
CA PHE C 189 -26.24 -0.30 -20.47
C PHE C 189 -25.12 -1.28 -20.17
N SER C 190 -24.54 -1.91 -21.18
CA SER C 190 -23.50 -2.89 -20.95
C SER C 190 -22.33 -2.79 -21.92
N HIS C 191 -22.32 -1.81 -22.82
CA HIS C 191 -21.20 -1.57 -23.72
C HIS C 191 -20.91 -0.08 -23.78
N GLU C 192 -19.79 0.27 -24.39
CA GLU C 192 -19.45 1.65 -24.70
C GLU C 192 -19.50 2.51 -23.45
N GLY C 193 -18.84 2.04 -22.40
CA GLY C 193 -18.79 2.72 -21.13
C GLY C 193 -18.07 1.85 -20.13
N PRO C 194 -17.70 2.43 -18.99
CA PRO C 194 -16.89 1.69 -18.01
C PRO C 194 -17.53 0.41 -17.49
N ALA C 195 -18.87 0.33 -17.47
CA ALA C 195 -19.55 -0.84 -16.93
C ALA C 195 -19.38 -2.10 -17.78
N PHE C 196 -18.76 -1.98 -18.96
CA PHE C 196 -18.62 -3.11 -19.87
C PHE C 196 -17.99 -4.32 -19.21
N LEU C 197 -16.90 -4.12 -18.47
CA LEU C 197 -16.19 -5.27 -17.92
C LEU C 197 -16.89 -5.83 -16.68
N THR C 198 -17.44 -4.97 -15.84
CA THR C 198 -18.10 -5.49 -14.65
C THR C 198 -19.43 -6.14 -15.01
N TRP C 199 -20.19 -5.54 -15.93
CA TRP C 199 -21.42 -6.15 -16.42
C TRP C 199 -21.16 -7.55 -16.94
N HIS C 200 -20.27 -7.67 -17.92
CA HIS C 200 -20.02 -8.98 -18.50
C HIS C 200 -19.37 -9.93 -17.51
N ARG C 201 -18.74 -9.41 -16.47
CA ARG C 201 -18.23 -10.30 -15.45
C ARG C 201 -19.37 -10.93 -14.66
N TYR C 202 -20.34 -10.12 -14.23
CA TYR C 202 -21.48 -10.68 -13.53
C TYR C 202 -22.27 -11.62 -14.43
N HIS C 203 -22.46 -11.22 -15.69
CA HIS C 203 -23.08 -12.06 -16.72
C HIS C 203 -22.57 -13.48 -16.69
N LEU C 204 -21.24 -13.64 -16.78
CA LEU C 204 -20.63 -14.96 -16.78
C LEU C 204 -20.83 -15.66 -15.44
N LEU C 205 -20.61 -14.94 -14.34
CA LEU C 205 -20.74 -15.53 -13.02
C LEU C 205 -22.13 -16.09 -12.79
N ARG C 206 -23.15 -15.43 -13.35
CA ARG C 206 -24.52 -15.90 -13.20
C ARG C 206 -24.79 -17.11 -14.07
N LEU C 207 -24.23 -17.17 -15.28
CA LEU C 207 -24.33 -18.40 -16.05
C LEU C 207 -23.61 -19.54 -15.34
N GLU C 208 -22.40 -19.28 -14.85
CA GLU C 208 -21.61 -20.32 -14.20
C GLU C 208 -22.34 -20.92 -13.02
N LYS C 209 -22.91 -20.08 -12.16
CA LYS C 209 -23.67 -20.57 -11.01
C LYS C 209 -24.90 -21.34 -11.46
N ASP C 210 -25.64 -20.82 -12.43
CA ASP C 210 -26.80 -21.54 -12.94
C ASP C 210 -26.41 -22.92 -13.44
N MET C 211 -25.27 -23.04 -14.11
CA MET C 211 -24.89 -24.34 -14.62
C MET C 211 -24.39 -25.25 -13.51
N GLN C 212 -23.72 -24.71 -12.49
CA GLN C 212 -23.33 -25.53 -11.35
C GLN C 212 -24.55 -26.21 -10.75
N GLU C 213 -25.61 -25.43 -10.52
CA GLU C 213 -26.83 -25.99 -9.95
C GLU C 213 -27.57 -26.86 -10.95
N MET C 214 -27.57 -26.48 -12.23
CA MET C 214 -28.22 -27.32 -13.24
C MET C 214 -27.56 -28.69 -13.33
N LEU C 215 -26.22 -28.72 -13.31
CA LEU C 215 -25.47 -29.96 -13.35
C LEU C 215 -25.30 -30.59 -11.98
N GLN C 216 -25.64 -29.86 -10.92
CA GLN C 216 -25.33 -30.25 -9.55
C GLN C 216 -23.85 -30.58 -9.36
N GLU C 217 -23.00 -29.73 -9.92
CA GLU C 217 -21.55 -29.86 -9.80
C GLU C 217 -21.04 -28.52 -9.28
N PRO C 218 -20.93 -28.37 -7.99
CA PRO C 218 -20.53 -27.08 -7.42
C PRO C 218 -19.24 -26.53 -8.00
N SER C 219 -18.40 -27.40 -8.54
CA SER C 219 -17.09 -26.96 -8.99
C SER C 219 -17.00 -26.71 -10.48
N PHE C 220 -18.06 -26.92 -11.24
CA PHE C 220 -18.06 -26.67 -12.67
C PHE C 220 -17.65 -25.23 -12.96
N SER C 221 -16.88 -25.04 -14.03
CA SER C 221 -16.35 -23.74 -14.37
C SER C 221 -16.37 -23.53 -15.87
N LEU C 222 -16.55 -22.29 -16.28
CA LEU C 222 -16.56 -21.94 -17.69
C LEU C 222 -15.15 -21.83 -18.23
N PRO C 223 -14.79 -22.58 -19.22
CA PRO C 223 -13.46 -22.40 -19.81
C PRO C 223 -13.36 -21.12 -20.64
N TYR C 224 -12.19 -20.80 -21.16
CA TYR C 224 -12.04 -19.59 -21.96
C TYR C 224 -11.45 -19.93 -23.32
N TRP C 225 -11.58 -18.99 -24.25
CA TRP C 225 -11.04 -19.10 -25.59
C TRP C 225 -9.98 -18.04 -25.75
N ASN C 226 -8.73 -18.45 -25.96
CA ASN C 226 -7.69 -17.49 -26.27
C ASN C 226 -7.83 -17.09 -27.73
N PHE C 227 -8.59 -16.03 -27.99
CA PHE C 227 -8.77 -15.50 -29.33
C PHE C 227 -7.64 -14.59 -29.74
N ALA C 228 -6.62 -14.42 -28.91
CA ALA C 228 -5.49 -13.55 -29.21
C ALA C 228 -4.33 -14.35 -29.80
N THR C 229 -4.58 -15.00 -30.92
CA THR C 229 -3.56 -15.81 -31.55
C THR C 229 -3.13 -15.29 -32.91
N GLY C 230 -3.74 -14.21 -33.38
CA GLY C 230 -3.45 -13.71 -34.71
C GLY C 230 -3.87 -14.61 -35.83
N LYS C 231 -4.69 -15.62 -35.57
CA LYS C 231 -5.02 -16.63 -36.55
C LYS C 231 -6.10 -16.17 -37.53
N ASN C 232 -6.10 -16.83 -38.68
CA ASN C 232 -7.04 -16.64 -39.77
C ASN C 232 -8.29 -17.47 -39.59
N VAL C 233 -8.29 -18.42 -38.66
CA VAL C 233 -9.37 -19.38 -38.51
C VAL C 233 -9.79 -19.43 -37.04
N CYS C 234 -10.89 -20.13 -36.79
CA CYS C 234 -11.44 -20.31 -35.45
C CYS C 234 -11.00 -21.68 -34.93
N ASP C 235 -10.03 -21.72 -34.03
CA ASP C 235 -9.46 -22.98 -33.59
C ASP C 235 -10.31 -23.74 -32.60
N ILE C 236 -11.37 -23.15 -32.06
CA ILE C 236 -12.32 -23.91 -31.25
C ILE C 236 -13.55 -24.29 -32.05
N CYS C 237 -13.57 -23.98 -33.35
CA CYS C 237 -14.70 -24.34 -34.21
C CYS C 237 -14.49 -25.72 -34.83
N THR C 238 -14.49 -26.73 -33.98
CA THR C 238 -14.41 -28.12 -34.41
C THR C 238 -15.57 -28.89 -33.81
N ASP C 239 -15.91 -30.02 -34.43
CA ASP C 239 -17.15 -30.68 -34.05
C ASP C 239 -17.12 -31.31 -32.68
N ASP C 240 -15.94 -31.45 -32.08
CA ASP C 240 -15.87 -31.84 -30.68
C ASP C 240 -15.93 -30.65 -29.74
N LEU C 241 -15.85 -29.44 -30.28
CA LEU C 241 -15.95 -28.25 -29.45
C LEU C 241 -17.16 -27.44 -29.90
N MET C 242 -16.93 -26.25 -30.43
CA MET C 242 -18.02 -25.31 -30.68
C MET C 242 -18.57 -25.41 -32.08
N GLY C 243 -18.13 -26.40 -32.85
CA GLY C 243 -18.72 -26.63 -34.15
C GLY C 243 -17.94 -26.08 -35.32
N SER C 244 -17.72 -26.92 -36.33
CA SER C 244 -17.06 -26.47 -37.54
C SER C 244 -18.07 -25.96 -38.57
N ARG C 245 -17.55 -25.48 -39.68
CA ARG C 245 -18.40 -24.94 -40.73
C ARG C 245 -19.21 -26.06 -41.39
N SER C 246 -20.42 -25.72 -41.82
CA SER C 246 -21.25 -26.65 -42.57
C SER C 246 -20.74 -26.78 -43.99
N ASN C 247 -20.64 -28.01 -44.48
CA ASN C 247 -20.25 -28.25 -45.86
C ASN C 247 -21.39 -27.99 -46.82
N PHE C 248 -22.62 -27.80 -46.33
CA PHE C 248 -23.77 -27.49 -47.17
C PHE C 248 -24.15 -26.01 -47.16
N ASP C 249 -23.60 -25.20 -46.25
CA ASP C 249 -23.93 -23.78 -46.16
C ASP C 249 -22.81 -23.13 -45.35
N SER C 250 -22.00 -22.31 -46.00
CA SER C 250 -20.80 -21.77 -45.37
C SER C 250 -21.10 -20.92 -44.14
N THR C 251 -22.35 -20.51 -43.93
CA THR C 251 -22.73 -19.65 -42.82
C THR C 251 -23.46 -20.40 -41.71
N LEU C 252 -23.52 -21.71 -41.78
CA LEU C 252 -24.16 -22.52 -40.75
C LEU C 252 -23.12 -23.37 -40.05
N ILE C 253 -23.53 -24.01 -38.98
CA ILE C 253 -22.66 -24.89 -38.23
C ILE C 253 -22.87 -26.32 -38.70
N SER C 254 -21.80 -27.09 -38.74
CA SER C 254 -21.82 -28.50 -39.05
C SER C 254 -22.98 -29.22 -38.37
N PRO C 255 -23.84 -29.91 -39.14
CA PRO C 255 -24.92 -30.70 -38.53
C PRO C 255 -24.44 -31.78 -37.56
N ASN C 256 -23.15 -32.09 -37.52
CA ASN C 256 -22.59 -33.06 -36.59
C ASN C 256 -22.23 -32.44 -35.25
N SER C 257 -22.58 -31.17 -35.02
CA SER C 257 -22.45 -30.50 -33.73
C SER C 257 -23.82 -30.10 -33.23
N VAL C 258 -24.09 -30.33 -31.94
CA VAL C 258 -25.40 -29.97 -31.40
C VAL C 258 -25.71 -28.51 -31.64
N PHE C 259 -24.69 -27.66 -31.69
CA PHE C 259 -24.96 -26.25 -31.84
C PHE C 259 -25.61 -25.92 -33.18
N SER C 260 -25.63 -26.85 -34.12
CA SER C 260 -26.36 -26.66 -35.36
C SER C 260 -27.86 -26.78 -35.16
N GLN C 261 -28.29 -27.38 -34.05
CA GLN C 261 -29.70 -27.51 -33.72
C GLN C 261 -30.26 -26.34 -32.92
N TRP C 262 -29.40 -25.51 -32.32
CA TRP C 262 -29.88 -24.39 -31.54
C TRP C 262 -30.66 -23.42 -32.42
N ARG C 263 -31.67 -22.79 -31.82
CA ARG C 263 -32.41 -21.73 -32.47
C ARG C 263 -32.38 -20.52 -31.58
N VAL C 264 -32.22 -19.35 -32.17
CA VAL C 264 -31.82 -18.15 -31.46
C VAL C 264 -33.05 -17.41 -30.94
N VAL C 265 -32.84 -16.61 -29.90
CA VAL C 265 -33.87 -15.71 -29.38
C VAL C 265 -33.44 -14.27 -29.64
N CYS C 266 -34.45 -13.40 -29.76
CA CYS C 266 -34.35 -11.95 -29.87
C CYS C 266 -33.94 -11.44 -31.24
N ASP C 267 -34.24 -12.19 -32.29
CA ASP C 267 -33.89 -11.77 -33.65
C ASP C 267 -35.04 -11.05 -34.36
N SER C 268 -35.92 -10.39 -33.63
CA SER C 268 -37.00 -9.64 -34.26
C SER C 268 -36.98 -8.17 -33.86
N LEU C 269 -35.90 -7.47 -34.17
CA LEU C 269 -35.79 -6.07 -33.78
C LEU C 269 -36.93 -5.24 -34.37
N GLU C 270 -37.28 -5.51 -35.62
CA GLU C 270 -38.34 -4.75 -36.27
C GLU C 270 -39.64 -4.77 -35.47
N ASP C 271 -39.96 -5.89 -34.80
CA ASP C 271 -41.17 -5.91 -33.99
C ASP C 271 -40.96 -5.13 -32.70
N TYR C 272 -39.89 -5.45 -31.97
CA TYR C 272 -39.67 -4.84 -30.66
C TYR C 272 -39.61 -3.33 -30.77
N ASP C 273 -38.95 -2.84 -31.81
CA ASP C 273 -38.66 -1.42 -31.94
C ASP C 273 -39.77 -0.65 -32.62
N THR C 274 -40.81 -1.32 -33.08
CA THR C 274 -41.97 -0.58 -33.58
C THR C 274 -43.23 -0.80 -32.77
N LEU C 275 -43.46 -1.98 -32.22
CA LEU C 275 -44.64 -2.15 -31.38
C LEU C 275 -44.34 -1.97 -29.90
N GLY C 276 -43.07 -1.84 -29.53
CA GLY C 276 -42.74 -1.63 -28.14
C GLY C 276 -42.72 -2.86 -27.28
N THR C 277 -42.71 -4.04 -27.89
CA THR C 277 -42.61 -5.31 -27.18
C THR C 277 -41.16 -5.59 -26.81
N LEU C 278 -40.94 -6.73 -26.18
CA LEU C 278 -39.60 -7.16 -25.81
C LEU C 278 -39.36 -8.55 -26.37
N CYS C 279 -38.08 -8.89 -26.52
CA CYS C 279 -37.68 -10.24 -26.88
C CYS C 279 -38.34 -11.26 -25.97
N ASN C 280 -38.93 -12.28 -26.56
CA ASN C 280 -39.54 -13.33 -25.78
C ASN C 280 -38.81 -14.67 -25.97
N SER C 281 -39.40 -15.72 -25.42
CA SER C 281 -38.77 -17.02 -25.38
C SER C 281 -39.00 -17.85 -26.63
N THR C 282 -39.77 -17.36 -27.60
CA THR C 282 -40.01 -18.12 -28.82
C THR C 282 -38.76 -18.03 -29.69
N GLU C 283 -38.12 -19.16 -29.96
CA GLU C 283 -36.93 -19.20 -30.78
C GLU C 283 -37.32 -19.26 -32.25
N ASP C 284 -36.40 -18.82 -33.11
CA ASP C 284 -36.64 -18.92 -34.55
C ASP C 284 -35.39 -18.59 -35.37
N GLY C 285 -34.73 -19.59 -35.91
CA GLY C 285 -33.61 -19.39 -36.79
C GLY C 285 -32.30 -19.82 -36.16
N PRO C 286 -31.39 -20.34 -36.98
CA PRO C 286 -30.18 -20.97 -36.46
C PRO C 286 -29.07 -19.97 -36.23
N ILE C 287 -28.05 -20.42 -35.51
CA ILE C 287 -26.83 -19.64 -35.40
C ILE C 287 -26.24 -19.48 -36.78
N ARG C 288 -25.94 -18.24 -37.16
CA ARG C 288 -25.13 -17.97 -38.33
C ARG C 288 -23.70 -17.70 -37.89
N ARG C 289 -22.75 -18.43 -38.47
CA ARG C 289 -21.35 -18.25 -38.14
C ARG C 289 -20.52 -18.52 -39.38
N ASN C 290 -19.60 -17.61 -39.66
CA ASN C 290 -18.76 -17.67 -40.86
C ASN C 290 -17.42 -17.02 -40.54
N PRO C 291 -16.56 -17.72 -39.81
CA PRO C 291 -15.33 -17.08 -39.33
C PRO C 291 -14.47 -16.57 -40.46
N ALA C 292 -13.93 -15.37 -40.27
CA ALA C 292 -13.13 -14.62 -41.22
C ALA C 292 -13.89 -14.26 -42.50
N GLY C 293 -15.19 -14.45 -42.51
CA GLY C 293 -15.97 -14.39 -43.73
C GLY C 293 -16.38 -13.01 -44.17
N ASN C 294 -16.09 -11.97 -43.40
CA ASN C 294 -16.52 -10.63 -43.76
C ASN C 294 -15.57 -10.11 -44.83
N VAL C 295 -15.83 -10.55 -46.08
CA VAL C 295 -14.94 -10.17 -47.17
C VAL C 295 -14.92 -8.66 -47.34
N ALA C 296 -16.08 -8.02 -47.11
CA ALA C 296 -16.22 -6.58 -47.28
C ALA C 296 -15.54 -5.73 -46.22
N ARG C 297 -15.13 -6.31 -45.08
CA ARG C 297 -14.52 -5.57 -43.98
C ARG C 297 -13.25 -6.31 -43.56
N PRO C 298 -12.18 -6.21 -44.34
CA PRO C 298 -11.00 -7.06 -44.10
C PRO C 298 -10.37 -6.95 -42.73
N MET C 299 -10.53 -5.82 -42.04
CA MET C 299 -9.91 -5.67 -40.74
C MET C 299 -10.47 -6.67 -39.73
N VAL C 300 -11.66 -7.20 -39.98
CA VAL C 300 -12.27 -8.16 -39.06
C VAL C 300 -12.21 -9.58 -39.62
N GLN C 301 -11.24 -9.87 -40.50
CA GLN C 301 -11.05 -11.22 -41.00
C GLN C 301 -9.86 -11.91 -40.35
N ARG C 302 -9.19 -11.25 -39.42
CA ARG C 302 -8.14 -11.86 -38.62
C ARG C 302 -8.32 -11.45 -37.17
N LEU C 303 -7.95 -12.36 -36.29
CA LEU C 303 -8.12 -12.21 -34.85
C LEU C 303 -7.03 -11.33 -34.27
N PRO C 304 -7.17 -10.91 -33.01
CA PRO C 304 -6.14 -10.09 -32.39
C PRO C 304 -4.81 -10.81 -32.28
N GLU C 305 -3.72 -10.05 -32.36
CA GLU C 305 -2.41 -10.62 -32.17
C GLU C 305 -2.12 -10.88 -30.69
N PRO C 306 -1.28 -11.88 -30.40
CA PRO C 306 -0.88 -12.12 -29.01
C PRO C 306 -0.35 -10.88 -28.32
N GLN C 307 0.34 -10.01 -29.05
CA GLN C 307 0.94 -8.82 -28.46
C GLN C 307 -0.09 -7.72 -28.18
N ASP C 308 -1.25 -7.78 -28.84
CA ASP C 308 -2.29 -6.81 -28.54
C ASP C 308 -2.72 -6.93 -27.08
N VAL C 309 -2.74 -8.14 -26.54
CA VAL C 309 -3.10 -8.32 -25.15
C VAL C 309 -2.05 -7.71 -24.24
N ALA C 310 -0.77 -7.94 -24.55
CA ALA C 310 0.29 -7.40 -23.70
C ALA C 310 0.29 -5.90 -23.71
N GLN C 311 -0.09 -5.28 -24.82
CA GLN C 311 -0.07 -3.83 -24.90
C GLN C 311 -1.22 -3.20 -24.12
N CYS C 312 -2.42 -3.78 -24.23
CA CYS C 312 -3.56 -3.19 -23.54
C CYS C 312 -3.41 -3.32 -22.04
N LEU C 313 -2.74 -4.36 -21.57
CA LEU C 313 -2.46 -4.51 -20.14
C LEU C 313 -1.42 -3.52 -19.65
N GLU C 314 -0.90 -2.66 -20.52
CA GLU C 314 -0.03 -1.58 -20.13
C GLU C 314 -0.72 -0.22 -20.15
N VAL C 315 -2.01 -0.17 -20.46
CA VAL C 315 -2.80 1.05 -20.34
C VAL C 315 -3.26 1.16 -18.88
N GLY C 316 -2.76 2.17 -18.17
CA GLY C 316 -2.87 2.18 -16.73
C GLY C 316 -4.10 2.82 -16.14
N LEU C 317 -4.80 3.64 -16.90
CA LEU C 317 -6.04 4.23 -16.44
C LEU C 317 -7.19 3.32 -16.83
N PHE C 318 -8.01 2.92 -15.85
CA PHE C 318 -9.12 2.02 -16.14
C PHE C 318 -10.05 2.62 -17.19
N ASP C 319 -10.43 3.86 -17.01
CA ASP C 319 -11.23 4.55 -17.99
C ASP C 319 -10.84 6.01 -17.95
N THR C 320 -11.24 6.75 -18.99
CA THR C 320 -10.98 8.17 -19.08
C THR C 320 -12.21 8.85 -19.66
N PRO C 321 -12.41 10.14 -19.37
CA PRO C 321 -13.50 10.89 -20.01
C PRO C 321 -13.38 10.87 -21.52
N PRO C 322 -14.50 10.90 -22.25
CA PRO C 322 -15.86 10.98 -21.69
C PRO C 322 -16.51 9.65 -21.29
N PHE C 323 -15.72 8.63 -20.96
CA PHE C 323 -16.21 7.32 -20.52
C PHE C 323 -17.19 6.72 -21.54
N TYR C 324 -16.77 6.65 -22.79
CA TYR C 324 -17.62 6.24 -23.88
C TYR C 324 -16.75 5.46 -24.85
N SER C 325 -17.33 5.04 -25.98
CA SER C 325 -16.55 4.23 -26.90
C SER C 325 -15.47 5.03 -27.60
N ASN C 326 -15.46 6.35 -27.44
CA ASN C 326 -14.42 7.15 -28.05
C ASN C 326 -13.47 7.76 -27.02
N SER C 327 -13.36 7.11 -25.85
CA SER C 327 -12.35 7.45 -24.87
C SER C 327 -10.96 7.03 -25.37
N THR C 328 -9.95 7.75 -24.92
CA THR C 328 -8.57 7.47 -25.31
C THR C 328 -7.73 7.25 -24.08
N ASN C 329 -6.72 6.40 -24.22
CA ASN C 329 -5.83 5.98 -23.13
C ASN C 329 -6.60 5.36 -21.98
N SER C 330 -7.73 4.74 -22.30
CA SER C 330 -8.57 4.03 -21.34
C SER C 330 -8.42 2.54 -21.56
N PHE C 331 -8.05 1.81 -20.50
CA PHE C 331 -7.93 0.37 -20.59
C PHE C 331 -9.26 -0.26 -20.98
N ARG C 332 -10.34 0.16 -20.35
CA ARG C 332 -11.65 -0.42 -20.64
C ARG C 332 -12.02 -0.23 -22.09
N ASN C 333 -11.84 0.96 -22.65
CA ASN C 333 -12.15 1.13 -24.06
C ASN C 333 -11.17 0.39 -24.95
N THR C 334 -9.97 0.11 -24.47
CA THR C 334 -9.02 -0.64 -25.27
C THR C 334 -9.41 -2.10 -25.39
N VAL C 335 -9.57 -2.78 -24.26
CA VAL C 335 -9.87 -4.20 -24.34
C VAL C 335 -11.27 -4.41 -24.87
N GLU C 336 -12.19 -3.48 -24.65
CA GLU C 336 -13.50 -3.59 -25.27
C GLU C 336 -13.35 -3.62 -26.78
N GLY C 337 -12.39 -2.85 -27.30
CA GLY C 337 -12.04 -2.90 -28.71
C GLY C 337 -12.45 -1.71 -29.54
N TYR C 338 -12.50 -0.53 -28.94
CA TYR C 338 -12.75 0.69 -29.70
C TYR C 338 -11.53 1.58 -29.83
N SER C 339 -10.45 1.25 -29.14
CA SER C 339 -9.14 1.86 -29.32
C SER C 339 -8.18 0.78 -29.78
N ASP C 340 -7.06 1.19 -30.34
CA ASP C 340 -6.04 0.23 -30.71
C ASP C 340 -5.35 -0.25 -29.43
N PRO C 341 -4.59 -1.35 -29.50
CA PRO C 341 -4.06 -1.97 -28.27
C PRO C 341 -3.11 -1.10 -27.46
N THR C 342 -2.59 -0.01 -27.99
CA THR C 342 -1.81 0.90 -27.17
C THR C 342 -2.68 1.82 -26.33
N GLY C 343 -3.95 1.94 -26.67
CA GLY C 343 -4.85 2.82 -25.97
C GLY C 343 -5.26 4.04 -26.74
N LYS C 344 -4.72 4.24 -27.94
CA LYS C 344 -5.00 5.43 -28.72
C LYS C 344 -6.31 5.22 -29.48
N TYR C 345 -7.26 6.10 -29.26
CA TYR C 345 -8.55 5.98 -29.93
C TYR C 345 -8.39 6.25 -31.42
N ASP C 346 -9.27 5.64 -32.19
CA ASP C 346 -9.33 5.74 -33.63
C ASP C 346 -10.67 5.18 -34.08
N PRO C 347 -11.57 6.00 -34.63
CA PRO C 347 -12.91 5.50 -34.97
C PRO C 347 -12.90 4.38 -35.97
N ALA C 348 -11.82 4.21 -36.73
CA ALA C 348 -11.77 3.10 -37.68
C ALA C 348 -11.52 1.79 -36.97
N VAL C 349 -10.60 1.77 -36.00
CA VAL C 349 -10.09 0.51 -35.47
C VAL C 349 -11.16 -0.24 -34.70
N ARG C 350 -11.18 -1.56 -34.87
CA ARG C 350 -11.88 -2.50 -34.02
C ARG C 350 -10.86 -3.53 -33.60
N SER C 351 -10.71 -3.74 -32.30
CA SER C 351 -9.66 -4.57 -31.76
C SER C 351 -10.21 -5.50 -30.68
N LEU C 352 -9.34 -6.41 -30.23
CA LEU C 352 -9.56 -7.37 -29.15
C LEU C 352 -11.01 -7.86 -29.04
N HIS C 353 -11.72 -7.50 -27.97
CA HIS C 353 -13.05 -8.06 -27.73
C HIS C 353 -13.99 -7.78 -28.89
N ASN C 354 -14.09 -6.52 -29.33
CA ASN C 354 -14.89 -6.20 -30.51
C ASN C 354 -14.40 -6.97 -31.73
N LEU C 355 -13.08 -7.11 -31.88
CA LEU C 355 -12.56 -7.80 -33.05
C LEU C 355 -12.97 -9.27 -33.07
N ALA C 356 -12.79 -9.97 -31.95
CA ALA C 356 -13.18 -11.37 -31.93
C ALA C 356 -14.66 -11.56 -32.17
N HIS C 357 -15.49 -10.61 -31.74
CA HIS C 357 -16.90 -10.68 -32.05
C HIS C 357 -17.14 -10.58 -33.55
N LEU C 358 -16.60 -9.53 -34.18
CA LEU C 358 -16.87 -9.29 -35.59
C LEU C 358 -16.23 -10.35 -36.47
N PHE C 359 -15.15 -10.96 -36.00
CA PHE C 359 -14.49 -12.04 -36.72
C PHE C 359 -15.43 -13.20 -37.00
N LEU C 360 -16.46 -13.40 -36.18
CA LEU C 360 -17.35 -14.51 -36.39
C LEU C 360 -18.29 -14.28 -37.56
N ASN C 361 -18.41 -13.04 -38.02
CA ASN C 361 -19.22 -12.69 -39.18
C ASN C 361 -20.59 -13.39 -39.14
N GLY C 362 -21.33 -13.09 -38.10
CA GLY C 362 -22.59 -13.76 -37.90
C GLY C 362 -23.31 -13.36 -36.64
N THR C 363 -24.10 -14.29 -36.12
CA THR C 363 -24.86 -14.06 -34.91
C THR C 363 -24.00 -13.55 -33.76
N GLY C 364 -22.81 -14.11 -33.59
CA GLY C 364 -21.91 -13.65 -32.56
C GLY C 364 -21.37 -12.28 -32.79
N GLY C 365 -21.61 -11.70 -33.96
CA GLY C 365 -21.13 -10.38 -34.27
C GLY C 365 -22.27 -9.41 -34.43
N GLN C 366 -23.42 -9.72 -33.88
CA GLN C 366 -24.54 -8.79 -33.84
C GLN C 366 -24.89 -8.47 -32.39
N THR C 367 -25.03 -7.18 -32.08
CA THR C 367 -25.06 -6.78 -30.68
C THR C 367 -26.28 -7.34 -29.96
N HIS C 368 -27.45 -7.27 -30.58
CA HIS C 368 -28.64 -7.79 -29.93
C HIS C 368 -28.66 -9.31 -29.88
N LEU C 369 -27.71 -9.97 -30.53
CA LEU C 369 -27.87 -11.39 -30.81
C LEU C 369 -26.73 -12.25 -30.33
N SER C 370 -25.58 -11.68 -30.02
CA SER C 370 -24.32 -12.41 -30.03
C SER C 370 -24.20 -13.53 -29.01
N PRO C 371 -24.80 -13.48 -27.82
CA PRO C 371 -24.68 -14.65 -26.95
C PRO C 371 -25.37 -15.87 -27.49
N ASN C 372 -26.23 -15.72 -28.50
CA ASN C 372 -26.88 -16.89 -29.10
C ASN C 372 -25.85 -17.87 -29.64
N ASP C 373 -24.70 -17.37 -30.08
CA ASP C 373 -23.58 -18.21 -30.45
C ASP C 373 -22.76 -18.51 -29.21
N PRO C 374 -22.65 -19.76 -28.78
CA PRO C 374 -22.04 -20.04 -27.47
C PRO C 374 -20.55 -19.74 -27.41
N ILE C 375 -19.89 -19.42 -28.53
CA ILE C 375 -18.53 -18.92 -28.47
C ILE C 375 -18.44 -17.70 -27.56
N PHE C 376 -19.54 -16.95 -27.47
CA PHE C 376 -19.66 -15.77 -26.61
C PHE C 376 -19.15 -16.05 -25.21
N VAL C 377 -19.52 -17.20 -24.64
CA VAL C 377 -19.11 -17.52 -23.28
C VAL C 377 -17.60 -17.51 -23.15
N LEU C 378 -16.92 -18.19 -24.05
CA LEU C 378 -15.47 -18.34 -23.95
C LEU C 378 -14.73 -17.11 -24.42
N LEU C 379 -15.30 -16.38 -25.36
CA LEU C 379 -14.75 -15.08 -25.68
C LEU C 379 -14.76 -14.17 -24.47
N HIS C 380 -15.79 -14.23 -23.67
CA HIS C 380 -15.88 -13.26 -22.60
C HIS C 380 -15.19 -13.70 -21.32
N THR C 381 -15.06 -15.01 -21.06
CA THR C 381 -14.20 -15.40 -19.95
C THR C 381 -12.77 -14.99 -20.20
N PHE C 382 -12.32 -15.03 -21.45
CA PHE C 382 -11.00 -14.53 -21.77
C PHE C 382 -10.93 -13.03 -21.61
N THR C 383 -11.95 -12.29 -22.06
CA THR C 383 -11.98 -10.86 -21.80
C THR C 383 -11.95 -10.60 -20.31
N ASP C 384 -12.70 -11.39 -19.53
CA ASP C 384 -12.67 -11.26 -18.09
C ASP C 384 -11.31 -11.62 -17.52
N ALA C 385 -10.61 -12.57 -18.12
CA ALA C 385 -9.27 -12.90 -17.64
C ALA C 385 -8.29 -11.76 -17.84
N VAL C 386 -8.40 -11.05 -18.95
CA VAL C 386 -7.60 -9.85 -19.17
C VAL C 386 -7.94 -8.81 -18.10
N PHE C 387 -9.23 -8.61 -17.85
CA PHE C 387 -9.70 -7.70 -16.82
C PHE C 387 -9.14 -8.08 -15.45
N ASP C 388 -9.18 -9.36 -15.09
CA ASP C 388 -8.70 -9.77 -13.78
C ASP C 388 -7.20 -9.56 -13.64
N GLU C 389 -6.44 -9.83 -14.69
CA GLU C 389 -5.01 -9.56 -14.67
C GLU C 389 -4.74 -8.07 -14.50
N TRP C 390 -5.55 -7.23 -15.13
CA TRP C 390 -5.41 -5.79 -14.94
C TRP C 390 -5.64 -5.39 -13.48
N LEU C 391 -6.67 -5.95 -12.84
CA LEU C 391 -6.92 -5.64 -11.44
C LEU C 391 -5.78 -6.12 -10.55
N ARG C 392 -5.21 -7.28 -10.86
CA ARG C 392 -4.03 -7.72 -10.13
C ARG C 392 -2.90 -6.71 -10.29
N ARG C 393 -2.67 -6.27 -11.52
CA ARG C 393 -1.47 -5.53 -11.86
C ARG C 393 -1.51 -4.09 -11.35
N TYR C 394 -2.70 -3.49 -11.28
CA TYR C 394 -2.84 -2.12 -10.83
C TYR C 394 -3.58 -2.04 -9.52
N ASN C 395 -3.58 -3.15 -8.79
CA ASN C 395 -4.10 -3.24 -7.43
C ASN C 395 -5.55 -2.74 -7.34
N ALA C 396 -6.37 -3.11 -8.31
CA ALA C 396 -7.81 -2.90 -8.25
C ALA C 396 -8.16 -1.42 -8.07
N ASP C 397 -7.45 -0.57 -8.80
CA ASP C 397 -7.60 0.88 -8.74
C ASP C 397 -8.92 1.29 -9.38
N ILE C 398 -9.95 1.52 -8.56
CA ILE C 398 -11.27 1.90 -9.06
C ILE C 398 -11.42 3.41 -9.21
N SER C 399 -10.36 4.18 -8.98
CA SER C 399 -10.51 5.63 -8.86
C SER C 399 -11.01 6.28 -10.14
N THR C 400 -10.62 5.77 -11.31
CA THR C 400 -11.07 6.42 -12.52
C THR C 400 -12.44 5.96 -12.98
N PHE C 401 -13.01 4.96 -12.35
CA PHE C 401 -14.34 4.53 -12.67
C PHE C 401 -15.32 5.59 -12.18
N PRO C 402 -15.90 6.39 -13.03
CA PRO C 402 -16.59 7.60 -12.58
C PRO C 402 -17.83 7.29 -11.76
N LEU C 403 -18.10 8.14 -10.74
CA LEU C 403 -19.33 7.99 -9.98
C LEU C 403 -20.51 8.69 -10.63
N GLU C 404 -20.28 9.66 -11.50
CA GLU C 404 -21.35 10.35 -12.20
C GLU C 404 -20.88 10.82 -13.56
N ASN C 405 -21.85 11.21 -14.39
CA ASN C 405 -21.69 11.73 -15.74
C ASN C 405 -21.17 10.70 -16.73
N ALA C 406 -21.20 9.41 -16.40
CA ALA C 406 -20.98 8.37 -17.39
C ALA C 406 -22.24 8.17 -18.23
N PRO C 407 -22.14 7.50 -19.37
CA PRO C 407 -23.36 7.15 -20.11
C PRO C 407 -24.32 6.40 -19.20
N ILE C 408 -25.62 6.59 -19.42
CA ILE C 408 -26.60 6.04 -18.50
C ILE C 408 -26.38 4.53 -18.39
N GLY C 409 -26.36 4.02 -17.16
CA GLY C 409 -26.08 2.64 -16.90
C GLY C 409 -24.68 2.35 -16.44
N HIS C 410 -23.75 3.28 -16.64
CA HIS C 410 -22.34 3.04 -16.36
C HIS C 410 -21.77 3.83 -15.20
N ASN C 411 -22.58 4.60 -14.47
CA ASN C 411 -22.09 5.18 -13.24
C ASN C 411 -21.69 4.07 -12.28
N ARG C 412 -20.67 4.34 -11.47
CA ARG C 412 -20.08 3.27 -10.67
C ARG C 412 -21.11 2.59 -9.79
N GLN C 413 -22.06 3.33 -9.23
CA GLN C 413 -23.03 2.76 -8.31
C GLN C 413 -24.32 2.34 -9.00
N TYR C 414 -24.37 2.42 -10.32
CA TYR C 414 -25.50 1.89 -11.08
C TYR C 414 -25.65 0.41 -10.85
N ASN C 415 -26.87 -0.04 -10.60
CA ASN C 415 -27.15 -1.47 -10.57
C ASN C 415 -27.13 -2.01 -11.99
N MET C 416 -26.30 -3.00 -12.24
CA MET C 416 -26.10 -3.49 -13.60
C MET C 416 -27.39 -4.09 -14.15
N VAL C 417 -27.74 -3.67 -15.36
CA VAL C 417 -29.04 -3.92 -15.96
C VAL C 417 -29.02 -5.15 -16.85
N PRO C 418 -29.95 -6.08 -16.63
CA PRO C 418 -31.06 -6.10 -15.67
C PRO C 418 -30.97 -7.16 -14.58
N PHE C 419 -29.82 -7.26 -13.94
CA PHE C 419 -29.59 -8.38 -13.04
C PHE C 419 -30.39 -8.23 -11.77
N TRP C 420 -30.70 -9.36 -11.15
CA TRP C 420 -31.44 -9.40 -9.90
C TRP C 420 -30.86 -10.43 -8.95
N PRO C 421 -30.76 -10.09 -7.66
CA PRO C 421 -30.98 -8.83 -6.96
C PRO C 421 -30.03 -7.73 -7.42
N PRO C 422 -30.33 -6.48 -7.10
CA PRO C 422 -29.47 -5.38 -7.56
C PRO C 422 -28.03 -5.62 -7.17
N VAL C 423 -27.13 -5.36 -8.12
CA VAL C 423 -25.72 -5.58 -7.94
C VAL C 423 -24.99 -4.50 -8.72
N THR C 424 -24.09 -3.79 -8.05
CA THR C 424 -23.45 -2.61 -8.63
C THR C 424 -22.15 -3.00 -9.35
N ASN C 425 -21.69 -2.09 -10.20
CA ASN C 425 -20.39 -2.29 -10.83
C ASN C 425 -19.30 -2.42 -9.78
N THR C 426 -19.43 -1.69 -8.67
CA THR C 426 -18.41 -1.70 -7.63
C THR C 426 -18.20 -3.10 -7.10
N GLU C 427 -19.26 -3.88 -6.97
CA GLU C 427 -19.16 -5.22 -6.43
C GLU C 427 -18.37 -6.16 -7.32
N MET C 428 -18.23 -5.86 -8.61
CA MET C 428 -17.47 -6.69 -9.54
C MET C 428 -16.05 -6.21 -9.76
N PHE C 429 -15.71 -5.01 -9.30
CA PHE C 429 -14.38 -4.45 -9.46
C PHE C 429 -13.45 -4.96 -8.36
N VAL C 430 -13.26 -6.26 -8.33
CA VAL C 430 -12.45 -6.94 -7.34
C VAL C 430 -11.66 -8.02 -8.02
N THR C 431 -10.49 -8.33 -7.48
CA THR C 431 -9.71 -9.44 -7.99
C THR C 431 -10.46 -10.73 -7.73
N ALA C 432 -10.62 -11.54 -8.76
CA ALA C 432 -11.51 -12.69 -8.66
C ALA C 432 -11.07 -13.77 -7.69
N PRO C 433 -9.78 -14.16 -7.64
CA PRO C 433 -9.43 -15.32 -6.79
C PRO C 433 -9.80 -15.15 -5.34
N ASP C 434 -9.62 -13.96 -4.76
CA ASP C 434 -9.92 -13.71 -3.37
C ASP C 434 -11.37 -13.33 -3.09
N ASN C 435 -12.08 -12.78 -4.06
CA ASN C 435 -13.37 -12.17 -3.82
C ASN C 435 -14.54 -12.83 -4.51
N LEU C 436 -14.31 -13.56 -5.61
CA LEU C 436 -15.39 -14.18 -6.35
C LEU C 436 -15.25 -15.69 -6.45
N GLY C 437 -14.25 -16.28 -5.80
CA GLY C 437 -14.15 -17.71 -5.74
C GLY C 437 -13.69 -18.39 -7.01
N TYR C 438 -13.04 -17.65 -7.92
CA TYR C 438 -12.58 -18.28 -9.14
C TYR C 438 -11.28 -17.68 -9.58
N THR C 439 -10.52 -18.45 -10.35
CA THR C 439 -9.27 -17.97 -10.87
C THR C 439 -9.05 -18.54 -12.27
N TYR C 440 -8.11 -17.96 -13.00
CA TYR C 440 -7.80 -18.36 -14.36
C TYR C 440 -6.46 -19.07 -14.42
N GLU C 441 -6.46 -20.23 -15.05
CA GLU C 441 -5.22 -20.90 -15.44
C GLU C 441 -4.84 -20.31 -16.78
N ILE C 442 -3.98 -19.31 -16.77
CA ILE C 442 -3.66 -18.56 -17.98
C ILE C 442 -2.26 -18.00 -17.81
N GLN C 443 -1.61 -17.73 -18.91
CA GLN C 443 -0.26 -17.20 -18.89
C GLN C 443 -0.18 -16.05 -19.86
N TRP C 444 0.51 -14.99 -19.46
CA TRP C 444 0.44 -13.83 -20.30
C TRP C 444 1.75 -13.58 -21.03
N PRO C 445 1.71 -13.21 -22.30
CA PRO C 445 2.95 -12.93 -23.01
C PRO C 445 3.50 -11.57 -22.62
N SER C 446 4.84 -11.48 -22.63
CA SER C 446 5.49 -10.22 -22.29
C SER C 446 6.15 -9.57 -23.50
N GLN D 1 6.43 22.16 -12.42
CA GLN D 1 5.13 21.83 -11.84
C GLN D 1 5.25 21.22 -10.45
N PHE D 2 4.25 20.49 -10.00
CA PHE D 2 4.17 20.38 -8.54
C PHE D 2 4.33 18.94 -8.07
N PRO D 3 4.82 18.77 -6.84
CA PRO D 3 4.82 17.44 -6.23
C PRO D 3 3.42 16.83 -6.25
N ARG D 4 3.35 15.53 -6.48
CA ARG D 4 2.04 14.90 -6.59
C ARG D 4 1.25 15.03 -5.31
N GLN D 5 1.92 15.07 -4.15
CA GLN D 5 1.25 15.25 -2.87
C GLN D 5 0.52 16.58 -2.79
N CYS D 6 0.97 17.58 -3.53
CA CYS D 6 0.38 18.90 -3.50
C CYS D 6 -0.63 19.14 -4.62
N ALA D 7 -0.80 18.21 -5.55
CA ALA D 7 -1.76 18.38 -6.63
C ALA D 7 -3.12 17.82 -6.24
N THR D 8 -3.63 18.28 -5.10
CA THR D 8 -4.87 17.77 -4.56
C THR D 8 -5.80 18.93 -4.27
N VAL D 9 -7.07 18.60 -4.08
CA VAL D 9 -8.04 19.62 -3.68
C VAL D 9 -7.62 20.23 -2.34
N GLU D 10 -7.19 19.38 -1.40
CA GLU D 10 -6.80 19.88 -0.09
C GLU D 10 -5.67 20.88 -0.20
N ALA D 11 -4.60 20.49 -0.91
CA ALA D 11 -3.43 21.34 -0.96
C ALA D 11 -3.70 22.59 -1.77
N LEU D 12 -4.48 22.48 -2.85
CA LEU D 12 -4.77 23.67 -3.63
C LEU D 12 -5.74 24.59 -2.89
N ARG D 13 -6.67 24.03 -2.12
CA ARG D 13 -7.53 24.90 -1.31
C ARG D 13 -6.71 25.59 -0.22
N SER D 14 -5.83 24.85 0.44
CA SER D 14 -5.07 25.47 1.51
C SER D 14 -4.01 26.42 1.00
N GLY D 15 -3.57 26.26 -0.26
CA GLY D 15 -2.50 27.09 -0.75
C GLY D 15 -1.14 26.75 -0.19
N MET D 16 -1.02 25.59 0.42
CA MET D 16 0.20 25.15 1.08
C MET D 16 0.70 23.92 0.35
N CYS D 17 1.97 23.93 -0.06
CA CYS D 17 2.63 22.74 -0.59
C CYS D 17 3.82 22.45 0.31
N CYS D 18 3.58 21.64 1.34
CA CYS D 18 4.55 21.39 2.40
C CYS D 18 4.44 19.93 2.79
N PRO D 19 4.86 19.02 1.93
CA PRO D 19 4.60 17.60 2.16
C PRO D 19 5.39 17.05 3.34
N ASP D 20 4.88 15.95 3.90
CA ASP D 20 5.61 15.26 4.94
C ASP D 20 6.86 14.63 4.38
N LEU D 21 7.87 14.49 5.25
CA LEU D 21 9.08 13.73 4.93
C LEU D 21 9.03 12.34 5.53
N SER D 22 8.99 12.22 6.87
CA SER D 22 8.75 10.94 7.54
C SER D 22 7.68 11.14 8.61
N PRO D 23 6.59 11.05 8.29
CA PRO D 23 5.48 11.28 9.20
C PRO D 23 5.20 10.11 10.14
N VAL D 24 6.15 9.80 11.01
CA VAL D 24 5.99 8.61 11.85
C VAL D 24 4.95 8.83 12.94
N SER D 25 4.54 10.07 13.21
CA SER D 25 3.49 10.35 14.15
C SER D 25 2.14 10.61 13.51
N GLY D 26 1.98 10.33 12.22
CA GLY D 26 0.74 10.55 11.52
C GLY D 26 0.93 11.64 10.48
N PRO D 27 0.03 11.71 9.51
CA PRO D 27 0.12 12.79 8.53
C PRO D 27 0.09 14.16 9.19
N GLY D 28 0.87 15.07 8.65
CA GLY D 28 0.99 16.42 9.15
C GLY D 28 1.99 16.63 10.25
N THR D 29 2.68 15.59 10.68
CA THR D 29 3.63 15.69 11.78
C THR D 29 5.07 15.95 11.35
N ASP D 30 5.41 15.84 10.06
CA ASP D 30 6.79 16.06 9.65
C ASP D 30 6.86 16.85 8.35
N ARG D 31 6.05 17.89 8.25
CA ARG D 31 6.09 18.74 7.07
C ARG D 31 7.50 19.31 6.89
N CYS D 32 8.04 19.15 5.69
CA CYS D 32 9.36 19.65 5.33
C CYS D 32 10.47 19.05 6.19
N GLY D 33 10.22 17.93 6.85
CA GLY D 33 11.23 17.35 7.71
C GLY D 33 11.50 18.16 8.96
N SER D 34 10.46 18.75 9.54
CA SER D 34 10.68 19.53 10.76
C SER D 34 10.94 18.65 11.96
N SER D 35 10.62 17.37 11.91
CA SER D 35 10.92 16.47 13.02
C SER D 35 12.43 16.36 13.25
N SER D 36 13.18 16.14 12.19
CA SER D 36 14.62 16.33 12.22
C SER D 36 14.89 17.81 11.95
N GLY D 37 16.15 18.20 11.75
CA GLY D 37 16.35 19.64 11.59
C GLY D 37 16.34 20.12 10.15
N ARG D 38 15.56 19.45 9.30
CA ARG D 38 15.82 19.58 7.87
C ARG D 38 15.15 20.78 7.23
N GLY D 39 14.01 21.25 7.73
CA GLY D 39 13.39 22.43 7.17
C GLY D 39 12.04 22.70 7.80
N ARG D 40 11.40 23.76 7.34
CA ARG D 40 10.12 24.13 7.92
C ARG D 40 9.19 24.74 6.87
N CYS D 41 7.90 24.50 7.04
CA CYS D 41 6.92 25.11 6.15
C CYS D 41 6.88 26.59 6.42
N GLU D 42 6.80 27.38 5.35
CA GLU D 42 7.12 28.78 5.44
C GLU D 42 6.42 29.48 4.28
N ALA D 43 6.21 30.77 4.43
CA ALA D 43 5.59 31.56 3.38
C ALA D 43 6.56 31.73 2.22
N VAL D 44 5.99 31.84 1.02
CA VAL D 44 6.77 32.00 -0.20
C VAL D 44 7.33 33.41 -0.30
N THR D 45 8.58 33.52 -0.76
CA THR D 45 9.12 34.78 -1.23
C THR D 45 9.00 34.82 -2.75
N ALA D 46 8.36 35.86 -3.26
CA ALA D 46 8.28 36.07 -4.70
C ALA D 46 8.67 37.51 -5.03
N ASP D 47 9.20 37.68 -6.24
CA ASP D 47 9.58 39.02 -6.70
C ASP D 47 8.35 39.87 -6.94
N SER D 48 8.30 41.03 -6.31
CA SER D 48 7.18 41.95 -6.50
C SER D 48 7.56 43.17 -7.32
N ARG D 49 8.75 43.20 -7.88
CA ARG D 49 9.19 44.38 -8.59
C ARG D 49 8.60 44.44 -10.00
N PRO D 50 8.53 45.63 -10.58
CA PRO D 50 7.87 45.78 -11.89
C PRO D 50 8.65 45.12 -13.00
N HIS D 51 7.95 44.85 -14.08
CA HIS D 51 8.54 44.31 -15.29
C HIS D 51 8.34 45.30 -16.44
N SER D 52 8.96 44.99 -17.58
CA SER D 52 8.89 45.88 -18.73
C SER D 52 7.45 45.98 -19.22
N PRO D 53 7.10 47.08 -19.89
CA PRO D 53 5.71 47.25 -20.32
C PRO D 53 5.29 46.30 -21.42
N GLN D 54 6.14 45.38 -21.87
CA GLN D 54 5.76 44.56 -23.01
C GLN D 54 4.58 43.65 -22.70
N TYR D 55 4.53 43.15 -21.48
CA TYR D 55 3.43 42.31 -21.04
C TYR D 55 2.39 43.16 -20.33
N PRO D 56 1.22 43.41 -20.92
CA PRO D 56 0.22 44.31 -20.31
C PRO D 56 -0.89 43.62 -19.52
N HIS D 57 -0.86 42.31 -19.33
CA HIS D 57 -2.02 41.57 -18.85
C HIS D 57 -1.82 41.05 -17.43
N ASP D 58 -1.17 41.83 -16.57
CA ASP D 58 -1.09 41.46 -15.17
C ASP D 58 -2.47 41.09 -14.65
N GLY D 59 -2.56 39.95 -13.97
CA GLY D 59 -3.81 39.44 -13.50
C GLY D 59 -4.44 38.35 -14.33
N ARG D 60 -3.83 37.98 -15.45
CA ARG D 60 -4.45 37.01 -16.33
C ARG D 60 -3.71 35.68 -16.44
N ASP D 61 -2.47 35.57 -15.93
CA ASP D 61 -1.65 34.41 -16.22
C ASP D 61 -1.03 33.83 -14.96
N ASP D 62 -1.20 32.53 -14.78
CA ASP D 62 -0.71 31.79 -13.62
C ASP D 62 0.80 31.82 -13.48
N ARG D 63 1.53 32.27 -14.48
CA ARG D 63 2.97 32.34 -14.35
C ARG D 63 3.45 33.63 -13.68
N GLU D 64 2.57 34.61 -13.49
CA GLU D 64 2.97 35.85 -12.83
C GLU D 64 3.28 35.59 -11.37
N VAL D 65 4.31 36.28 -10.87
CA VAL D 65 4.71 36.19 -9.48
C VAL D 65 4.70 34.75 -8.98
N TRP D 66 5.30 33.86 -9.76
CA TRP D 66 5.37 32.42 -9.50
C TRP D 66 5.97 32.11 -8.15
N PRO D 67 5.36 31.19 -7.40
CA PRO D 67 4.20 30.36 -7.68
C PRO D 67 2.93 30.84 -6.99
N LEU D 68 2.84 32.14 -6.70
CA LEU D 68 1.81 32.62 -5.80
C LEU D 68 0.41 32.38 -6.32
N ARG D 69 0.24 32.13 -7.62
CA ARG D 69 -1.08 31.81 -8.12
C ARG D 69 -1.54 30.41 -7.71
N PHE D 70 -0.64 29.55 -7.25
CA PHE D 70 -1.04 28.23 -6.79
C PHE D 70 -0.78 27.97 -5.31
N PHE D 71 0.38 28.37 -4.80
CA PHE D 71 0.72 28.09 -3.41
C PHE D 71 1.45 29.29 -2.83
N ASN D 72 1.17 29.61 -1.57
CA ASN D 72 1.85 30.71 -0.90
C ASN D 72 2.63 30.26 0.32
N ARG D 73 2.70 28.96 0.58
CA ARG D 73 3.52 28.40 1.63
C ARG D 73 4.28 27.22 1.07
N THR D 74 5.57 27.15 1.37
CA THR D 74 6.48 26.16 0.80
C THR D 74 7.45 25.69 1.85
N CYS D 75 8.19 24.63 1.53
CA CYS D 75 9.25 24.15 2.39
C CYS D 75 10.50 24.99 2.17
N HIS D 76 11.00 25.60 3.23
CA HIS D 76 12.33 26.16 3.22
C HIS D 76 13.21 25.22 4.02
N CYS D 77 14.35 24.87 3.45
CA CYS D 77 15.21 23.87 4.07
C CYS D 77 16.42 24.52 4.73
N ASN D 78 16.91 23.86 5.77
CA ASN D 78 18.09 24.32 6.49
C ASN D 78 19.37 23.75 5.88
N GLY D 79 20.45 24.51 6.00
CA GLY D 79 21.76 24.03 5.62
C GLY D 79 21.80 23.62 4.17
N ASN D 80 22.41 22.47 3.91
CA ASN D 80 22.51 21.93 2.56
C ASN D 80 21.44 20.88 2.30
N PHE D 81 20.35 20.91 3.06
CA PHE D 81 19.19 20.13 2.69
C PHE D 81 18.42 20.85 1.59
N SER D 82 17.64 20.09 0.83
CA SER D 82 16.94 20.65 -0.31
C SER D 82 15.85 19.69 -0.75
N GLY D 83 15.05 20.15 -1.68
CA GLY D 83 13.97 19.38 -2.24
C GLY D 83 12.62 19.87 -1.74
N HIS D 84 11.57 19.45 -2.44
CA HIS D 84 10.21 19.80 -2.08
C HIS D 84 9.91 19.42 -0.63
N ASN D 85 10.61 18.41 -0.13
CA ASN D 85 10.49 17.76 1.17
C ASN D 85 11.55 18.17 2.16
N CYS D 86 12.58 18.86 1.71
CA CYS D 86 13.88 18.93 2.37
C CYS D 86 14.48 17.56 2.59
N GLY D 87 14.05 16.56 1.80
CA GLY D 87 14.51 15.20 1.93
C GLY D 87 15.75 14.85 1.15
N THR D 88 16.28 15.76 0.34
CA THR D 88 17.51 15.50 -0.38
C THR D 88 18.48 16.65 -0.13
N CYS D 89 19.55 16.75 -0.91
CA CYS D 89 20.61 17.71 -0.68
C CYS D 89 20.70 18.74 -1.79
N ARG D 90 21.30 19.89 -1.45
CA ARG D 90 21.63 20.91 -2.43
C ARG D 90 22.62 20.35 -3.45
N PRO D 91 22.73 20.96 -4.62
CA PRO D 91 23.63 20.42 -5.64
C PRO D 91 25.07 20.44 -5.16
N GLY D 92 25.75 19.33 -5.37
CA GLY D 92 27.09 19.16 -4.85
C GLY D 92 27.17 18.45 -3.52
N TRP D 93 26.08 17.88 -3.03
CA TRP D 93 26.07 17.25 -1.72
C TRP D 93 25.32 15.94 -1.76
N ARG D 94 25.79 14.96 -0.99
CA ARG D 94 25.08 13.72 -0.77
C ARG D 94 25.16 13.35 0.68
N GLY D 95 24.52 12.24 1.02
CA GLY D 95 24.60 11.67 2.35
C GLY D 95 23.39 12.02 3.19
N ALA D 96 23.14 11.19 4.20
CA ALA D 96 22.00 11.39 5.07
C ALA D 96 22.03 12.79 5.68
N ALA D 97 23.22 13.27 6.01
CA ALA D 97 23.42 14.58 6.58
C ALA D 97 23.83 15.63 5.56
N CYS D 98 23.87 15.29 4.28
CA CYS D 98 24.27 16.23 3.22
C CYS D 98 25.58 16.92 3.55
N ASP D 99 26.55 16.14 4.02
CA ASP D 99 27.86 16.65 4.39
C ASP D 99 28.97 16.01 3.57
N GLN D 100 28.63 15.26 2.54
CA GLN D 100 29.61 14.59 1.69
C GLN D 100 29.65 15.31 0.35
N ARG D 101 30.84 15.72 -0.06
CA ARG D 101 31.02 16.55 -1.25
C ARG D 101 31.08 15.68 -2.50
N VAL D 102 30.52 16.18 -3.59
CA VAL D 102 30.67 15.56 -4.90
C VAL D 102 30.90 16.62 -5.95
N LEU D 103 31.71 16.25 -6.93
CA LEU D 103 31.89 17.03 -8.15
C LEU D 103 31.75 16.09 -9.32
N ILE D 104 30.76 16.33 -10.18
CA ILE D 104 30.59 15.53 -11.38
C ILE D 104 31.07 16.33 -12.58
N VAL D 105 31.51 15.62 -13.61
CA VAL D 105 32.21 16.18 -14.75
C VAL D 105 31.36 16.02 -15.98
N ARG D 106 31.01 17.12 -16.61
CA ARG D 106 30.33 17.08 -17.89
C ARG D 106 31.38 17.11 -18.98
N ARG D 107 31.35 16.11 -19.85
CA ARG D 107 32.35 15.90 -20.88
C ARG D 107 31.72 16.01 -22.26
N ASN D 108 32.57 16.16 -23.26
CA ASN D 108 32.15 16.21 -24.65
C ASN D 108 31.63 14.85 -25.07
N LEU D 109 30.41 14.82 -25.63
CA LEU D 109 29.82 13.54 -26.00
C LEU D 109 30.73 12.76 -26.93
N LEU D 110 31.47 13.43 -27.78
CA LEU D 110 32.36 12.73 -28.71
C LEU D 110 33.58 12.15 -28.01
N ASP D 111 33.91 12.59 -26.81
CA ASP D 111 35.05 12.00 -26.11
C ASP D 111 34.70 10.78 -25.28
N LEU D 112 33.43 10.42 -25.15
CA LEU D 112 33.12 9.26 -24.32
C LEU D 112 33.44 7.97 -25.05
N SER D 113 33.64 6.91 -24.27
CA SER D 113 33.95 5.61 -24.81
C SER D 113 32.70 4.99 -25.45
N LYS D 114 32.88 3.83 -26.07
CA LYS D 114 31.76 3.16 -26.69
C LYS D 114 30.70 2.75 -25.66
N GLU D 115 31.12 2.23 -24.51
CA GLU D 115 30.14 1.91 -23.47
C GLU D 115 29.48 3.16 -22.93
N GLU D 116 30.26 4.21 -22.69
CA GLU D 116 29.69 5.42 -22.10
C GLU D 116 28.71 6.08 -23.05
N LYS D 117 29.02 6.13 -24.34
CA LYS D 117 28.08 6.63 -25.33
C LYS D 117 26.80 5.82 -25.34
N ASN D 118 26.92 4.49 -25.36
CA ASN D 118 25.73 3.65 -25.41
C ASN D 118 24.93 3.78 -24.13
N HIS D 119 25.62 3.91 -23.00
CA HIS D 119 24.95 4.13 -21.72
C HIS D 119 24.17 5.42 -21.71
N PHE D 120 24.75 6.50 -22.22
CA PHE D 120 24.05 7.78 -22.24
C PHE D 120 22.79 7.71 -23.08
N VAL D 121 22.88 7.13 -24.28
CA VAL D 121 21.71 7.03 -25.16
C VAL D 121 20.60 6.24 -24.47
N ARG D 122 20.94 5.13 -23.83
CA ARG D 122 19.91 4.35 -23.16
C ARG D 122 19.41 5.03 -21.90
N ALA D 123 20.23 5.85 -21.26
CA ALA D 123 19.74 6.60 -20.11
C ALA D 123 18.69 7.62 -20.53
N LEU D 124 18.94 8.33 -21.63
CA LEU D 124 17.90 9.22 -22.16
C LEU D 124 16.64 8.46 -22.48
N ASP D 125 16.77 7.28 -23.08
CA ASP D 125 15.59 6.53 -23.49
C ASP D 125 14.82 6.06 -22.28
N MET D 126 15.51 5.65 -21.23
CA MET D 126 14.81 5.29 -20.01
C MET D 126 14.09 6.49 -19.41
N ALA D 127 14.69 7.68 -19.48
CA ALA D 127 14.02 8.85 -18.94
C ALA D 127 12.78 9.19 -19.74
N LYS D 128 12.77 8.88 -21.02
CA LYS D 128 11.60 9.14 -21.85
C LYS D 128 10.45 8.19 -21.51
N ARG D 129 10.74 7.01 -20.97
CA ARG D 129 9.74 5.97 -20.69
C ARG D 129 9.35 5.87 -19.22
N THR D 130 10.12 6.42 -18.29
CA THR D 130 9.91 6.24 -16.86
C THR D 130 9.12 7.40 -16.29
N THR D 131 8.04 7.10 -15.56
CA THR D 131 7.21 8.12 -14.93
C THR D 131 8.03 8.94 -13.96
N HIS D 132 7.88 10.24 -13.99
CA HIS D 132 8.59 11.08 -13.03
C HIS D 132 8.09 10.73 -11.63
N PRO D 133 8.97 10.34 -10.72
CA PRO D 133 8.49 9.89 -9.41
C PRO D 133 7.82 10.98 -8.61
N LEU D 134 8.16 12.23 -8.84
CA LEU D 134 7.74 13.32 -8.00
C LEU D 134 6.66 14.21 -8.61
N PHE D 135 6.92 14.80 -9.77
CA PHE D 135 6.07 15.86 -10.29
C PHE D 135 4.97 15.35 -11.20
N VAL D 136 3.83 15.99 -11.12
CA VAL D 136 2.76 15.84 -12.09
C VAL D 136 2.58 17.18 -12.78
N ILE D 137 1.89 17.18 -13.90
CA ILE D 137 1.76 18.40 -14.70
C ILE D 137 0.29 18.72 -14.89
N ALA D 138 -0.01 20.00 -14.92
CA ALA D 138 -1.37 20.49 -15.14
C ALA D 138 -1.75 20.45 -16.61
N THR D 139 -2.98 20.06 -16.89
CA THR D 139 -3.53 20.15 -18.23
C THR D 139 -4.45 21.34 -18.40
N ARG D 140 -4.75 22.07 -17.34
CA ARG D 140 -5.66 23.20 -17.40
C ARG D 140 -5.05 24.35 -16.63
N ARG D 141 -5.51 25.57 -16.93
CA ARG D 141 -5.05 26.72 -16.17
C ARG D 141 -5.74 26.72 -14.81
N SER D 142 -5.39 27.66 -13.93
CA SER D 142 -5.78 27.53 -12.53
C SER D 142 -7.28 27.58 -12.36
N GLU D 143 -7.96 28.42 -13.14
CA GLU D 143 -9.41 28.56 -12.96
C GLU D 143 -10.15 27.27 -13.23
N GLU D 144 -9.59 26.38 -14.04
CA GLU D 144 -10.27 25.13 -14.37
C GLU D 144 -9.56 23.93 -13.75
N ILE D 145 -8.59 24.17 -12.87
CA ILE D 145 -7.68 23.12 -12.43
C ILE D 145 -8.39 22.06 -11.62
N LEU D 146 -9.53 22.38 -11.02
CA LEU D 146 -10.24 21.39 -10.26
C LEU D 146 -11.28 20.65 -11.10
N GLY D 147 -11.32 20.92 -12.40
CA GLY D 147 -12.06 20.10 -13.31
C GLY D 147 -13.53 20.47 -13.34
N PRO D 148 -14.28 19.86 -14.24
CA PRO D 148 -15.71 20.18 -14.35
C PRO D 148 -16.47 20.12 -13.04
N ASP D 149 -16.35 19.05 -12.27
CA ASP D 149 -17.10 18.97 -11.02
C ASP D 149 -16.45 19.73 -9.88
N GLY D 150 -15.33 20.41 -10.10
CA GLY D 150 -14.69 21.12 -9.00
C GLY D 150 -13.99 20.24 -8.00
N ASN D 151 -13.95 18.94 -8.20
CA ASN D 151 -13.34 18.05 -7.22
C ASN D 151 -12.38 17.08 -7.88
N THR D 152 -11.90 17.38 -9.08
CA THR D 152 -11.07 16.48 -9.86
C THR D 152 -9.83 17.25 -10.31
N PRO D 153 -8.73 17.15 -9.56
CA PRO D 153 -7.50 17.84 -9.97
C PRO D 153 -7.05 17.43 -11.37
N GLN D 154 -6.81 18.42 -12.22
CA GLN D 154 -6.50 18.21 -13.62
C GLN D 154 -4.99 18.08 -13.85
N PHE D 155 -4.39 17.06 -13.25
CA PHE D 155 -2.96 16.81 -13.36
C PHE D 155 -2.75 15.41 -13.90
N GLU D 156 -1.64 15.21 -14.59
CA GLU D 156 -1.28 13.90 -15.13
C GLU D 156 0.12 13.52 -14.71
N ASN D 157 0.34 12.22 -14.60
CA ASN D 157 1.71 11.73 -14.53
C ASN D 157 2.42 11.99 -15.86
N ILE D 158 3.75 12.12 -15.80
CA ILE D 158 4.53 12.43 -16.98
C ILE D 158 5.92 11.85 -16.80
N SER D 159 6.54 11.46 -17.90
CA SER D 159 7.83 10.82 -17.81
C SER D 159 8.89 11.85 -17.44
N ILE D 160 10.02 11.36 -16.96
CA ILE D 160 11.13 12.22 -16.56
C ILE D 160 11.53 13.14 -17.71
N TYR D 161 11.65 12.57 -18.90
CA TYR D 161 12.09 13.45 -19.98
C TYR D 161 10.96 14.34 -20.47
N ASN D 162 9.73 13.87 -20.48
CA ASN D 162 8.68 14.73 -20.97
C ASN D 162 8.40 15.88 -20.01
N TYR D 163 8.65 15.68 -18.72
CA TYR D 163 8.62 16.79 -17.79
C TYR D 163 9.63 17.86 -18.19
N PHE D 164 10.83 17.43 -18.57
CA PHE D 164 11.84 18.33 -19.13
C PHE D 164 11.32 19.07 -20.35
N VAL D 165 10.54 18.39 -21.20
CA VAL D 165 9.94 19.08 -22.34
C VAL D 165 8.85 20.03 -21.86
N TRP D 166 8.03 19.57 -20.91
CA TRP D 166 6.84 20.33 -20.52
C TRP D 166 7.20 21.68 -19.90
N THR D 167 8.19 21.72 -19.01
CA THR D 167 8.48 22.99 -18.36
C THR D 167 9.00 24.02 -19.34
N HIS D 168 9.75 23.59 -20.34
CA HIS D 168 10.13 24.50 -21.42
C HIS D 168 8.89 25.00 -22.14
N TYR D 169 7.94 24.12 -22.45
CA TYR D 169 6.69 24.55 -23.06
C TYR D 169 5.97 25.58 -22.19
N TYR D 170 5.75 25.26 -20.92
CA TYR D 170 4.98 26.13 -20.05
C TYR D 170 5.61 27.52 -19.90
N SER D 171 6.94 27.60 -19.96
CA SER D 171 7.62 28.88 -19.84
C SER D 171 7.47 29.76 -21.08
N VAL D 172 7.21 29.19 -22.27
CA VAL D 172 7.11 29.97 -23.50
C VAL D 172 5.69 30.10 -24.02
N LYS D 173 4.72 29.43 -23.42
CA LYS D 173 3.38 29.38 -23.99
C LYS D 173 2.75 30.76 -24.02
N LYS D 174 1.77 30.93 -24.88
CA LYS D 174 1.08 32.20 -24.96
C LYS D 174 0.12 32.36 -23.79
N THR D 175 -0.11 33.62 -23.41
CA THR D 175 -1.11 33.91 -22.39
C THR D 175 -2.49 33.74 -22.99
N PHE D 176 -3.31 32.90 -22.38
CA PHE D 176 -4.67 32.73 -22.85
C PHE D 176 -5.54 33.84 -22.29
N LEU D 177 -6.20 34.59 -23.17
CA LEU D 177 -7.05 35.69 -22.77
C LEU D 177 -8.54 35.36 -22.74
N GLY D 178 -8.97 34.32 -23.41
CA GLY D 178 -10.35 33.89 -23.38
C GLY D 178 -10.75 33.32 -24.71
N VAL D 179 -11.77 32.46 -24.69
CA VAL D 179 -12.23 31.83 -25.93
C VAL D 179 -12.69 32.89 -26.89
N GLY D 180 -12.26 32.77 -28.15
CA GLY D 180 -12.59 33.75 -29.15
C GLY D 180 -11.61 34.90 -29.24
N GLN D 181 -10.76 35.08 -28.24
CA GLN D 181 -9.73 36.10 -28.28
C GLN D 181 -8.42 35.45 -28.71
N GLU D 182 -7.60 36.23 -29.41
CA GLU D 182 -6.31 35.71 -29.82
C GLU D 182 -5.34 35.79 -28.65
N SER D 183 -4.67 34.67 -28.38
CA SER D 183 -3.78 34.57 -27.25
C SER D 183 -2.57 35.50 -27.44
N PHE D 184 -1.98 35.91 -26.32
CA PHE D 184 -0.92 36.91 -26.31
C PHE D 184 0.43 36.21 -26.30
N GLY D 185 1.30 36.56 -27.24
CA GLY D 185 2.51 35.80 -27.44
C GLY D 185 3.79 36.57 -27.23
N GLU D 186 3.69 37.85 -26.87
CA GLU D 186 4.87 38.65 -26.59
C GLU D 186 5.27 38.52 -25.13
N VAL D 187 5.49 37.28 -24.73
CA VAL D 187 5.81 36.91 -23.36
C VAL D 187 6.60 35.61 -23.43
N ASP D 188 7.62 35.49 -22.57
CA ASP D 188 8.49 34.32 -22.57
C ASP D 188 9.33 34.29 -21.30
N PHE D 189 9.05 33.34 -20.44
CA PHE D 189 9.69 33.30 -19.14
C PHE D 189 11.07 32.66 -19.15
N SER D 190 11.56 32.20 -20.30
CA SER D 190 12.86 31.55 -20.34
C SER D 190 13.74 31.96 -21.52
N HIS D 191 13.27 32.86 -22.38
CA HIS D 191 14.05 33.32 -23.52
C HIS D 191 13.90 34.83 -23.63
N GLU D 192 14.74 35.42 -24.47
CA GLU D 192 14.65 36.84 -24.83
C GLU D 192 14.66 37.72 -23.59
N GLY D 193 15.63 37.48 -22.73
CA GLY D 193 15.77 38.24 -21.52
C GLY D 193 16.86 37.65 -20.65
N PRO D 194 17.30 38.38 -19.64
CA PRO D 194 18.45 37.92 -18.85
C PRO D 194 18.27 36.57 -18.20
N ALA D 195 17.05 36.12 -17.96
CA ALA D 195 16.86 34.83 -17.30
C ALA D 195 17.21 33.63 -18.17
N PHE D 196 17.43 33.85 -19.47
CA PHE D 196 17.62 32.73 -20.40
C PHE D 196 18.67 31.75 -19.91
N LEU D 197 19.81 32.27 -19.46
CA LEU D 197 20.92 31.39 -19.11
C LEU D 197 20.71 30.68 -17.77
N THR D 198 20.17 31.39 -16.77
CA THR D 198 19.93 30.76 -15.47
C THR D 198 18.73 29.83 -15.51
N TRP D 199 17.68 30.18 -16.27
CA TRP D 199 16.59 29.23 -16.48
C TRP D 199 17.12 27.91 -17.05
N HIS D 200 17.78 27.97 -18.17
CA HIS D 200 18.20 26.78 -18.83
C HIS D 200 19.28 26.03 -18.06
N ARG D 201 20.00 26.69 -17.18
CA ARG D 201 20.94 25.98 -16.33
C ARG D 201 20.22 25.10 -15.32
N TYR D 202 19.22 25.65 -14.63
CA TYR D 202 18.45 24.84 -13.68
C TYR D 202 17.71 23.71 -14.39
N HIS D 203 17.13 24.00 -15.55
CA HIS D 203 16.53 22.98 -16.40
C HIS D 203 17.42 21.74 -16.47
N LEU D 204 18.69 21.96 -16.79
CA LEU D 204 19.66 20.86 -16.92
C LEU D 204 19.95 20.24 -15.57
N LEU D 205 20.16 21.06 -14.54
CA LEU D 205 20.45 20.55 -13.21
C LEU D 205 19.33 19.63 -12.73
N ARG D 206 18.10 19.97 -13.09
CA ARG D 206 16.96 19.19 -12.68
C ARG D 206 16.85 17.90 -13.48
N LEU D 207 17.14 17.95 -14.77
CA LEU D 207 17.20 16.72 -15.58
C LEU D 207 18.34 15.81 -15.14
N GLU D 208 19.51 16.39 -14.90
CA GLU D 208 20.66 15.58 -14.46
C GLU D 208 20.34 14.87 -13.15
N LYS D 209 19.79 15.60 -12.19
CA LYS D 209 19.42 15.03 -10.90
C LYS D 209 18.36 13.95 -11.04
N ASP D 210 17.32 14.23 -11.84
CA ASP D 210 16.28 13.22 -12.03
C ASP D 210 16.85 11.95 -12.64
N MET D 211 17.79 12.07 -13.56
CA MET D 211 18.37 10.91 -14.19
C MET D 211 19.36 10.21 -13.28
N GLN D 212 20.06 10.94 -12.42
CA GLN D 212 20.89 10.27 -11.42
C GLN D 212 20.05 9.34 -10.56
N GLU D 213 18.91 9.80 -10.08
CA GLU D 213 18.08 8.96 -9.24
C GLU D 213 17.43 7.82 -10.02
N MET D 214 17.01 8.07 -11.24
CA MET D 214 16.46 7.01 -12.07
C MET D 214 17.48 5.90 -12.29
N LEU D 215 18.73 6.25 -12.54
CA LEU D 215 19.79 5.27 -12.77
C LEU D 215 20.43 4.72 -11.51
N GLN D 216 20.17 5.32 -10.36
CA GLN D 216 20.93 5.05 -9.14
C GLN D 216 22.42 5.19 -9.40
N GLU D 217 22.79 6.24 -10.11
CA GLU D 217 24.19 6.56 -10.40
C GLU D 217 24.44 7.98 -9.97
N PRO D 218 24.80 8.20 -8.72
CA PRO D 218 24.94 9.58 -8.23
C PRO D 218 25.90 10.44 -9.03
N SER D 219 26.84 9.82 -9.74
CA SER D 219 27.84 10.59 -10.45
C SER D 219 27.52 10.77 -11.92
N PHE D 220 26.42 10.22 -12.41
CA PHE D 220 26.02 10.39 -13.80
C PHE D 220 25.95 11.87 -14.18
N SER D 221 26.37 12.20 -15.39
CA SER D 221 26.46 13.58 -15.79
C SER D 221 26.00 13.72 -17.23
N LEU D 222 25.44 14.88 -17.55
CA LEU D 222 25.00 15.17 -18.91
C LEU D 222 26.17 15.62 -19.77
N PRO D 223 26.47 14.95 -20.86
CA PRO D 223 27.57 15.40 -21.72
C PRO D 223 27.17 16.61 -22.53
N TYR D 224 28.08 17.19 -23.30
CA TYR D 224 27.76 18.34 -24.11
C TYR D 224 28.16 18.12 -25.56
N TRP D 225 27.62 18.95 -26.42
CA TRP D 225 27.89 18.93 -27.85
C TRP D 225 28.54 20.24 -28.20
N ASN D 226 29.79 20.19 -28.66
CA ASN D 226 30.41 21.42 -29.16
C ASN D 226 29.84 21.68 -30.54
N PHE D 227 28.80 22.49 -30.60
CA PHE D 227 28.20 22.82 -31.88
C PHE D 227 28.93 23.94 -32.61
N ALA D 228 29.99 24.50 -32.05
CA ALA D 228 30.65 25.65 -32.66
C ALA D 228 31.85 25.21 -33.50
N THR D 229 31.56 24.43 -34.54
CA THR D 229 32.58 23.87 -35.39
C THR D 229 32.56 24.42 -36.81
N GLY D 230 31.63 25.32 -37.12
CA GLY D 230 31.54 25.74 -38.49
C GLY D 230 31.14 24.66 -39.47
N LYS D 231 30.69 23.51 -38.99
CA LYS D 231 30.42 22.42 -39.91
C LYS D 231 29.08 22.59 -40.60
N ASN D 232 28.96 21.90 -41.72
CA ASN D 232 27.78 21.79 -42.58
C ASN D 232 26.80 20.72 -42.09
N VAL D 233 27.22 19.86 -41.17
CA VAL D 233 26.48 18.68 -40.77
C VAL D 233 26.44 18.58 -39.26
N CYS D 234 25.65 17.62 -38.78
CA CYS D 234 25.50 17.33 -37.36
C CYS D 234 26.39 16.15 -37.01
N ASP D 235 27.49 16.42 -36.31
CA ASP D 235 28.50 15.41 -36.04
C ASP D 235 28.14 14.48 -34.89
N ILE D 236 27.07 14.73 -34.14
CA ILE D 236 26.55 13.78 -33.17
C ILE D 236 25.35 13.03 -33.68
N CYS D 237 24.95 13.28 -34.93
CA CYS D 237 23.79 12.63 -35.54
C CYS D 237 24.20 11.31 -36.19
N THR D 238 24.62 10.39 -35.35
CA THR D 238 24.98 9.06 -35.77
C THR D 238 24.17 8.06 -34.94
N ASP D 239 24.01 6.85 -35.46
CA ASP D 239 23.06 5.95 -34.81
C ASP D 239 23.60 5.41 -33.49
N ASP D 240 24.89 5.55 -33.22
CA ASP D 240 25.40 5.24 -31.91
C ASP D 240 25.23 6.39 -30.92
N LEU D 241 24.87 7.57 -31.41
CA LEU D 241 24.57 8.72 -30.57
C LEU D 241 23.15 9.18 -30.80
N MET D 242 22.97 10.36 -31.36
CA MET D 242 21.66 10.97 -31.41
C MET D 242 20.86 10.65 -32.66
N GLY D 243 21.37 9.80 -33.54
CA GLY D 243 20.58 9.36 -34.68
C GLY D 243 20.88 10.06 -35.99
N SER D 244 21.15 9.27 -37.02
CA SER D 244 21.42 9.82 -38.33
C SER D 244 20.11 9.96 -39.09
N ARG D 245 20.20 10.52 -40.28
CA ARG D 245 19.01 10.73 -41.09
C ARG D 245 18.43 9.39 -41.55
N SER D 246 17.11 9.35 -41.66
CA SER D 246 16.44 8.17 -42.19
C SER D 246 16.62 8.07 -43.70
N ASN D 247 16.88 6.86 -44.18
CA ASN D 247 16.95 6.68 -45.62
C ASN D 247 15.59 6.61 -46.26
N PHE D 248 14.53 6.49 -45.47
CA PHE D 248 13.18 6.46 -46.00
C PHE D 248 12.46 7.79 -45.89
N ASP D 249 13.03 8.76 -45.17
CA ASP D 249 12.40 10.07 -45.02
C ASP D 249 13.44 11.02 -44.47
N SER D 250 13.90 11.96 -45.29
CA SER D 250 14.97 12.85 -44.89
C SER D 250 14.67 13.68 -43.66
N THR D 251 13.41 13.78 -43.24
CA THR D 251 13.10 14.59 -42.07
C THR D 251 12.90 13.73 -40.83
N LEU D 252 13.20 12.43 -40.89
CA LEU D 252 13.04 11.54 -39.76
C LEU D 252 14.40 11.03 -39.32
N ILE D 253 14.40 10.36 -38.19
CA ILE D 253 15.61 9.77 -37.64
C ILE D 253 15.66 8.31 -38.07
N SER D 254 16.85 7.84 -38.39
CA SER D 254 17.16 6.46 -38.73
C SER D 254 16.48 5.44 -37.82
N PRO D 255 15.71 4.51 -38.38
CA PRO D 255 15.09 3.44 -37.59
C PRO D 255 16.08 2.64 -36.77
N ASN D 256 17.37 2.80 -37.01
CA ASN D 256 18.38 2.13 -36.24
C ASN D 256 18.80 2.90 -35.00
N SER D 257 18.13 4.00 -34.69
CA SER D 257 18.34 4.78 -33.48
C SER D 257 17.07 4.73 -32.66
N VAL D 258 17.20 4.55 -31.34
CA VAL D 258 16.01 4.53 -30.48
C VAL D 258 15.22 5.82 -30.64
N PHE D 259 15.90 6.93 -30.90
CA PHE D 259 15.21 8.21 -30.92
C PHE D 259 14.22 8.31 -32.06
N SER D 260 14.24 7.38 -33.01
CA SER D 260 13.21 7.32 -34.04
C SER D 260 11.89 6.82 -33.48
N GLN D 261 11.92 6.21 -32.31
CA GLN D 261 10.72 5.70 -31.66
C GLN D 261 10.05 6.71 -30.76
N TRP D 262 10.74 7.78 -30.39
CA TRP D 262 10.15 8.78 -29.52
C TRP D 262 8.97 9.45 -30.20
N ARG D 263 7.99 9.81 -29.39
CA ARG D 263 6.85 10.56 -29.86
C ARG D 263 6.71 11.83 -29.01
N VAL D 264 6.39 12.93 -29.64
CA VAL D 264 6.58 14.23 -29.03
C VAL D 264 5.35 14.64 -28.23
N VAL D 265 5.56 15.50 -27.26
CA VAL D 265 4.50 16.10 -26.47
C VAL D 265 4.46 17.58 -26.80
N CYS D 266 3.29 18.19 -26.62
CA CYS D 266 3.01 19.63 -26.70
C CYS D 266 2.92 20.16 -28.12
N ASP D 267 2.63 19.34 -29.12
CA ASP D 267 2.53 19.81 -30.50
C ASP D 267 1.11 20.12 -30.91
N SER D 268 0.27 20.56 -29.99
CA SER D 268 -1.06 20.98 -30.35
C SER D 268 -1.33 22.41 -29.91
N LEU D 269 -0.52 23.36 -30.39
CA LEU D 269 -0.70 24.77 -30.01
C LEU D 269 -2.06 25.31 -30.39
N GLU D 270 -2.64 24.84 -31.48
CA GLU D 270 -3.93 25.36 -31.89
C GLU D 270 -5.00 25.03 -30.86
N ASP D 271 -4.91 23.85 -30.23
CA ASP D 271 -5.84 23.54 -29.13
C ASP D 271 -5.56 24.42 -27.93
N TYR D 272 -4.30 24.48 -27.50
CA TYR D 272 -3.97 25.18 -26.26
C TYR D 272 -4.38 26.65 -26.33
N ASP D 273 -4.11 27.30 -27.46
CA ASP D 273 -4.24 28.74 -27.55
C ASP D 273 -5.63 29.20 -27.99
N THR D 274 -6.53 28.28 -28.32
CA THR D 274 -7.92 28.63 -28.59
C THR D 274 -8.89 28.08 -27.56
N LEU D 275 -8.60 26.93 -26.96
CA LEU D 275 -9.46 26.39 -25.93
C LEU D 275 -9.01 26.74 -24.52
N GLY D 276 -7.79 27.24 -24.36
CA GLY D 276 -7.23 27.56 -23.06
C GLY D 276 -6.65 26.40 -22.29
N THR D 277 -6.43 25.25 -22.92
CA THR D 277 -5.83 24.11 -22.25
C THR D 277 -4.32 24.27 -22.16
N LEU D 278 -3.65 23.26 -21.62
CA LEU D 278 -2.21 23.20 -21.52
C LEU D 278 -1.72 21.90 -22.13
N CYS D 279 -0.45 21.88 -22.53
CA CYS D 279 0.17 20.63 -22.97
C CYS D 279 -0.02 19.54 -21.93
N ASN D 280 -0.45 18.36 -22.40
CA ASN D 280 -0.60 17.23 -21.50
C ASN D 280 0.39 16.15 -21.90
N SER D 281 0.29 14.99 -21.28
CA SER D 281 1.28 13.94 -21.41
C SER D 281 1.07 12.99 -22.59
N THR D 282 -0.01 13.14 -23.36
CA THR D 282 -0.24 12.23 -24.48
C THR D 282 0.72 12.58 -25.61
N GLU D 283 1.52 11.60 -26.03
CA GLU D 283 2.46 11.83 -27.10
C GLU D 283 1.74 11.71 -28.43
N ASP D 284 2.34 12.27 -29.47
CA ASP D 284 1.73 12.18 -30.79
C ASP D 284 2.65 12.67 -31.91
N GLY D 285 3.34 11.75 -32.56
CA GLY D 285 4.15 12.13 -33.70
C GLY D 285 5.63 12.09 -33.43
N PRO D 286 6.40 11.82 -34.48
CA PRO D 286 7.84 11.60 -34.32
C PRO D 286 8.63 12.89 -34.30
N ILE D 287 9.87 12.77 -33.85
CA ILE D 287 10.83 13.86 -33.98
C ILE D 287 11.08 14.13 -35.45
N ARG D 288 10.98 15.39 -35.85
CA ARG D 288 11.42 15.84 -37.16
C ARG D 288 12.80 16.46 -37.01
N ARG D 289 13.73 16.03 -37.83
CA ARG D 289 15.07 16.60 -37.81
C ARG D 289 15.66 16.50 -39.21
N ASN D 290 16.21 17.62 -39.67
CA ASN D 290 16.77 17.72 -41.01
C ASN D 290 17.93 18.70 -40.98
N PRO D 291 19.06 18.28 -40.44
CA PRO D 291 20.17 19.22 -40.26
C PRO D 291 20.63 19.83 -41.57
N ALA D 292 20.89 21.13 -41.53
CA ALA D 292 21.26 21.98 -42.66
C ALA D 292 20.19 22.02 -43.73
N GLY D 293 19.01 21.50 -43.45
CA GLY D 293 18.00 21.29 -44.48
C GLY D 293 17.15 22.48 -44.82
N ASN D 294 17.28 23.59 -44.10
CA ASN D 294 16.42 24.76 -44.31
C ASN D 294 16.90 25.51 -45.55
N VAL D 295 16.47 25.01 -46.71
CA VAL D 295 16.90 25.60 -47.98
C VAL D 295 16.47 27.05 -48.08
N ALA D 296 15.29 27.39 -47.58
CA ALA D 296 14.78 28.74 -47.69
C ALA D 296 15.47 29.76 -46.79
N ARG D 297 16.23 29.33 -45.80
CA ARG D 297 16.87 30.23 -44.85
C ARG D 297 18.36 29.87 -44.75
N PRO D 298 19.16 30.25 -45.75
CA PRO D 298 20.54 29.77 -45.82
C PRO D 298 21.40 30.10 -44.62
N MET D 299 21.10 31.15 -43.88
CA MET D 299 21.93 31.50 -42.73
C MET D 299 21.91 30.41 -41.66
N VAL D 300 20.90 29.55 -41.65
CA VAL D 300 20.78 28.51 -40.64
C VAL D 300 21.10 27.14 -41.25
N GLN D 301 21.91 27.13 -42.30
CA GLN D 301 22.37 25.88 -42.89
C GLN D 301 23.79 25.52 -42.50
N ARG D 302 24.44 26.34 -41.67
CA ARG D 302 25.73 26.01 -41.09
C ARG D 302 25.75 26.43 -39.63
N LEU D 303 26.48 25.68 -38.83
CA LEU D 303 26.61 25.89 -37.40
C LEU D 303 27.59 27.01 -37.10
N PRO D 304 27.62 27.49 -35.85
CA PRO D 304 28.54 28.57 -35.49
C PRO D 304 29.99 28.16 -35.65
N GLU D 305 30.82 29.15 -36.01
CA GLU D 305 32.25 28.99 -36.15
C GLU D 305 32.93 28.92 -34.79
N PRO D 306 34.05 28.22 -34.67
CA PRO D 306 34.78 28.20 -33.40
C PRO D 306 35.09 29.56 -32.83
N GLN D 307 35.29 30.58 -33.67
CA GLN D 307 35.65 31.90 -33.16
C GLN D 307 34.44 32.67 -32.64
N ASP D 308 33.24 32.28 -33.04
CA ASP D 308 32.04 32.90 -32.49
C ASP D 308 32.00 32.74 -30.98
N VAL D 309 32.45 31.60 -30.48
CA VAL D 309 32.50 31.42 -29.04
C VAL D 309 33.53 32.35 -28.42
N ALA D 310 34.69 32.48 -29.05
CA ALA D 310 35.73 33.34 -28.51
C ALA D 310 35.31 34.81 -28.49
N GLN D 311 34.53 35.24 -29.47
CA GLN D 311 34.16 36.65 -29.50
C GLN D 311 33.10 36.96 -28.46
N CYS D 312 32.10 36.09 -28.30
CA CYS D 312 31.05 36.36 -27.33
C CYS D 312 31.60 36.33 -25.91
N LEU D 313 32.63 35.54 -25.66
CA LEU D 313 33.28 35.54 -24.36
C LEU D 313 34.06 36.81 -24.10
N GLU D 314 34.10 37.74 -25.05
CA GLU D 314 34.71 39.05 -24.84
C GLU D 314 33.67 40.13 -24.55
N VAL D 315 32.40 39.79 -24.53
CA VAL D 315 31.35 40.72 -24.13
C VAL D 315 31.28 40.72 -22.61
N GLY D 316 31.64 41.83 -22.00
CA GLY D 316 31.86 41.89 -20.56
C GLY D 316 30.67 42.26 -19.71
N LEU D 317 29.64 42.82 -20.32
CA LEU D 317 28.40 43.10 -19.61
C LEU D 317 27.45 41.92 -19.77
N PHE D 318 26.95 41.38 -18.66
CA PHE D 318 26.06 40.24 -18.78
C PHE D 318 24.83 40.57 -19.61
N ASP D 319 24.16 41.67 -19.29
CA ASP D 319 23.04 42.10 -20.10
C ASP D 319 23.01 43.61 -20.11
N THR D 320 22.21 44.17 -21.00
CA THR D 320 22.07 45.60 -21.14
C THR D 320 20.60 45.93 -21.37
N PRO D 321 20.16 47.14 -21.01
CA PRO D 321 18.81 47.56 -21.37
C PRO D 321 18.63 47.48 -22.87
N PRO D 322 17.42 47.16 -23.34
CA PRO D 322 16.21 46.88 -22.56
C PRO D 322 16.07 45.43 -22.07
N PHE D 323 17.19 44.73 -21.90
CA PHE D 323 17.20 43.36 -21.38
C PHE D 323 16.28 42.46 -22.18
N TYR D 324 16.46 42.46 -23.48
CA TYR D 324 15.50 41.81 -24.37
C TYR D 324 16.26 41.19 -25.54
N SER D 325 15.52 40.63 -26.48
CA SER D 325 16.14 39.97 -27.62
C SER D 325 16.76 40.97 -28.60
N ASN D 326 16.54 42.26 -28.40
CA ASN D 326 17.18 43.28 -29.22
C ASN D 326 18.17 44.10 -28.42
N SER D 327 18.69 43.54 -27.33
CA SER D 327 19.79 44.14 -26.58
C SER D 327 21.08 44.05 -27.36
N THR D 328 21.96 45.00 -27.09
CA THR D 328 23.22 45.12 -27.80
C THR D 328 24.37 45.11 -26.81
N ASN D 329 25.49 44.53 -27.22
CA ASN D 329 26.64 44.36 -26.36
C ASN D 329 26.31 43.64 -25.06
N SER D 330 25.34 42.74 -25.14
CA SER D 330 24.94 41.90 -24.02
C SER D 330 25.44 40.48 -24.24
N PHE D 331 26.19 39.96 -23.27
CA PHE D 331 26.66 38.58 -23.39
C PHE D 331 25.50 37.61 -23.47
N ARG D 332 24.47 37.81 -22.64
CA ARG D 332 23.32 36.93 -22.65
C ARG D 332 22.66 36.89 -24.02
N ASN D 333 22.36 38.07 -24.59
CA ASN D 333 21.73 38.10 -25.90
C ASN D 333 22.69 37.65 -27.00
N THR D 334 24.00 37.78 -26.78
CA THR D 334 24.95 37.30 -27.77
C THR D 334 24.98 35.79 -27.79
N VAL D 335 25.21 35.16 -26.65
CA VAL D 335 25.26 33.70 -26.61
C VAL D 335 23.86 33.14 -26.86
N GLU D 336 22.82 33.83 -26.42
CA GLU D 336 21.50 33.36 -26.80
C GLU D 336 21.36 33.39 -28.30
N GLY D 337 22.00 34.33 -28.96
CA GLY D 337 22.07 34.33 -30.39
C GLY D 337 21.18 35.32 -31.09
N TYR D 338 20.90 36.46 -30.49
CA TYR D 338 20.19 37.49 -31.23
C TYR D 338 21.10 38.64 -31.60
N SER D 339 22.34 38.65 -31.10
CA SER D 339 23.38 39.55 -31.54
C SER D 339 24.42 38.73 -32.29
N ASP D 340 25.24 39.38 -33.10
CA ASP D 340 26.33 38.66 -33.71
C ASP D 340 27.37 38.41 -32.64
N PRO D 341 28.34 37.54 -32.87
CA PRO D 341 29.21 37.11 -31.78
C PRO D 341 30.02 38.21 -31.12
N THR D 342 30.16 39.38 -31.73
CA THR D 342 30.83 40.48 -31.05
C THR D 342 29.94 41.20 -30.04
N GLY D 343 28.63 41.03 -30.14
CA GLY D 343 27.68 41.73 -29.30
C GLY D 343 26.82 42.71 -30.03
N LYS D 344 27.03 42.89 -31.33
CA LYS D 344 26.28 43.86 -32.10
C LYS D 344 24.93 43.28 -32.49
N TYR D 345 23.86 43.95 -32.08
CA TYR D 345 22.54 43.50 -32.47
C TYR D 345 22.31 43.75 -33.94
N ASP D 346 21.45 42.92 -34.55
CA ASP D 346 21.06 42.98 -35.95
C ASP D 346 19.86 42.04 -36.12
N PRO D 347 18.69 42.55 -36.49
CA PRO D 347 17.49 41.70 -36.54
C PRO D 347 17.61 40.52 -37.49
N ALA D 348 18.52 40.56 -38.46
CA ALA D 348 18.68 39.43 -39.36
C ALA D 348 19.40 38.27 -38.68
N VAL D 349 20.38 38.58 -37.83
CA VAL D 349 21.33 37.59 -37.34
C VAL D 349 20.67 36.56 -36.45
N ARG D 350 21.02 35.30 -36.66
CA ARG D 350 20.80 34.24 -35.69
C ARG D 350 22.12 33.52 -35.50
N SER D 351 22.63 33.52 -34.28
CA SER D 351 23.97 33.00 -33.99
C SER D 351 23.95 32.10 -32.76
N LEU D 352 25.09 31.48 -32.50
CA LEU D 352 25.33 30.55 -31.39
C LEU D 352 24.13 29.71 -31.03
N HIS D 353 23.55 29.93 -29.84
CA HIS D 353 22.51 29.04 -29.33
C HIS D 353 21.30 28.97 -30.26
N ASN D 354 20.75 30.14 -30.65
CA ASN D 354 19.64 30.13 -31.60
C ASN D 354 20.03 29.45 -32.93
N LEU D 355 21.27 29.65 -33.38
CA LEU D 355 21.73 29.07 -34.65
C LEU D 355 21.76 27.55 -34.61
N ALA D 356 22.33 26.98 -33.55
CA ALA D 356 22.37 25.52 -33.44
C ALA D 356 20.97 24.93 -33.39
N HIS D 357 20.00 25.63 -32.79
CA HIS D 357 18.60 25.21 -32.84
C HIS D 357 18.09 25.20 -34.28
N LEU D 358 18.18 26.33 -34.97
CA LEU D 358 17.57 26.47 -36.29
C LEU D 358 18.27 25.58 -37.32
N PHE D 359 19.52 25.25 -37.07
CA PHE D 359 20.25 24.34 -37.93
C PHE D 359 19.58 22.98 -38.03
N LEU D 360 18.82 22.59 -37.02
CA LEU D 360 18.17 21.28 -37.02
C LEU D 360 16.97 21.22 -37.94
N ASN D 361 16.46 22.36 -38.39
CA ASN D 361 15.34 22.46 -39.34
C ASN D 361 14.26 21.42 -39.04
N GLY D 362 13.72 21.51 -37.85
CA GLY D 362 12.74 20.55 -37.41
C GLY D 362 12.29 20.81 -35.99
N THR D 363 11.83 19.75 -35.31
CA THR D 363 11.36 19.83 -33.94
C THR D 363 12.34 20.56 -33.02
N GLY D 364 13.63 20.29 -33.14
CA GLY D 364 14.59 20.96 -32.28
C GLY D 364 14.73 22.44 -32.49
N GLY D 365 14.08 22.99 -33.51
CA GLY D 365 14.17 24.40 -33.81
C GLY D 365 12.83 25.10 -33.74
N GLN D 366 11.89 24.53 -33.01
CA GLN D 366 10.60 25.14 -32.75
C GLN D 366 10.50 25.38 -31.26
N THR D 367 10.08 26.59 -30.87
CA THR D 367 10.22 27.00 -29.49
C THR D 367 9.33 26.19 -28.55
N HIS D 368 8.07 25.96 -28.91
CA HIS D 368 7.22 25.21 -28.01
C HIS D 368 7.59 23.74 -27.94
N LEU D 369 8.51 23.30 -28.77
CA LEU D 369 8.70 21.88 -29.00
C LEU D 369 10.10 21.40 -28.79
N SER D 370 11.09 22.29 -28.78
CA SER D 370 12.45 21.87 -29.13
C SER D 370 13.11 20.87 -28.19
N PRO D 371 12.82 20.82 -26.88
CA PRO D 371 13.44 19.78 -26.05
C PRO D 371 13.00 18.39 -26.39
N ASN D 372 11.93 18.24 -27.17
CA ASN D 372 11.53 16.91 -27.62
C ASN D 372 12.64 16.20 -28.35
N ASP D 373 13.50 16.93 -29.06
CA ASP D 373 14.67 16.36 -29.70
C ASP D 373 15.80 16.38 -28.69
N PRO D 374 16.29 15.22 -28.25
CA PRO D 374 17.25 15.20 -27.14
C PRO D 374 18.60 15.84 -27.45
N ILE D 375 18.88 16.24 -28.71
CA ILE D 375 20.05 17.07 -28.98
C ILE D 375 20.00 18.32 -28.11
N PHE D 376 18.79 18.76 -27.77
CA PHE D 376 18.57 19.90 -26.88
C PHE D 376 19.44 19.82 -25.66
N VAL D 377 19.50 18.65 -25.03
CA VAL D 377 20.24 18.53 -23.79
C VAL D 377 21.69 18.91 -24.01
N LEU D 378 22.27 18.41 -25.10
CA LEU D 378 23.69 18.60 -25.38
C LEU D 378 23.96 19.97 -25.96
N LEU D 379 22.99 20.49 -26.70
CA LEU D 379 23.06 21.87 -27.17
C LEU D 379 23.11 22.83 -25.99
N HIS D 380 22.37 22.53 -24.94
CA HIS D 380 22.27 23.44 -23.81
C HIS D 380 23.32 23.18 -22.74
N THR D 381 23.85 21.97 -22.61
CA THR D 381 24.98 21.83 -21.70
C THR D 381 26.20 22.57 -22.23
N PHE D 382 26.35 22.64 -23.56
CA PHE D 382 27.43 23.45 -24.11
C PHE D 382 27.15 24.94 -23.90
N THR D 383 25.92 25.37 -24.12
CA THR D 383 25.55 26.74 -23.83
C THR D 383 25.79 27.07 -22.37
N ASP D 384 25.52 26.13 -21.47
CA ASP D 384 25.83 26.35 -20.07
C ASP D 384 27.34 26.43 -19.83
N ALA D 385 28.14 25.66 -20.57
CA ALA D 385 29.58 25.73 -20.39
C ALA D 385 30.13 27.10 -20.78
N VAL D 386 29.64 27.67 -21.87
CA VAL D 386 30.04 29.02 -22.24
C VAL D 386 29.67 30.01 -21.15
N PHE D 387 28.44 29.90 -20.64
CA PHE D 387 27.98 30.73 -19.54
C PHE D 387 28.88 30.58 -18.32
N ASP D 388 29.24 29.35 -18.00
CA ASP D 388 30.07 29.11 -16.83
C ASP D 388 31.46 29.68 -17.01
N GLU D 389 32.00 29.61 -18.22
CA GLU D 389 33.28 30.24 -18.48
C GLU D 389 33.19 31.74 -18.29
N TRP D 390 32.09 32.34 -18.74
CA TRP D 390 31.88 33.76 -18.54
C TRP D 390 31.86 34.09 -17.06
N LEU D 391 31.20 33.28 -16.23
CA LEU D 391 31.15 33.54 -14.80
C LEU D 391 32.53 33.50 -14.16
N ARG D 392 33.36 32.55 -14.55
CA ARG D 392 34.75 32.56 -14.09
C ARG D 392 35.48 33.80 -14.62
N ARG D 393 35.27 34.14 -15.88
CA ARG D 393 36.11 35.12 -16.53
C ARG D 393 35.84 36.53 -16.06
N TYR D 394 34.60 36.83 -15.67
CA TYR D 394 34.26 38.17 -15.21
C TYR D 394 33.84 38.16 -13.74
N ASN D 395 34.35 37.20 -12.98
CA ASN D 395 34.13 37.12 -11.55
C ASN D 395 32.64 37.23 -11.22
N ALA D 396 31.82 36.51 -11.98
CA ALA D 396 30.39 36.36 -11.69
C ALA D 396 29.71 37.70 -11.44
N ASP D 397 30.05 38.69 -12.26
CA ASP D 397 29.54 40.05 -12.08
C ASP D 397 28.05 40.06 -12.40
N ILE D 398 27.23 39.96 -11.37
CA ILE D 398 25.79 39.94 -11.51
C ILE D 398 25.18 41.32 -11.56
N SER D 399 25.99 42.37 -11.48
CA SER D 399 25.45 43.72 -11.27
C SER D 399 24.54 44.16 -12.39
N THR D 400 24.82 43.74 -13.61
CA THR D 400 24.00 44.12 -14.75
C THR D 400 22.76 43.25 -14.93
N PHE D 401 22.56 42.22 -14.13
CA PHE D 401 21.35 41.43 -14.18
C PHE D 401 20.23 42.24 -13.54
N PRO D 402 19.29 42.80 -14.31
CA PRO D 402 18.41 43.82 -13.76
C PRO D 402 17.50 43.27 -12.68
N LEU D 403 17.30 44.06 -11.62
CA LEU D 403 16.36 43.66 -10.60
C LEU D 403 14.94 44.01 -10.94
N GLU D 404 14.72 45.00 -11.80
CA GLU D 404 13.36 45.31 -12.20
C GLU D 404 13.34 45.81 -13.65
N ASN D 405 12.14 45.82 -14.22
CA ASN D 405 11.88 46.27 -15.57
C ASN D 405 12.46 45.35 -16.65
N ALA D 406 12.83 44.14 -16.28
CA ALA D 406 13.13 43.14 -17.27
C ALA D 406 11.81 42.63 -17.85
N PRO D 407 11.83 41.94 -19.00
CA PRO D 407 10.60 41.30 -19.46
C PRO D 407 10.06 40.40 -18.36
N ILE D 408 8.75 40.20 -18.34
CA ILE D 408 8.15 39.49 -17.23
C ILE D 408 8.76 38.10 -17.14
N GLY D 409 9.18 37.71 -15.94
CA GLY D 409 9.85 36.46 -15.72
C GLY D 409 11.35 36.57 -15.58
N HIS D 410 11.95 37.66 -16.04
CA HIS D 410 13.39 37.79 -16.12
C HIS D 410 13.97 38.76 -15.09
N ASN D 411 13.17 39.27 -14.17
CA ASN D 411 13.74 39.99 -13.04
C ASN D 411 14.68 39.07 -12.27
N ARG D 412 15.72 39.65 -11.67
CA ARG D 412 16.76 38.84 -11.07
C ARG D 412 16.21 37.94 -9.98
N GLN D 413 15.26 38.42 -9.19
CA GLN D 413 14.74 37.64 -8.08
C GLN D 413 13.48 36.86 -8.42
N TYR D 414 13.03 36.89 -9.67
CA TYR D 414 11.90 36.07 -10.09
C TYR D 414 12.18 34.60 -9.86
N ASN D 415 11.20 33.89 -9.30
CA ASN D 415 11.30 32.43 -9.23
C ASN D 415 11.14 31.85 -10.63
N MET D 416 12.14 31.12 -11.11
CA MET D 416 12.13 30.69 -12.50
C MET D 416 10.97 29.75 -12.77
N VAL D 417 10.21 30.04 -13.82
CA VAL D 417 8.89 29.44 -14.06
C VAL D 417 8.94 28.25 -14.99
N PRO D 418 8.38 27.09 -14.59
CA PRO D 418 7.64 26.70 -13.40
C PRO D 418 8.35 25.70 -12.51
N PHE D 419 9.60 25.97 -12.17
CA PHE D 419 10.35 25.00 -11.39
C PHE D 419 9.85 24.95 -9.96
N TRP D 420 10.02 23.79 -9.34
CA TRP D 420 9.65 23.56 -7.96
C TRP D 420 10.73 22.77 -7.25
N PRO D 421 11.06 23.16 -6.02
CA PRO D 421 10.62 24.32 -5.23
C PRO D 421 11.05 25.63 -5.88
N PRO D 422 10.53 26.77 -5.43
CA PRO D 422 10.93 28.04 -6.03
C PRO D 422 12.43 28.22 -6.01
N VAL D 423 12.97 28.69 -7.13
CA VAL D 423 14.40 28.87 -7.26
C VAL D 423 14.63 30.09 -8.14
N THR D 424 15.39 31.04 -7.65
CA THR D 424 15.51 32.32 -8.33
C THR D 424 16.69 32.29 -9.29
N ASN D 425 16.70 33.25 -10.21
CA ASN D 425 17.85 33.39 -11.08
C ASN D 425 19.13 33.58 -10.30
N THR D 426 19.06 34.27 -9.16
CA THR D 426 20.26 34.55 -8.40
C THR D 426 20.97 33.28 -7.97
N GLU D 427 20.22 32.27 -7.58
CA GLU D 427 20.83 31.03 -7.10
C GLU D 427 21.61 30.27 -8.16
N MET D 428 21.33 30.50 -9.45
CA MET D 428 22.06 29.83 -10.51
C MET D 428 23.19 30.66 -11.09
N PHE D 429 23.23 31.95 -10.79
CA PHE D 429 24.27 32.85 -11.28
C PHE D 429 25.53 32.71 -10.44
N VAL D 430 26.08 31.50 -10.43
CA VAL D 430 27.27 31.16 -9.66
C VAL D 430 28.17 30.26 -10.50
N THR D 431 29.46 30.30 -10.21
CA THR D 431 30.36 29.38 -10.88
C THR D 431 30.03 27.96 -10.45
N ALA D 432 29.85 27.08 -11.41
CA ALA D 432 29.30 25.76 -11.09
C ALA D 432 30.19 24.87 -10.22
N PRO D 433 31.50 24.76 -10.45
CA PRO D 433 32.26 23.74 -9.70
C PRO D 433 32.24 23.94 -8.20
N ASP D 434 32.32 25.17 -7.71
CA ASP D 434 32.35 25.40 -6.28
C ASP D 434 30.97 25.44 -5.64
N ASN D 435 29.93 25.74 -6.41
CA ASN D 435 28.64 26.05 -5.85
C ASN D 435 27.51 25.09 -6.25
N LEU D 436 27.62 24.40 -7.38
CA LEU D 436 26.56 23.53 -7.85
C LEU D 436 27.00 22.10 -8.06
N GLY D 437 28.25 21.76 -7.76
CA GLY D 437 28.69 20.38 -7.82
C GLY D 437 28.97 19.81 -9.19
N TYR D 438 29.19 20.65 -10.21
CA TYR D 438 29.54 20.07 -11.49
C TYR D 438 30.52 20.96 -12.19
N THR D 439 31.32 20.38 -13.08
CA THR D 439 32.28 21.15 -13.85
C THR D 439 32.36 20.56 -15.25
N TYR D 440 32.97 21.33 -16.16
CA TYR D 440 33.10 20.96 -17.55
C TYR D 440 34.54 20.65 -17.92
N GLU D 441 34.75 19.50 -18.54
CA GLU D 441 35.99 19.19 -19.20
C GLU D 441 35.91 19.81 -20.58
N ILE D 442 36.48 21.01 -20.72
CA ILE D 442 36.36 21.78 -21.95
C ILE D 442 37.58 22.67 -22.07
N GLN D 443 37.88 23.09 -23.29
CA GLN D 443 39.00 23.98 -23.54
C GLN D 443 38.56 25.09 -24.50
N TRP D 444 39.03 26.30 -24.25
CA TRP D 444 38.45 27.39 -25.03
C TRP D 444 39.45 27.92 -26.05
N PRO D 445 39.00 28.27 -27.25
CA PRO D 445 39.90 28.82 -28.26
C PRO D 445 40.26 30.26 -27.96
N SER D 446 41.47 30.63 -28.34
CA SER D 446 41.91 32.02 -28.21
C SER D 446 42.13 32.65 -29.59
C1 NAG E . 9.93 6.65 19.76
C2 NAG E . 10.61 7.07 18.45
C3 NAG E . 11.96 7.74 18.74
C4 NAG E . 11.81 8.88 19.73
C5 NAG E . 11.16 8.31 21.00
C6 NAG E . 10.92 9.32 22.10
C7 NAG E . 10.02 5.56 16.59
C8 NAG E . 8.85 6.45 16.33
N2 NAG E . 10.82 5.90 17.61
O3 NAG E . 12.50 8.20 17.50
O4 NAG E . 13.09 9.46 20.00
O5 NAG E . 9.88 7.76 20.66
O6 NAG E . 10.37 10.54 21.61
O7 NAG E . 10.24 4.56 15.92
C1 NAG E . 13.14 10.91 20.02
C2 NAG E . 14.44 11.29 20.73
C3 NAG E . 14.62 12.80 20.76
C4 NAG E . 14.43 13.41 19.37
C5 NAG E . 13.12 12.94 18.78
C6 NAG E . 12.91 13.43 17.37
C7 NAG E . 15.23 9.72 22.43
C8 NAG E . 15.13 9.29 23.87
N2 NAG E . 14.46 10.75 22.07
O3 NAG E . 15.92 13.10 21.26
O4 NAG E . 14.44 14.83 19.44
O5 NAG E . 13.10 11.50 18.73
O6 NAG E . 11.76 12.82 16.80
O7 NAG E . 15.97 9.16 21.63
C1 FUC E . 9.03 10.69 22.11
C2 FUC E . 8.83 12.15 21.95
C3 FUC E . 8.45 12.43 20.54
C4 FUC E . 7.05 11.91 20.31
C5 FUC E . 6.96 10.45 20.76
C6 FUC E . 5.89 10.23 21.75
O2 FUC E . 10.03 12.84 22.25
O3 FUC E . 8.39 13.82 20.35
O4 FUC E . 6.13 12.67 21.06
O5 FUC E . 8.16 9.91 21.32
C1 NAG F . -1.78 10.84 43.40
C2 NAG F . -0.64 11.91 43.42
C3 NAG F . 0.12 11.99 44.77
C4 NAG F . 0.11 10.72 45.64
C5 NAG F . -0.79 9.66 45.04
C6 NAG F . -1.24 8.63 46.04
C7 NAG F . 0.21 12.38 41.16
C8 NAG F . 1.22 12.01 40.12
N2 NAG F . 0.27 11.69 42.31
O3 NAG F . -0.42 13.06 45.53
O4 NAG F . 1.42 10.20 45.83
O5 NAG F . -1.95 10.34 44.62
O6 NAG F . -0.79 7.32 45.71
O7 NAG F . -0.61 13.26 40.97
C1 FUC F . -1.68 6.24 46.13
C2 FUC F . -1.92 6.27 47.70
C3 FUC F . -3.32 6.77 48.05
C4 FUC F . -4.35 5.83 47.47
C5 FUC F . -4.09 5.59 45.96
C6 FUC F . -3.92 4.14 45.59
O2 FUC F . -0.91 6.96 48.45
O3 FUC F . -3.49 6.76 49.46
O4 FUC F . -4.33 4.59 48.17
O5 FUC F . -2.92 6.32 45.43
C1 NAG G . -9.53 22.61 36.63
C2 NAG G . -8.45 23.67 36.66
C3 NAG G . -9.02 24.97 37.19
C4 NAG G . -10.20 25.40 36.32
C5 NAG G . -11.22 24.26 36.25
C6 NAG G . -12.29 24.52 35.22
C7 NAG G . -6.09 23.07 36.97
C8 NAG G . -5.05 22.58 37.92
N2 NAG G . -7.32 23.23 37.46
O3 NAG G . -8.03 25.99 37.15
O4 NAG G . -10.80 26.55 36.89
O5 NAG G . -10.59 23.04 35.83
O6 NAG G . -11.68 24.75 33.96
O7 NAG G . -5.82 23.32 35.80
C1 NAG G . -10.95 27.67 35.97
C2 NAG G . -11.95 28.60 36.65
C3 NAG G . -12.20 29.84 35.79
C4 NAG G . -10.88 30.52 35.45
C5 NAG G . -9.97 29.51 34.76
C6 NAG G . -8.62 30.08 34.39
C7 NAG G . -13.62 27.63 38.15
C8 NAG G . -14.93 26.90 38.25
N2 NAG G . -13.20 27.91 36.93
O3 NAG G . -13.03 30.75 36.52
O4 NAG G . -11.11 31.65 34.60
O5 NAG G . -9.74 28.40 35.64
O6 NAG G . -7.59 29.54 35.19
O7 NAG G . -12.98 27.95 39.16
C1 NAG H . -23.56 12.72 5.47
C2 NAG H . -24.07 12.97 4.07
C3 NAG H . -22.97 13.51 3.14
C4 NAG H . -21.93 14.39 3.82
C5 NAG H . -21.73 14.08 5.30
C6 NAG H . -21.02 15.18 6.07
C7 NAG H . -25.89 11.54 3.25
C8 NAG H . -26.81 12.68 3.56
N2 NAG H . -24.60 11.74 3.52
O3 NAG H . -23.58 14.23 2.08
O4 NAG H . -20.69 14.03 3.22
O5 NAG H . -22.99 13.86 5.95
O6 NAG H . -21.90 16.19 6.51
O7 NAG H . -26.30 10.49 2.78
C1 NAG H . -19.88 14.89 2.35
C2 NAG H . -20.70 15.57 1.20
C3 NAG H . -20.35 17.08 1.04
C4 NAG H . -18.89 17.42 1.36
C5 NAG H . -18.25 16.46 2.35
C6 NAG H . -17.28 17.11 3.31
C7 NAG H . -21.44 14.74 -1.01
C8 NAG H . -22.77 15.39 -0.73
N2 NAG H . -20.51 14.86 -0.06
O3 NAG H . -21.23 17.87 1.83
O4 NAG H . -18.12 17.47 0.17
O5 NAG H . -19.27 15.88 3.14
O6 NAG H . -17.04 16.23 4.40
O7 NAG H . -21.23 14.13 -2.05
C1 NAG I . -34.27 20.38 29.17
C2 NAG I . -33.07 20.96 28.42
C3 NAG I . -33.20 22.47 28.30
C4 NAG I . -34.52 22.84 27.64
C5 NAG I . -35.69 22.19 28.38
C6 NAG I . -37.00 22.36 27.65
C7 NAG I . -31.07 19.58 28.67
C8 NAG I . -29.78 19.39 29.39
N2 NAG I . -31.81 20.61 29.05
O3 NAG I . -32.11 22.93 27.52
O4 NAG I . -34.69 24.25 27.65
O5 NAG I . -35.49 20.78 28.53
O6 NAG I . -37.98 21.45 28.12
O7 NAG I . -31.44 18.82 27.78
C1 NAG I . -35.04 24.74 26.32
C2 NAG I . -35.72 26.11 26.44
C3 NAG I . -36.04 26.66 25.05
C4 NAG I . -34.80 26.63 24.15
C5 NAG I . -34.21 25.23 24.14
C6 NAG I . -32.93 25.13 23.34
C7 NAG I . -36.95 25.99 28.57
C8 NAG I . -38.30 25.89 29.20
N2 NAG I . -36.94 26.02 27.22
O3 NAG I . -36.48 28.01 25.17
O4 NAG I . -35.16 27.00 22.83
O5 NAG I . -33.88 24.84 25.50
O6 NAG I . -31.81 25.54 24.10
O7 NAG I . -35.92 26.05 29.23
C1 NAG J . 5.00 -0.30 7.87
C2 NAG J . 5.16 1.21 8.03
C3 NAG J . 4.10 1.96 7.22
C4 NAG J . 4.11 1.51 5.77
C5 NAG J . 3.95 0.00 5.71
C6 NAG J . 4.03 -0.55 4.30
C7 NAG J . 6.20 2.04 10.07
C8 NAG J . 6.00 2.34 11.53
N2 NAG J . 5.12 1.58 9.42
O3 NAG J . 4.38 3.35 7.28
O4 NAG J . 3.11 2.18 5.01
O5 NAG J . 4.98 -0.64 6.48
O6 NAG J . 5.26 -1.21 4.04
O7 NAG J . 7.27 2.22 9.50
C1 NAG J . 3.63 2.85 3.82
C2 NAG J . 2.42 3.13 2.95
C3 NAG J . 2.83 3.89 1.68
C4 NAG J . 3.67 5.11 2.02
C5 NAG J . 4.83 4.68 2.91
C6 NAG J . 5.71 5.82 3.36
C7 NAG J . 0.61 1.45 3.10
C8 NAG J . -0.03 2.35 4.11
N2 NAG J . 1.77 1.88 2.59
O3 NAG J . 1.66 4.31 1.00
O4 NAG J . 4.12 5.75 0.82
O5 NAG J . 4.33 4.05 4.09
O6 NAG J . 6.78 5.36 4.18
O7 NAG J . 0.10 0.40 2.76
C1 FUC J . 6.25 -0.20 3.87
C2 FUC J . 7.67 -0.86 3.96
C3 FUC J . 8.28 -1.15 2.65
C4 FUC J . 7.95 -0.04 1.68
C5 FUC J . 6.47 -0.03 1.51
C6 FUC J . 6.00 0.98 0.49
O2 FUC J . 7.61 -2.03 4.73
O3 FUC J . 9.67 -1.17 2.82
O4 FUC J . 8.38 1.19 2.22
O5 FUC J . 5.93 0.44 2.64
C1 NAG K . 10.53 -22.25 -5.76
C2 NAG K . 10.14 -21.27 -6.91
C3 NAG K . 9.34 -21.93 -8.06
C4 NAG K . 8.33 -22.98 -7.60
C5 NAG K . 8.51 -23.31 -6.15
C6 NAG K . 7.86 -24.60 -5.73
C7 NAG K . 9.98 -18.86 -6.43
C8 NAG K . 11.32 -18.73 -7.08
N2 NAG K . 9.45 -20.09 -6.40
O3 NAG K . 10.27 -22.50 -9.00
O4 NAG K . 7.00 -22.52 -7.83
O5 NAG K . 9.91 -23.47 -5.94
O6 NAG K . 8.61 -25.22 -4.69
O7 NAG K . 9.38 -17.89 -5.97
C1 FUC K . 7.81 -26.19 -3.95
C2 FUC K . 7.79 -27.53 -4.69
C3 FUC K . 9.20 -28.04 -4.89
C4 FUC K . 9.90 -28.20 -3.53
C5 FUC K . 9.72 -26.97 -2.64
C6 FUC K . 9.98 -27.33 -1.19
O2 FUC K . 7.04 -27.51 -5.91
O3 FUC K . 9.17 -29.33 -5.50
O4 FUC K . 9.37 -29.31 -2.84
O5 FUC K . 8.39 -26.39 -2.69
C1 NAG L . 23.53 -14.98 -10.93
C2 NAG L . 22.88 -14.20 -12.00
C3 NAG L . 23.73 -14.26 -13.25
C4 NAG L . 25.08 -13.61 -12.96
C5 NAG L . 25.69 -14.07 -11.62
C6 NAG L . 26.55 -12.99 -11.00
C7 NAG L . 20.46 -13.91 -12.15
C8 NAG L . 19.14 -14.58 -12.42
N2 NAG L . 21.53 -14.68 -12.24
O3 NAG L . 23.07 -13.57 -14.29
O4 NAG L . 25.99 -13.87 -14.03
O5 NAG L . 24.72 -14.37 -10.59
O6 NAG L . 27.89 -13.07 -11.43
O7 NAG L . 20.53 -12.71 -11.85
C1 NAG L . 26.72 -12.68 -14.48
C2 NAG L . 27.97 -13.07 -15.29
C3 NAG L . 28.67 -11.82 -15.80
C4 NAG L . 27.70 -10.93 -16.58
C5 NAG L . 26.52 -10.60 -15.69
C6 NAG L . 25.48 -9.75 -16.37
C7 NAG L . 28.91 -15.20 -14.52
C8 NAG L . 29.91 -15.85 -13.61
N2 NAG L . 28.88 -13.86 -14.48
O3 NAG L . 29.75 -12.18 -16.67
O4 NAG L . 28.36 -9.75 -17.02
O5 NAG L . 25.87 -11.81 -15.28
O6 NAG L . 24.69 -10.55 -17.26
O7 NAG L . 28.17 -15.85 -15.24
C1 NAG M . 40.84 0.67 15.93
C2 NAG M . 41.80 1.81 16.13
C3 NAG M . 41.14 3.13 15.79
C4 NAG M . 40.44 3.08 14.45
C5 NAG M . 39.54 1.85 14.37
C6 NAG M . 38.92 1.61 13.01
C7 NAG M . 43.56 1.61 17.85
C8 NAG M . 44.51 1.34 16.72
N2 NAG M . 42.29 1.83 17.49
O3 NAG M . 42.14 4.14 15.78
O4 NAG M . 39.64 4.26 14.33
O5 NAG M . 40.33 0.70 14.66
O6 NAG M . 39.36 2.52 12.01
O7 NAG M . 43.93 1.64 19.01
C1 NAG M . 40.19 5.18 13.36
C2 NAG M . 39.05 6.12 13.13
C3 NAG M . 39.43 7.12 12.05
C4 NAG M . 40.70 7.85 12.45
C5 NAG M . 41.79 6.85 12.81
C6 NAG M . 43.04 7.49 13.38
C7 NAG M . 36.75 5.41 13.53
C8 NAG M . 35.60 4.62 13.03
N2 NAG M . 37.84 5.41 12.76
O3 NAG M . 38.34 8.03 11.90
O4 NAG M . 41.16 8.62 11.33
O5 NAG M . 41.32 5.91 13.80
O6 NAG M . 42.77 8.20 14.58
O7 NAG M . 36.72 6.04 14.59
C1 MAN M . 41.17 10.05 11.53
C2 MAN M . 39.81 10.52 12.12
C3 MAN M . 39.26 11.68 11.35
C4 MAN M . 40.42 12.68 11.20
C5 MAN M . 41.43 12.05 10.24
C6 MAN M . 42.81 12.44 10.58
O2 MAN M . 40.00 11.00 13.42
O3 MAN M . 38.08 12.20 11.99
O4 MAN M . 40.06 13.93 10.67
O5 MAN M . 41.38 10.61 10.28
O6 MAN M . 43.18 13.46 9.71
C1 MAN M . 37.31 12.88 10.97
C2 MAN M . 36.26 13.93 11.57
C3 MAN M . 35.75 14.77 10.40
C4 MAN M . 36.26 14.11 9.10
C5 MAN M . 35.83 12.64 9.11
C6 MAN M . 36.13 11.98 7.80
O2 MAN M . 36.84 14.91 12.42
O3 MAN M . 36.17 16.11 10.51
O4 MAN M . 35.79 14.76 7.95
O5 MAN M . 36.58 11.96 10.13
O6 MAN M . 36.89 12.94 7.05
C1 MAN M . 44.46 13.01 9.24
C2 MAN M . 44.94 13.99 8.21
C3 MAN M . 46.20 13.40 7.75
C4 MAN M . 45.86 12.25 6.84
C5 MAN M . 45.03 11.18 7.58
C6 MAN M . 45.82 9.95 8.03
O2 MAN M . 45.29 15.24 8.80
O3 MAN M . 46.95 12.92 8.88
O4 MAN M . 45.09 12.74 5.77
O5 MAN M . 44.27 11.69 8.74
O6 MAN M . 46.30 10.19 9.34
C1 FUC M . 40.35 1.99 11.11
C2 FUC M . 39.70 1.14 9.98
C3 FUC M . 40.74 0.64 8.95
C4 FUC M . 41.92 1.63 8.76
C5 FUC M . 41.51 3.03 9.18
C6 FUC M . 42.65 4.04 9.06
O2 FUC M . 38.61 1.79 9.34
O3 FUC M . 41.29 -0.60 9.36
O4 FUC M . 43.04 1.21 9.53
O5 FUC M . 41.08 3.10 10.56
C1 NAG N . 46.75 -19.92 -0.57
C2 NAG N . 46.12 -18.56 -0.85
C3 NAG N . 46.83 -17.85 -2.00
C4 NAG N . 48.33 -17.83 -1.79
C5 NAG N . 48.81 -19.24 -1.54
C6 NAG N . 50.29 -19.34 -1.24
C7 NAG N . 43.76 -18.56 -0.20
C8 NAG N . 42.35 -18.69 -0.68
N2 NAG N . 44.70 -18.68 -1.14
O3 NAG N . 46.35 -16.51 -2.07
O4 NAG N . 48.94 -17.23 -2.94
O5 NAG N . 48.13 -19.77 -0.39
O6 NAG N . 50.64 -18.50 -0.15
O7 NAG N . 44.03 -18.38 0.98
C1 NAG N . 49.94 -16.24 -2.58
C2 NAG N . 50.57 -15.78 -3.89
C3 NAG N . 51.75 -14.88 -3.57
C4 NAG N . 51.25 -13.67 -2.80
C5 NAG N . 50.40 -14.07 -1.58
C6 NAG N . 49.60 -12.90 -1.05
C7 NAG N . 51.78 -17.87 -4.41
C8 NAG N . 51.98 -18.94 -5.44
N2 NAG N . 50.94 -16.90 -4.74
O3 NAG N . 52.40 -14.44 -4.76
O4 NAG N . 52.34 -12.86 -2.39
O5 NAG N . 49.43 -15.09 -1.89
O6 NAG N . 48.72 -12.40 -2.04
O7 NAG N . 52.39 -17.88 -3.34
C1 NAG O . -42.22 1.79 -3.05
C2 NAG O . -42.45 3.23 -2.58
C3 NAG O . -43.89 3.40 -2.07
C4 NAG O . -44.88 2.93 -3.12
C5 NAG O . -44.57 1.49 -3.51
C6 NAG O . -45.44 0.95 -4.62
C7 NAG O . -40.59 4.56 -1.71
C8 NAG O . -39.71 4.85 -0.53
N2 NAG O . -41.51 3.62 -1.54
O3 NAG O . -44.09 4.79 -1.78
O4 NAG O . -46.19 3.06 -2.57
O5 NAG O . -43.23 1.42 -3.99
O6 NAG O . -45.23 1.69 -5.81
O7 NAG O . -40.45 5.16 -2.78
C1 NAG O . -47.10 3.67 -3.52
C2 NAG O . -48.45 3.74 -2.82
C3 NAG O . -49.54 4.29 -3.75
C4 NAG O . -49.06 5.61 -4.35
C5 NAG O . -47.67 5.47 -4.97
C6 NAG O . -47.10 6.76 -5.52
C7 NAG O . -49.07 1.28 -2.67
C8 NAG O . -48.98 1.13 -4.16
N2 NAG O . -48.84 2.50 -2.14
O3 NAG O . -50.76 4.49 -3.05
O4 NAG O . -49.98 6.06 -5.34
O5 NAG O . -46.73 4.98 -4.00
O6 NAG O . -46.15 6.51 -6.54
O7 NAG O . -49.38 0.33 -1.94
C1 FUC O . -45.21 0.82 -6.96
C2 FUC O . -46.20 1.43 -7.98
C3 FUC O . -45.61 2.58 -8.84
C4 FUC O . -44.13 2.40 -9.15
C5 FUC O . -43.39 1.96 -7.92
C6 FUC O . -41.95 1.67 -8.19
O2 FUC O . -47.39 1.88 -7.33
O3 FUC O . -46.30 2.64 -10.10
O4 FUC O . -43.98 1.42 -10.15
O5 FUC O . -43.92 0.73 -7.46
C1 NAG P . -17.07 -14.23 3.72
C2 NAG P . -16.03 -14.29 4.85
C3 NAG P . -15.09 -13.08 4.79
C4 NAG P . -14.67 -12.82 3.35
C5 NAG P . -15.70 -13.09 2.27
C6 NAG P . -15.06 -13.25 0.91
C7 NAG P . -17.59 -13.88 6.82
C8 NAG P . -18.14 -12.63 6.19
N2 NAG P . -16.59 -14.53 6.18
O3 NAG P . -13.91 -13.31 5.60
O4 NAG P . -14.26 -11.46 3.19
O5 NAG P . -16.43 -14.30 2.51
O6 NAG P . -13.85 -13.98 0.99
O7 NAG P . -17.99 -14.27 7.92
C1 NAG P . -12.76 -12.32 5.54
C2 NAG P . -11.58 -12.54 6.54
C3 NAG P . -10.46 -11.49 6.29
C4 NAG P . -10.10 -11.39 4.81
C5 NAG P . -11.35 -11.16 3.98
C6 NAG P . -11.09 -11.07 2.49
C7 NAG P . -12.47 -13.56 8.59
C8 NAG P . -12.89 -13.33 10.00
N2 NAG P . -12.02 -12.48 7.92
O3 NAG P . -9.29 -11.76 7.07
O4 NAG P . -9.25 -10.28 4.54
O5 NAG P . -12.24 -12.26 4.19
O6 NAG P . -12.09 -10.30 1.84
O7 NAG P . -12.54 -14.67 8.06
C1 MAN P . -8.70 -10.50 7.58
C2 MAN P . -7.36 -10.21 6.77
C3 MAN P . -6.13 -10.78 7.41
C4 MAN P . -6.05 -10.36 8.87
C5 MAN P . -7.22 -10.95 9.61
C6 MAN P . -7.15 -10.58 11.09
O2 MAN P . -7.14 -8.81 6.67
O3 MAN P . -4.96 -10.34 6.72
O4 MAN P . -4.89 -10.88 9.46
O5 MAN P . -8.48 -10.46 9.05
O6 MAN P . -6.82 -11.76 11.84
C1 NAG Q . -43.87 -20.88 -16.23
C2 NAG Q . -45.33 -21.12 -16.67
C3 NAG Q . -45.86 -22.56 -16.46
C4 NAG Q . -45.05 -23.45 -15.51
C5 NAG Q . -43.79 -22.79 -14.99
C6 NAG Q . -42.67 -23.76 -14.65
C7 NAG Q . -46.77 -19.86 -14.97
C8 NAG Q . -46.29 -20.74 -13.84
N2 NAG Q . -46.28 -20.10 -16.20
O3 NAG Q . -45.98 -23.19 -17.73
O4 NAG Q . -45.86 -23.83 -14.41
O5 NAG Q . -43.27 -22.01 -16.04
O6 NAG Q . -42.86 -24.48 -13.45
O7 NAG Q . -47.58 -18.96 -14.75
C1 FUC Q . -41.80 -25.46 -13.42
C2 FUC Q . -42.22 -26.72 -14.32
C3 FUC Q . -41.08 -27.22 -15.22
C4 FUC Q . -39.75 -27.16 -14.49
C5 FUC Q . -39.40 -25.70 -14.16
C6 FUC Q . -38.37 -25.55 -13.05
O2 FUC Q . -43.41 -26.53 -15.11
O3 FUC Q . -41.32 -28.58 -15.58
O4 FUC Q . -39.80 -27.93 -13.30
O5 FUC Q . -40.58 -24.86 -13.82
C1 NAG R . -42.61 -13.18 -29.51
C2 NAG R . -44.09 -12.85 -29.63
C3 NAG R . -44.58 -13.13 -31.04
C4 NAG R . -43.71 -12.40 -32.05
C5 NAG R . -42.23 -12.70 -31.81
C6 NAG R . -41.29 -11.89 -32.65
C7 NAG R . -45.74 -13.05 -27.84
C8 NAG R . -46.46 -13.97 -26.90
N2 NAG R . -44.86 -13.61 -28.65
O3 NAG R . -45.92 -12.70 -31.18
O4 NAG R . -44.06 -12.85 -33.35
O5 NAG R . -41.89 -12.43 -30.44
O6 NAG R . -41.42 -10.50 -32.35
O7 NAG R . -45.98 -11.85 -27.85
C1 NAG R . -44.45 -11.77 -34.24
C2 NAG R . -44.96 -12.49 -35.48
C3 NAG R . -46.19 -11.80 -36.05
C4 NAG R . -46.03 -10.28 -36.01
C5 NAG R . -45.73 -9.80 -34.59
C6 NAG R . -46.87 -9.03 -33.97
C7 NAG R . -43.04 -13.59 -36.51
C8 NAG R . -41.99 -13.52 -37.57
N2 NAG R . -43.90 -12.57 -36.47
O3 NAG R . -47.32 -12.17 -35.29
O4 NAG R . -44.98 -9.89 -36.88
O5 NAG R . -45.46 -10.92 -33.73
O6 NAG R . -48.02 -9.86 -33.82
O7 NAG R . -43.11 -14.53 -35.72
C1 NAG S . -17.26 11.31 -29.17
C2 NAG S . -18.57 11.82 -28.55
C3 NAG S . -18.66 13.32 -28.84
C4 NAG S . -17.45 14.04 -28.24
C5 NAG S . -16.19 13.45 -28.86
C6 NAG S . -14.91 14.00 -28.28
C7 NAG S . -20.28 11.21 -30.24
C8 NAG S . -21.53 10.42 -30.47
N2 NAG S . -19.76 11.12 -29.01
O3 NAG S . -19.91 13.93 -28.47
O4 NAG S . -17.51 15.43 -28.51
O5 NAG S . -16.15 12.04 -28.64
O6 NAG S . -13.85 13.08 -28.53
O7 NAG S . -19.77 11.87 -31.13
C1 NAG S . -20.34 14.78 -29.59
C2 NAG S . -21.73 15.36 -29.26
C3 NAG S . -22.17 16.34 -30.35
C4 NAG S . -21.11 17.39 -30.64
C5 NAG S . -19.79 16.68 -30.98
C6 NAG S . -18.65 17.65 -31.24
C7 NAG S . -23.92 14.45 -28.61
C8 NAG S . -24.77 13.22 -28.58
N2 NAG S . -22.70 14.29 -29.13
O3 NAG S . -23.37 16.99 -29.95
O4 NAG S . -21.52 18.20 -31.72
O5 NAG S . -19.41 15.86 -29.87
O6 NAG S . -18.66 18.76 -30.35
O7 NAG S . -24.31 15.53 -28.19
C1 NAG T . -20.64 -11.26 -42.84
C2 NAG T . -21.58 -10.11 -42.55
C3 NAG T . -22.32 -9.71 -43.81
C4 NAG T . -21.30 -9.34 -44.88
C5 NAG T . -20.36 -10.53 -45.09
C6 NAG T . -19.23 -10.24 -46.06
C7 NAG T . -22.32 -10.14 -40.21
C8 NAG T . -23.39 -10.54 -39.26
N2 NAG T . -22.53 -10.45 -41.49
O3 NAG T . -23.18 -8.64 -43.51
O4 NAG T . -21.94 -8.99 -46.10
O5 NAG T . -19.73 -10.87 -43.85
O6 NAG T . -19.22 -8.89 -46.48
O7 NAG T . -21.30 -9.56 -39.85
C1 NAG T . -21.99 -7.54 -46.10
C2 NAG T . -22.51 -7.05 -47.44
C3 NAG T . -22.61 -5.52 -47.42
C4 NAG T . -23.39 -5.04 -46.20
C5 NAG T . -22.88 -5.69 -44.91
C6 NAG T . -23.76 -5.41 -43.73
C7 NAG T . -21.86 -8.64 -49.20
C8 NAG T . -23.09 -9.42 -48.84
N2 NAG T . -21.65 -7.51 -48.51
O3 NAG T . -23.30 -5.08 -48.59
O4 NAG T . -23.27 -3.64 -46.04
O5 NAG T . -22.85 -7.11 -45.06
O6 NAG T . -25.12 -5.34 -44.12
O7 NAG T . -21.09 -9.02 -50.08
C1 MAN T . -22.49 -4.21 -49.41
C2 MAN T . -22.36 -2.78 -48.75
C3 MAN T . -23.58 -1.88 -49.05
C4 MAN T . -23.98 -1.95 -50.53
C5 MAN T . -24.25 -3.42 -50.90
C6 MAN T . -24.71 -3.60 -52.33
O2 MAN T . -21.23 -2.05 -49.23
O3 MAN T . -23.35 -0.52 -48.68
O4 MAN T . -25.13 -1.17 -50.75
O5 MAN T . -23.03 -4.16 -50.74
O6 MAN T . -23.71 -4.33 -53.02
C1 NAG U . -2.57 31.78 1.04
C2 NAG U . -3.12 33.12 1.54
C3 NAG U . -4.43 32.93 2.28
C4 NAG U . -5.42 32.12 1.46
C5 NAG U . -4.77 30.81 1.02
C6 NAG U . -5.65 29.97 0.13
C7 NAG U . -1.57 34.95 2.06
C8 NAG U . -0.61 35.51 3.06
N2 NAG U . -2.15 33.79 2.39
O3 NAG U . -4.98 34.21 2.53
O4 NAG U . -6.56 31.86 2.28
O5 NAG U . -3.57 31.10 0.30
O6 NAG U . -5.05 29.65 -1.11
O7 NAG U . -1.82 35.52 1.00
C1 NAG U . -7.80 32.06 1.56
C2 NAG U . -8.95 31.57 2.44
C3 NAG U . -10.29 31.82 1.75
C4 NAG U . -10.40 33.28 1.30
C5 NAG U . -9.17 33.64 0.46
C6 NAG U . -9.15 35.09 0.03
C7 NAG U . -8.08 29.69 3.76
C8 NAG U . -8.01 28.20 3.90
N2 NAG U . -8.79 30.15 2.73
O3 NAG U . -11.35 31.51 2.65
O4 NAG U . -11.58 33.47 0.53
O5 NAG U . -7.99 33.43 1.24
O6 NAG U . -7.81 35.56 -0.04
O7 NAG U . -7.52 30.45 4.54
C1 FUC U . -5.55 30.55 -2.10
C2 FUC U . -4.42 30.65 -3.13
C3 FUC U . -4.74 29.91 -4.41
C4 FUC U . -6.14 30.23 -5.00
C5 FUC U . -7.15 30.56 -3.91
C6 FUC U . -7.45 32.05 -3.76
O2 FUC U . -3.24 30.13 -2.61
O3 FUC U . -3.79 30.30 -5.38
O4 FUC U . -6.08 31.27 -5.95
O5 FUC U . -6.73 30.03 -2.64
C1 NAG V . 0.30 8.27 -11.28
C2 NAG V . -1.09 8.61 -10.77
C3 NAG V . -1.38 7.85 -9.48
C4 NAG V . -1.13 6.36 -9.67
C5 NAG V . 0.27 6.14 -10.18
C6 NAG V . 0.59 4.70 -10.46
C7 NAG V . -1.70 10.85 -11.48
C8 NAG V . -1.78 12.30 -11.11
N2 NAG V . -1.21 10.03 -10.55
O3 NAG V . -2.73 8.11 -9.12
O4 NAG V . -1.20 5.64 -8.44
O5 NAG V . 0.45 6.86 -11.40
O6 NAG V . 1.93 4.49 -10.83
O7 NAG V . -2.09 10.43 -12.56
C1 NAG V . -2.52 5.25 -8.16
C2 NAG V . -2.49 3.92 -7.44
C3 NAG V . -3.85 3.58 -6.83
C4 NAG V . -4.47 4.76 -6.11
C5 NAG V . -4.35 6.03 -6.94
C6 NAG V . -4.74 7.28 -6.17
C7 NAG V . -0.96 2.15 -8.22
C8 NAG V . -0.06 2.55 -7.09
N2 NAG V . -2.09 2.86 -8.34
O3 NAG V . -3.64 2.51 -5.93
O4 NAG V . -5.87 4.56 -6.00
O5 NAG V . -2.99 6.22 -7.33
O6 NAG V . -4.90 8.40 -7.02
O7 NAG V . -0.68 1.25 -8.99
C1 MAN V . -6.32 3.55 -5.09
C2 MAN V . -7.77 4.04 -4.89
C3 MAN V . -8.19 4.00 -3.46
C4 MAN V . -7.66 2.74 -2.82
C5 MAN V . -6.11 2.76 -2.75
C6 MAN V . -5.42 1.38 -2.64
O2 MAN V . -8.67 3.16 -5.58
O3 MAN V . -9.59 3.95 -3.40
O4 MAN V . -8.18 2.66 -1.54
O5 MAN V . -5.54 3.49 -3.90
O6 MAN V . -6.37 0.31 -2.50
C1 MAN V . -10.14 5.06 -2.67
C2 MAN V . -11.64 4.70 -2.47
C3 MAN V . -12.40 4.85 -3.77
C4 MAN V . -12.19 6.22 -4.33
C5 MAN V . -10.71 6.43 -4.61
C6 MAN V . -10.42 7.81 -5.14
O2 MAN V . -12.26 5.59 -1.57
O3 MAN V . -13.78 4.66 -3.60
O4 MAN V . -12.89 6.33 -5.54
O5 MAN V . -9.97 6.28 -3.36
O6 MAN V . -9.07 7.85 -5.50
C1 FUC V . 2.70 4.13 -9.68
C2 FUC V . 3.84 3.20 -10.13
C3 FUC V . 4.93 3.94 -10.94
C4 FUC V . 5.18 5.38 -10.46
C5 FUC V . 3.88 6.05 -10.11
C6 FUC V . 4.07 7.42 -9.52
O2 FUC V . 3.33 2.11 -10.89
O3 FUC V . 6.16 3.27 -10.79
O4 FUC V . 6.00 5.35 -9.31
O5 FUC V . 3.20 5.28 -9.16
C1 NAG W . -4.27 16.41 -24.46
C2 NAG W . -5.77 16.30 -24.31
C3 NAG W . -6.40 15.88 -25.64
C4 NAG W . -5.92 16.77 -26.78
C5 NAG W . -4.40 16.87 -26.76
C6 NAG W . -3.84 17.85 -27.75
C7 NAG W . -6.71 15.63 -22.15
C8 NAG W . -6.96 14.50 -21.20
N2 NAG W . -6.09 15.32 -23.29
O3 NAG W . -7.81 15.97 -25.51
O4 NAG W . -6.32 16.15 -28.00
O5 NAG W . -3.96 17.31 -25.47
O6 NAG W . -4.65 19.02 -27.79
O7 NAG W . -7.05 16.78 -21.89
C1 NAG W . -7.11 17.01 -28.83
C2 NAG W . -7.20 16.35 -30.20
C3 NAG W . -8.11 17.14 -31.12
C4 NAG W . -9.47 17.32 -30.47
C5 NAG W . -9.32 17.94 -29.09
C6 NAG W . -10.62 17.97 -28.31
C7 NAG W . -5.23 15.03 -30.81
C8 NAG W . -3.87 15.04 -31.43
N2 NAG W . -5.88 16.20 -30.78
O3 NAG W . -8.24 16.45 -32.35
O4 NAG W . -10.30 18.14 -31.29
O5 NAG W . -8.40 17.16 -28.30
O6 NAG W . -10.58 17.04 -27.23
O7 NAG W . -5.73 14.01 -30.35
C1 NAG X . 13.18 46.34 -28.70
C2 NAG X . 13.33 47.79 -29.22
C3 NAG X . 12.10 48.64 -28.88
C4 NAG X . 10.76 47.92 -28.99
C5 NAG X . 10.86 46.53 -28.39
C6 NAG X . 9.60 45.70 -28.56
C7 NAG X . 15.75 48.37 -29.06
C8 NAG X . 16.02 47.59 -30.32
N2 NAG X . 14.49 48.41 -28.62
O3 NAG X . 12.11 49.75 -29.75
O4 NAG X . 9.83 48.68 -28.22
O5 NAG X . 11.92 45.83 -29.04
O6 NAG X . 9.42 45.23 -29.89
O7 NAG X . 16.66 48.94 -28.46
C1 NAG X . 8.64 49.06 -28.94
C2 NAG X . 7.60 49.48 -27.92
C3 NAG X . 6.31 49.84 -28.64
C4 NAG X . 6.57 50.92 -29.69
C5 NAG X . 7.73 50.53 -30.59
C6 NAG X . 8.17 51.67 -31.48
C7 NAG X . 7.94 48.44 -25.73
C8 NAG X . 7.56 47.31 -24.83
N2 NAG X . 7.36 48.44 -26.94
O3 NAG X . 5.37 50.29 -27.69
O4 NAG X . 5.45 51.06 -30.56
O5 NAG X . 8.88 50.14 -29.83
O6 NAG X . 8.91 52.62 -30.72
O7 NAG X . 8.74 49.30 -25.39
C1 MAN X . 4.29 51.68 -29.97
C2 MAN X . 3.55 52.32 -31.15
C3 MAN X . 3.05 53.66 -30.81
C4 MAN X . 2.51 53.67 -29.38
C5 MAN X . 3.63 53.36 -28.40
C6 MAN X . 3.19 52.53 -27.24
O2 MAN X . 2.37 51.63 -31.36
O3 MAN X . 2.00 54.01 -31.70
O4 MAN X . 2.04 54.93 -29.08
O5 MAN X . 4.68 52.61 -29.04
O6 MAN X . 2.05 53.11 -26.72
C1 MAN X . 2.49 54.52 -32.95
C2 MAN X . 1.52 55.61 -33.50
C3 MAN X . 0.20 54.97 -33.83
C4 MAN X . 0.45 54.00 -34.93
C5 MAN X . 1.41 52.91 -34.45
C6 MAN X . 1.92 52.10 -35.59
O2 MAN X . 1.99 56.11 -34.77
O3 MAN X . -0.77 55.91 -34.28
O4 MAN X . -0.77 53.43 -35.32
O5 MAN X . 2.63 53.48 -33.89
O6 MAN X . 3.21 52.62 -35.83
C1 MAN X . 1.34 52.17 -25.92
C2 MAN X . -0.03 52.10 -26.55
C3 MAN X . -0.64 53.51 -26.55
C4 MAN X . -0.46 54.23 -25.18
C5 MAN X . 0.99 54.10 -24.77
C6 MAN X . 1.34 54.84 -23.46
O2 MAN X . -0.92 51.26 -25.82
O3 MAN X . -2.01 53.48 -26.94
O4 MAN X . -0.80 55.61 -25.27
O5 MAN X . 1.28 52.69 -24.67
O6 MAN X . 2.53 55.63 -23.69
C1 NAG Y . 12.75 23.33 -42.65
C2 NAG Y . 11.56 24.16 -42.17
C3 NAG Y . 10.54 24.33 -43.27
C4 NAG Y . 11.19 24.85 -44.53
C5 NAG Y . 12.36 23.95 -44.90
C6 NAG Y . 13.13 24.44 -46.10
C7 NAG Y . 11.39 23.79 -39.76
C8 NAG Y . 10.62 23.12 -38.65
N2 NAG Y . 10.95 23.56 -40.99
O3 NAG Y . 9.54 25.24 -42.83
O4 NAG Y . 10.26 24.84 -45.61
O5 NAG Y . 13.28 23.90 -43.81
O6 NAG Y . 13.27 25.84 -46.05
O7 NAG Y . 12.35 24.50 -39.53
C1 NAG Y . 10.08 26.15 -46.18
C2 NAG Y . 9.25 25.87 -47.43
C3 NAG Y . 8.89 27.18 -48.14
C4 NAG Y . 8.25 28.16 -47.16
C5 NAG Y . 9.17 28.34 -45.97
C6 NAG Y . 8.60 29.25 -44.90
C7 NAG Y . 9.72 23.71 -48.49
C8 NAG Y . 8.56 23.17 -47.71
N2 NAG Y . 9.99 25.01 -48.33
O3 NAG Y . 7.97 26.92 -49.20
O4 NAG Y . 7.98 29.40 -47.78
O5 NAG Y . 9.40 27.07 -45.35
O6 NAG Y . 7.68 28.57 -44.07
O7 NAG Y . 10.37 22.99 -49.24
CA1 0TR Z . -24.24 11.13 24.67
OA1 0TR Z . -23.01 10.55 25.06
CA2 0TR Z . -24.86 10.44 23.66
OA2 0TR Z . -24.12 9.35 23.31
CA3 0TR Z . -26.05 10.67 22.99
CB3 0TR Z . -26.94 11.69 23.20
CA5 0TR Z . -25.85 12.97 25.04
CA6 0TR Z . -24.68 12.27 25.30
CAE 0TR Z . -26.84 12.72 24.12
ZN ZN AA . -21.93 9.16 24.80
ZN ZN BA . -24.21 6.96 25.26
CA1 0TR CA . 35.42 -16.00 7.57
OA1 0TR CA . 34.03 -16.08 7.63
CA2 0TR CA . 35.98 -15.66 8.75
OA2 0TR CA . 35.01 -15.49 9.74
CA3 0TR CA . 37.32 -15.47 9.08
CB3 0TR CA . 38.45 -15.59 8.27
CA5 0TR CA . 37.43 -16.23 6.10
CA6 0TR CA . 36.07 -16.26 6.38
CAE 0TR CA . 38.50 -15.93 6.93
ZN ZN DA . 32.71 -15.85 8.98
ZN ZN EA . 34.10 -18.01 10.83
CA1 0TR FA . -21.43 -7.59 -29.07
OA1 0TR FA . -22.22 -7.93 -27.95
CA2 0TR FA . -20.25 -7.06 -28.63
OA2 0TR FA . -20.24 -7.07 -27.23
CA3 0TR FA . -19.17 -6.56 -29.36
CB3 0TR FA . -19.00 -6.47 -30.75
CA5 0TR FA . -21.17 -7.44 -31.55
CA6 0TR FA . -21.85 -7.78 -30.38
CAE 0TR FA . -19.90 -6.87 -31.72
ZN ZN GA . -19.00 -9.10 -26.06
ZN ZN HA . -21.77 -7.73 -26.09
CA1 0TR IA . 14.27 27.38 -28.63
OA1 0TR IA . 14.05 27.01 -27.28
CA2 0TR IA . 15.22 28.34 -28.84
OA2 0TR IA . 15.81 28.74 -27.66
CA3 0TR IA . 15.67 28.96 -29.98
CB3 0TR IA . 15.29 28.74 -31.30
CA5 0TR IA . 13.57 26.99 -30.99
CA6 0TR IA . 13.53 26.77 -29.62
CAE 0TR IA . 14.34 27.86 -31.74
ZN ZN JA . 14.55 27.12 -25.58
ZN ZN KA . 17.54 26.50 -26.45
#